data_7H3Y
# 
_entry.id   7H3Y 
# 
_audit_conform.dict_name       mmcif_pdbx.dic 
_audit_conform.dict_version    5.397 
_audit_conform.dict_location   http://mmcif.pdb.org/dictionaries/ascii/mmcif_pdbx.dic 
# 
loop_
_database_2.database_id 
_database_2.database_code 
_database_2.pdbx_database_accession 
_database_2.pdbx_DOI 
PDB   7H3Y         pdb_00007h3y 10.2210/pdb7h3y/pdb 
WWPDB D_1001406993 ?            ?                   
# 
loop_
_pdbx_audit_revision_history.ordinal 
_pdbx_audit_revision_history.data_content_type 
_pdbx_audit_revision_history.major_revision 
_pdbx_audit_revision_history.minor_revision 
_pdbx_audit_revision_history.revision_date 
1 'Structure model' 1 0 2024-04-24 
2 'Structure model' 1 1 2024-10-16 
# 
_pdbx_audit_revision_details.ordinal             1 
_pdbx_audit_revision_details.revision_ordinal    1 
_pdbx_audit_revision_details.data_content_type   'Structure model' 
_pdbx_audit_revision_details.provider            repository 
_pdbx_audit_revision_details.type                'Initial release' 
_pdbx_audit_revision_details.description         ? 
_pdbx_audit_revision_details.details             ? 
# 
loop_
_pdbx_audit_revision_group.ordinal 
_pdbx_audit_revision_group.revision_ordinal 
_pdbx_audit_revision_group.data_content_type 
_pdbx_audit_revision_group.group 
1 2 'Structure model' 'Database references' 
2 2 'Structure model' 'Structure summary'   
# 
loop_
_pdbx_audit_revision_category.ordinal 
_pdbx_audit_revision_category.revision_ordinal 
_pdbx_audit_revision_category.data_content_type 
_pdbx_audit_revision_category.category 
1 2 'Structure model' citation                  
2 2 'Structure model' citation_author           
3 2 'Structure model' pdbx_entry_details        
4 2 'Structure model' pdbx_modification_feature 
# 
loop_
_pdbx_audit_revision_item.ordinal 
_pdbx_audit_revision_item.revision_ordinal 
_pdbx_audit_revision_item.data_content_type 
_pdbx_audit_revision_item.item 
1 2 'Structure model' '_citation.country'                 
2 2 'Structure model' '_citation.journal_abbrev'          
3 2 'Structure model' '_citation.journal_id_CSD'          
4 2 'Structure model' '_citation.journal_id_ISSN'         
5 2 'Structure model' '_citation.pdbx_database_id_DOI'    
6 2 'Structure model' '_citation.pdbx_database_id_PubMed' 
7 2 'Structure model' '_citation.title'                   
8 2 'Structure model' '_citation.year'                    
# 
_pdbx_database_status.entry_id                        7H3Y 
_pdbx_database_status.status_code                     REL 
_pdbx_database_status.status_code_sf                  REL 
_pdbx_database_status.status_code_mr                  ? 
_pdbx_database_status.status_code_cs                  ? 
_pdbx_database_status.recvd_initial_deposition_date   2024-04-04 
_pdbx_database_status.status_code_nmr_data            ? 
_pdbx_database_status.deposit_site                    RCSB 
_pdbx_database_status.process_site                    RCSB 
_pdbx_database_status.SG_entry                        ? 
_pdbx_database_status.pdb_format_compatible           Y 
_pdbx_database_status.methods_development_category    ? 
# 
_pdbx_contact_author.id                 1 
_pdbx_contact_author.email              frank.von-delft@diamond.ac.uk 
_pdbx_contact_author.name_first         Frank 
_pdbx_contact_author.name_last          'von Delft' 
_pdbx_contact_author.role               'principal investigator/group leader' 
_pdbx_contact_author.identifier_ORCID   0000-0003-0378-0017 
_pdbx_contact_author.name_mi            ? 
# 
loop_
_audit_author.name 
_audit_author.pdbx_ordinal 
'Lithgo, R.M.'        1  
'Fairhead, M.'        2  
'Koekemoer, L.'       3  
'Balcomb, B.H.'       4  
'Capkin, E.'          5  
'Chandran, A.V.'      6  
'Golding, M.'         7  
'Godoy, A.S.'         8  
'Aschenbrenner, J.C.' 9  
'Marples, P.G.'       10 
'Ni, X.'              11 
'Thompson, W.'        12 
'Tomlinson, C.W.E.'   13 
'Wild, C.'            14 
'Winokan, M.'         15 
'Xavier, M.-A.E.'     16 
'Fearon, D.'          17 
'von Delft, F.'       18 
# 
_citation.id                        primary 
_citation.title                     
;Crystallographic Fragment Screen of Coxsackievirus A16 2A Protease identifies new opportunities for the development of broad-spectrum anti-enterovirals.
;
_citation.journal_abbrev            Biorxiv 
_citation.journal_volume            ? 
_citation.page_first                ? 
_citation.page_last                 ? 
_citation.year                      2024 
_citation.journal_id_ASTM           ? 
_citation.country                   US 
_citation.journal_id_ISSN           2692-8205 
_citation.journal_id_CSD            ? 
_citation.book_publisher            ? 
_citation.pdbx_database_id_PubMed   38746446 
_citation.pdbx_database_id_DOI      10.1101/2024.04.29.591684 
# 
loop_
_citation_author.citation_id 
_citation_author.name 
_citation_author.identifier_ORCID 
_citation_author.ordinal 
primary 'Lithgo, R.M.'        0000-0002-4706-9916 1  
primary 'Tomlinson, C.W.E.'   0000-0002-1845-6028 2  
primary 'Fairhead, M.'        0000-0001-5361-3933 3  
primary 'Winokan, M.'         ?                   4  
primary 'Thompson, W.'        0000-0003-1474-7810 5  
primary 'Wild, C.'            0000-0003-0654-8141 6  
primary 'Aschenbrenner, J.C.' 0000-0002-4318-0481 7  
primary 'Balcomb, B.H.'       0000-0001-7599-8467 8  
primary 'Marples, P.G.'       0000-0002-8787-7969 9  
primary 'Chandran, A.V.'      0000-0001-9942-2614 10 
primary 'Golding, M.'         0009-0004-7472-8333 11 
primary 'Koekemoer, L.'       0000-0001-9226-9127 12 
primary 'Williams, E.P.'      0000-0002-1331-9518 13 
primary 'Wang, S.'            ?                   14 
primary 'Ni, X.'              0000-0002-7769-8297 15 
primary 'MacLean, E.'         0000-0003-1680-4292 16 
primary 'Giroud, C.'          0000-0002-1629-1581 17 
primary 'Godoy, A.S.'         0000-0002-0613-9164 18 
primary 'Xavier, M.A.'        0000-0002-1709-9479 19 
primary 'Walsh, M.'           0000-0001-5683-1151 20 
primary 'Fearon, D.'          0000-0003-3529-7863 21 
primary 'von Delft, F.'       0000-0003-0378-0017 22 
# 
loop_
_entity.id 
_entity.type 
_entity.src_method 
_entity.pdbx_description 
_entity.formula_weight 
_entity.pdbx_number_of_molecules 
_entity.pdbx_ec 
_entity.pdbx_mutation 
_entity.pdbx_fragment 
_entity.details 
1 polymer     man 'Protease 2A'                                                  16493.311 1   3.4.22.29 ? ? ? 
2 non-polymer man '1-ethyl-N-[(4-fluorophenyl)methyl]-1H-pyrazole-4-carboxamide' 247.268   1   ?         ? ? ? 
3 non-polymer syn 'ZINC ION'                                                     65.409    1   ?         ? ? ? 
4 non-polymer syn 'DIMETHYL SULFOXIDE'                                           78.133    5   ?         ? ? ? 
5 non-polymer syn 'SULFATE ION'                                                  96.063    1   ?         ? ? ? 
6 water       nat water                                                          18.015    232 ?         ? ? ? 
# 
_entity_name_com.entity_id   1 
_entity_name_com.name        'P2A,Picornain 2A,Protein 2A' 
# 
_entity_poly.entity_id                      1 
_entity_poly.type                           'polypeptide(L)' 
_entity_poly.nstd_linkage                   no 
_entity_poly.nstd_monomer                   no 
_entity_poly.pdbx_seq_one_letter_code       
;QEQTGGSGAIYVGNYRVVNRHLATHNDWANLVWEDSSRDLLVSSTTAQGCDTIARCDCQTGVYYCSSRRKHYPVSFSKPS
LIFVEASEYYPARYQSHLMLAVGHSEPGDCGGILRCQHGVVGIVSTGGNGLVGFADVRDLLWLDEEAMEQ
;
_entity_poly.pdbx_seq_one_letter_code_can   
;QEQTGGSGAIYVGNYRVVNRHLATHNDWANLVWEDSSRDLLVSSTTAQGCDTIARCDCQTGVYYCSSRRKHYPVSFSKPS
LIFVEASEYYPARYQSHLMLAVGHSEPGDCGGILRCQHGVVGIVSTGGNGLVGFADVRDLLWLDEEAMEQ
;
_entity_poly.pdbx_strand_id                 A 
_entity_poly.pdbx_target_identifier         ? 
# 
loop_
_pdbx_entity_nonpoly.entity_id 
_pdbx_entity_nonpoly.name 
_pdbx_entity_nonpoly.comp_id 
2 '1-ethyl-N-[(4-fluorophenyl)methyl]-1H-pyrazole-4-carboxamide' JH1 
3 'ZINC ION'                                                     ZN  
4 'DIMETHYL SULFOXIDE'                                           DMS 
5 'SULFATE ION'                                                  SO4 
6 water                                                          HOH 
# 
loop_
_entity_poly_seq.entity_id 
_entity_poly_seq.num 
_entity_poly_seq.mon_id 
_entity_poly_seq.hetero 
1 1   GLN n 
1 2   GLU n 
1 3   GLN n 
1 4   THR n 
1 5   GLY n 
1 6   GLY n 
1 7   SER n 
1 8   GLY n 
1 9   ALA n 
1 10  ILE n 
1 11  TYR n 
1 12  VAL n 
1 13  GLY n 
1 14  ASN n 
1 15  TYR n 
1 16  ARG n 
1 17  VAL n 
1 18  VAL n 
1 19  ASN n 
1 20  ARG n 
1 21  HIS n 
1 22  LEU n 
1 23  ALA n 
1 24  THR n 
1 25  HIS n 
1 26  ASN n 
1 27  ASP n 
1 28  TRP n 
1 29  ALA n 
1 30  ASN n 
1 31  LEU n 
1 32  VAL n 
1 33  TRP n 
1 34  GLU n 
1 35  ASP n 
1 36  SER n 
1 37  SER n 
1 38  ARG n 
1 39  ASP n 
1 40  LEU n 
1 41  LEU n 
1 42  VAL n 
1 43  SER n 
1 44  SER n 
1 45  THR n 
1 46  THR n 
1 47  ALA n 
1 48  GLN n 
1 49  GLY n 
1 50  CYS n 
1 51  ASP n 
1 52  THR n 
1 53  ILE n 
1 54  ALA n 
1 55  ARG n 
1 56  CYS n 
1 57  ASP n 
1 58  CYS n 
1 59  GLN n 
1 60  THR n 
1 61  GLY n 
1 62  VAL n 
1 63  TYR n 
1 64  TYR n 
1 65  CYS n 
1 66  SER n 
1 67  SER n 
1 68  ARG n 
1 69  ARG n 
1 70  LYS n 
1 71  HIS n 
1 72  TYR n 
1 73  PRO n 
1 74  VAL n 
1 75  SER n 
1 76  PHE n 
1 77  SER n 
1 78  LYS n 
1 79  PRO n 
1 80  SER n 
1 81  LEU n 
1 82  ILE n 
1 83  PHE n 
1 84  VAL n 
1 85  GLU n 
1 86  ALA n 
1 87  SER n 
1 88  GLU n 
1 89  TYR n 
1 90  TYR n 
1 91  PRO n 
1 92  ALA n 
1 93  ARG n 
1 94  TYR n 
1 95  GLN n 
1 96  SER n 
1 97  HIS n 
1 98  LEU n 
1 99  MET n 
1 100 LEU n 
1 101 ALA n 
1 102 VAL n 
1 103 GLY n 
1 104 HIS n 
1 105 SER n 
1 106 GLU n 
1 107 PRO n 
1 108 GLY n 
1 109 ASP n 
1 110 CYS n 
1 111 GLY n 
1 112 GLY n 
1 113 ILE n 
1 114 LEU n 
1 115 ARG n 
1 116 CYS n 
1 117 GLN n 
1 118 HIS n 
1 119 GLY n 
1 120 VAL n 
1 121 VAL n 
1 122 GLY n 
1 123 ILE n 
1 124 VAL n 
1 125 SER n 
1 126 THR n 
1 127 GLY n 
1 128 GLY n 
1 129 ASN n 
1 130 GLY n 
1 131 LEU n 
1 132 VAL n 
1 133 GLY n 
1 134 PHE n 
1 135 ALA n 
1 136 ASP n 
1 137 VAL n 
1 138 ARG n 
1 139 ASP n 
1 140 LEU n 
1 141 LEU n 
1 142 TRP n 
1 143 LEU n 
1 144 ASP n 
1 145 GLU n 
1 146 GLU n 
1 147 ALA n 
1 148 MET n 
1 149 GLU n 
1 150 GLN n 
# 
loop_
_entity_src_gen.entity_id 
_entity_src_gen.pdbx_src_id 
_entity_src_gen.pdbx_alt_source_flag 
_entity_src_gen.pdbx_seq_type 
_entity_src_gen.pdbx_beg_seq_num 
_entity_src_gen.pdbx_end_seq_num 
_entity_src_gen.gene_src_common_name 
_entity_src_gen.gene_src_genus 
_entity_src_gen.pdbx_gene_src_gene 
_entity_src_gen.gene_src_species 
_entity_src_gen.gene_src_strain 
_entity_src_gen.gene_src_tissue 
_entity_src_gen.gene_src_tissue_fraction 
_entity_src_gen.gene_src_details 
_entity_src_gen.pdbx_gene_src_fragment 
_entity_src_gen.pdbx_gene_src_scientific_name 
_entity_src_gen.pdbx_gene_src_ncbi_taxonomy_id 
_entity_src_gen.pdbx_gene_src_variant 
_entity_src_gen.pdbx_gene_src_cell_line 
_entity_src_gen.pdbx_gene_src_atcc 
_entity_src_gen.pdbx_gene_src_organ 
_entity_src_gen.pdbx_gene_src_organelle 
_entity_src_gen.pdbx_gene_src_cell 
_entity_src_gen.pdbx_gene_src_cellular_location 
_entity_src_gen.host_org_common_name 
_entity_src_gen.pdbx_host_org_scientific_name 
_entity_src_gen.pdbx_host_org_ncbi_taxonomy_id 
_entity_src_gen.host_org_genus 
_entity_src_gen.pdbx_host_org_gene 
_entity_src_gen.pdbx_host_org_organ 
_entity_src_gen.host_org_species 
_entity_src_gen.pdbx_host_org_tissue 
_entity_src_gen.pdbx_host_org_tissue_fraction 
_entity_src_gen.pdbx_host_org_strain 
_entity_src_gen.pdbx_host_org_variant 
_entity_src_gen.pdbx_host_org_cell_line 
_entity_src_gen.pdbx_host_org_atcc 
_entity_src_gen.pdbx_host_org_culture_collection 
_entity_src_gen.pdbx_host_org_cell 
_entity_src_gen.pdbx_host_org_organelle 
_entity_src_gen.pdbx_host_org_cellular_location 
_entity_src_gen.pdbx_host_org_vector_type 
_entity_src_gen.pdbx_host_org_vector 
_entity_src_gen.host_org_details 
_entity_src_gen.expression_system_id 
_entity_src_gen.plasmid_name 
_entity_src_gen.plasmid_details 
_entity_src_gen.pdbx_description 
1 1 sample 'Biological sequence' 1 150 ? ? ? ? ? ? ? ? ? 'Coxsackievirus A16' 31704 ? ? ? ? ? ? ? ? 'Escherichia coli' 562 ? ? ? ? 
? ? ? ? ? ? ? ? ? ? ? ? ? ? ? ? ? 
2 1 sample ?                     ? ?   ? ? ? ? ? ? ? ? ? 'Coxsackievirus A16' 31704 ? ? ? ? ? ? ? ? 'Escherichia coli' 562 ? ? ? ? 
? ? ? ? ? ? ? ? ? ? ? ? ? ? ? ? ? 
# 
loop_
_chem_comp.id 
_chem_comp.type 
_chem_comp.mon_nstd_flag 
_chem_comp.name 
_chem_comp.pdbx_synonyms 
_chem_comp.formula 
_chem_comp.formula_weight 
ALA 'L-peptide linking' y ALANINE                                                        ? 'C3 H7 N O2'     89.093  
ARG 'L-peptide linking' y ARGININE                                                       ? 'C6 H15 N4 O2 1' 175.209 
ASN 'L-peptide linking' y ASPARAGINE                                                     ? 'C4 H8 N2 O3'    132.118 
ASP 'L-peptide linking' y 'ASPARTIC ACID'                                                ? 'C4 H7 N O4'     133.103 
CYS 'L-peptide linking' y CYSTEINE                                                       ? 'C3 H7 N O2 S'   121.158 
DMS non-polymer         . 'DIMETHYL SULFOXIDE'                                           ? 'C2 H6 O S'      78.133  
GLN 'L-peptide linking' y GLUTAMINE                                                      ? 'C5 H10 N2 O3'   146.144 
GLU 'L-peptide linking' y 'GLUTAMIC ACID'                                                ? 'C5 H9 N O4'     147.129 
GLY 'peptide linking'   y GLYCINE                                                        ? 'C2 H5 N O2'     75.067  
HIS 'L-peptide linking' y HISTIDINE                                                      ? 'C6 H10 N3 O2 1' 156.162 
HOH non-polymer         . WATER                                                          ? 'H2 O'           18.015  
ILE 'L-peptide linking' y ISOLEUCINE                                                     ? 'C6 H13 N O2'    131.173 
JH1 non-polymer         . '1-ethyl-N-[(4-fluorophenyl)methyl]-1H-pyrazole-4-carboxamide' ? 'C13 H14 F N3 O' 247.268 
LEU 'L-peptide linking' y LEUCINE                                                        ? 'C6 H13 N O2'    131.173 
LYS 'L-peptide linking' y LYSINE                                                         ? 'C6 H15 N2 O2 1' 147.195 
MET 'L-peptide linking' y METHIONINE                                                     ? 'C5 H11 N O2 S'  149.211 
PHE 'L-peptide linking' y PHENYLALANINE                                                  ? 'C9 H11 N O2'    165.189 
PRO 'L-peptide linking' y PROLINE                                                        ? 'C5 H9 N O2'     115.130 
SER 'L-peptide linking' y SERINE                                                         ? 'C3 H7 N O3'     105.093 
SO4 non-polymer         . 'SULFATE ION'                                                  ? 'O4 S -2'        96.063  
THR 'L-peptide linking' y THREONINE                                                      ? 'C4 H9 N O3'     119.119 
TRP 'L-peptide linking' y TRYPTOPHAN                                                     ? 'C11 H12 N2 O2'  204.225 
TYR 'L-peptide linking' y TYROSINE                                                       ? 'C9 H11 N O3'    181.189 
VAL 'L-peptide linking' y VALINE                                                         ? 'C5 H11 N O2'    117.146 
ZN  non-polymer         . 'ZINC ION'                                                     ? 'Zn 2'           65.409  
# 
loop_
_pdbx_poly_seq_scheme.asym_id 
_pdbx_poly_seq_scheme.entity_id 
_pdbx_poly_seq_scheme.seq_id 
_pdbx_poly_seq_scheme.mon_id 
_pdbx_poly_seq_scheme.ndb_seq_num 
_pdbx_poly_seq_scheme.pdb_seq_num 
_pdbx_poly_seq_scheme.auth_seq_num 
_pdbx_poly_seq_scheme.pdb_mon_id 
_pdbx_poly_seq_scheme.auth_mon_id 
_pdbx_poly_seq_scheme.pdb_strand_id 
_pdbx_poly_seq_scheme.pdb_ins_code 
_pdbx_poly_seq_scheme.hetero 
A 1 1   GLN 1   1   ?   ?   ?   A . n 
A 1 2   GLU 2   2   ?   ?   ?   A . n 
A 1 3   GLN 3   3   ?   ?   ?   A . n 
A 1 4   THR 4   4   ?   ?   ?   A . n 
A 1 5   GLY 5   5   ?   ?   ?   A . n 
A 1 6   GLY 6   6   ?   ?   ?   A . n 
A 1 7   SER 7   7   7   SER SER A . n 
A 1 8   GLY 8   8   8   GLY GLY A . n 
A 1 9   ALA 9   9   9   ALA ALA A . n 
A 1 10  ILE 10  10  10  ILE ILE A . n 
A 1 11  TYR 11  11  11  TYR TYR A . n 
A 1 12  VAL 12  12  12  VAL VAL A . n 
A 1 13  GLY 13  13  13  GLY GLY A . n 
A 1 14  ASN 14  14  14  ASN ASN A . n 
A 1 15  TYR 15  15  15  TYR TYR A . n 
A 1 16  ARG 16  16  16  ARG ARG A . n 
A 1 17  VAL 17  17  17  VAL VAL A . n 
A 1 18  VAL 18  18  18  VAL VAL A . n 
A 1 19  ASN 19  19  19  ASN ASN A . n 
A 1 20  ARG 20  20  20  ARG ARG A . n 
A 1 21  HIS 21  21  21  HIS HIS A . n 
A 1 22  LEU 22  22  22  LEU LEU A . n 
A 1 23  ALA 23  23  23  ALA ALA A . n 
A 1 24  THR 24  24  24  THR THR A . n 
A 1 25  HIS 25  25  25  HIS HIS A . n 
A 1 26  ASN 26  26  26  ASN ASN A . n 
A 1 27  ASP 27  27  27  ASP ASP A . n 
A 1 28  TRP 28  28  28  TRP TRP A . n 
A 1 29  ALA 29  29  29  ALA ALA A . n 
A 1 30  ASN 30  30  30  ASN ASN A . n 
A 1 31  LEU 31  31  31  LEU LEU A . n 
A 1 32  VAL 32  32  32  VAL VAL A . n 
A 1 33  TRP 33  33  33  TRP TRP A . n 
A 1 34  GLU 34  34  34  GLU GLU A . n 
A 1 35  ASP 35  35  35  ASP ASP A . n 
A 1 36  SER 36  36  36  SER SER A . n 
A 1 37  SER 37  37  37  SER SER A . n 
A 1 38  ARG 38  38  38  ARG ARG A . n 
A 1 39  ASP 39  39  39  ASP ASP A . n 
A 1 40  LEU 40  40  40  LEU LEU A . n 
A 1 41  LEU 41  41  41  LEU LEU A . n 
A 1 42  VAL 42  42  42  VAL VAL A . n 
A 1 43  SER 43  43  43  SER SER A . n 
A 1 44  SER 44  44  44  SER SER A . n 
A 1 45  THR 45  45  45  THR THR A . n 
A 1 46  THR 46  46  46  THR THR A . n 
A 1 47  ALA 47  47  47  ALA ALA A . n 
A 1 48  GLN 48  48  48  GLN GLN A . n 
A 1 49  GLY 49  49  49  GLY GLY A . n 
A 1 50  CYS 50  50  50  CYS CYS A . n 
A 1 51  ASP 51  51  51  ASP ASP A . n 
A 1 52  THR 52  52  52  THR THR A . n 
A 1 53  ILE 53  53  53  ILE ILE A . n 
A 1 54  ALA 54  54  54  ALA ALA A . n 
A 1 55  ARG 55  55  55  ARG ARG A . n 
A 1 56  CYS 56  56  56  CYS CYS A . n 
A 1 57  ASP 57  57  57  ASP ASP A . n 
A 1 58  CYS 58  58  58  CYS CYS A . n 
A 1 59  GLN 59  59  59  GLN GLN A . n 
A 1 60  THR 60  60  60  THR THR A . n 
A 1 61  GLY 61  61  61  GLY GLY A . n 
A 1 62  VAL 62  62  62  VAL VAL A . n 
A 1 63  TYR 63  63  63  TYR TYR A . n 
A 1 64  TYR 64  64  64  TYR TYR A . n 
A 1 65  CYS 65  65  65  CYS CYS A . n 
A 1 66  SER 66  66  66  SER SER A . n 
A 1 67  SER 67  67  67  SER SER A . n 
A 1 68  ARG 68  68  68  ARG ARG A . n 
A 1 69  ARG 69  69  69  ARG ARG A . n 
A 1 70  LYS 70  70  70  LYS LYS A . n 
A 1 71  HIS 71  71  71  HIS HIS A . n 
A 1 72  TYR 72  72  72  TYR TYR A . n 
A 1 73  PRO 73  73  73  PRO PRO A . n 
A 1 74  VAL 74  74  74  VAL VAL A . n 
A 1 75  SER 75  75  75  SER SER A . n 
A 1 76  PHE 76  76  76  PHE PHE A . n 
A 1 77  SER 77  77  77  SER SER A . n 
A 1 78  LYS 78  78  78  LYS LYS A . n 
A 1 79  PRO 79  79  79  PRO PRO A . n 
A 1 80  SER 80  80  80  SER SER A . n 
A 1 81  LEU 81  81  81  LEU LEU A . n 
A 1 82  ILE 82  82  82  ILE ILE A . n 
A 1 83  PHE 83  83  83  PHE PHE A . n 
A 1 84  VAL 84  84  84  VAL VAL A . n 
A 1 85  GLU 85  85  85  GLU GLU A . n 
A 1 86  ALA 86  86  86  ALA ALA A . n 
A 1 87  SER 87  87  87  SER SER A . n 
A 1 88  GLU 88  88  88  GLU GLU A . n 
A 1 89  TYR 89  89  89  TYR TYR A . n 
A 1 90  TYR 90  90  90  TYR TYR A . n 
A 1 91  PRO 91  91  91  PRO PRO A . n 
A 1 92  ALA 92  92  92  ALA ALA A . n 
A 1 93  ARG 93  93  93  ARG ARG A . n 
A 1 94  TYR 94  94  94  TYR TYR A . n 
A 1 95  GLN 95  95  95  GLN GLN A . n 
A 1 96  SER 96  96  96  SER SER A . n 
A 1 97  HIS 97  97  97  HIS HIS A . n 
A 1 98  LEU 98  98  98  LEU LEU A . n 
A 1 99  MET 99  99  99  MET MET A . n 
A 1 100 LEU 100 100 100 LEU LEU A . n 
A 1 101 ALA 101 101 101 ALA ALA A . n 
A 1 102 VAL 102 102 102 VAL VAL A . n 
A 1 103 GLY 103 103 103 GLY GLY A . n 
A 1 104 HIS 104 104 104 HIS HIS A . n 
A 1 105 SER 105 105 105 SER SER A . n 
A 1 106 GLU 106 106 106 GLU GLU A . n 
A 1 107 PRO 107 107 107 PRO PRO A . n 
A 1 108 GLY 108 108 108 GLY GLY A . n 
A 1 109 ASP 109 109 109 ASP ASP A . n 
A 1 110 CYS 110 110 110 CYS CYS A . n 
A 1 111 GLY 111 111 111 GLY GLY A . n 
A 1 112 GLY 112 112 112 GLY GLY A . n 
A 1 113 ILE 113 113 113 ILE ILE A . n 
A 1 114 LEU 114 114 114 LEU LEU A . n 
A 1 115 ARG 115 115 115 ARG ARG A . n 
A 1 116 CYS 116 116 116 CYS CYS A . n 
A 1 117 GLN 117 117 117 GLN GLN A . n 
A 1 118 HIS 118 118 118 HIS HIS A . n 
A 1 119 GLY 119 119 119 GLY GLY A . n 
A 1 120 VAL 120 120 120 VAL VAL A . n 
A 1 121 VAL 121 121 121 VAL VAL A . n 
A 1 122 GLY 122 122 122 GLY GLY A . n 
A 1 123 ILE 123 123 123 ILE ILE A . n 
A 1 124 VAL 124 124 124 VAL VAL A . n 
A 1 125 SER 125 125 125 SER SER A . n 
A 1 126 THR 126 126 126 THR THR A . n 
A 1 127 GLY 127 127 127 GLY GLY A . n 
A 1 128 GLY 128 128 128 GLY GLY A . n 
A 1 129 ASN 129 129 129 ASN ASN A . n 
A 1 130 GLY 130 130 130 GLY GLY A . n 
A 1 131 LEU 131 131 131 LEU LEU A . n 
A 1 132 VAL 132 132 132 VAL VAL A . n 
A 1 133 GLY 133 133 133 GLY GLY A . n 
A 1 134 PHE 134 134 134 PHE PHE A . n 
A 1 135 ALA 135 135 135 ALA ALA A . n 
A 1 136 ASP 136 136 136 ASP ASP A . n 
A 1 137 VAL 137 137 137 VAL VAL A . n 
A 1 138 ARG 138 138 138 ARG ARG A . n 
A 1 139 ASP 139 139 139 ASP ASP A . n 
A 1 140 LEU 140 140 140 LEU LEU A . n 
A 1 141 LEU 141 141 141 LEU LEU A . n 
A 1 142 TRP 142 142 142 TRP TRP A . n 
A 1 143 LEU 143 143 143 LEU LEU A . n 
A 1 144 ASP 144 144 144 ASP ASP A . n 
A 1 145 GLU 145 145 145 GLU GLU A . n 
A 1 146 GLU 146 146 146 GLU GLU A . n 
A 1 147 ALA 147 147 ?   ?   ?   A . n 
A 1 148 MET 148 148 ?   ?   ?   A . n 
A 1 149 GLU 149 149 ?   ?   ?   A . n 
A 1 150 GLN 150 150 ?   ?   ?   A . n 
# 
loop_
_pdbx_nonpoly_scheme.asym_id 
_pdbx_nonpoly_scheme.entity_id 
_pdbx_nonpoly_scheme.mon_id 
_pdbx_nonpoly_scheme.ndb_seq_num 
_pdbx_nonpoly_scheme.pdb_seq_num 
_pdbx_nonpoly_scheme.auth_seq_num 
_pdbx_nonpoly_scheme.pdb_mon_id 
_pdbx_nonpoly_scheme.auth_mon_id 
_pdbx_nonpoly_scheme.pdb_strand_id 
_pdbx_nonpoly_scheme.pdb_ins_code 
B 2 JH1 1   201 147 JH1 LIG A . 
C 3 ZN  1   202 1   ZN  ZN  A . 
D 4 DMS 1   203 -1  DMS DMS A . 
E 4 DMS 1   204 0   DMS DMS A . 
F 4 DMS 1   205 1   DMS DMS A . 
G 4 DMS 1   206 3   DMS DMS A . 
H 4 DMS 1   207 6   DMS DMS A . 
I 5 SO4 1   208 1   SO4 SO4 A . 
J 6 HOH 1   301 227 HOH HOH A . 
J 6 HOH 2   302 137 HOH HOH A . 
J 6 HOH 3   303 238 HOH HOH A . 
J 6 HOH 4   304 250 HOH HOH A . 
J 6 HOH 5   305 3   HOH HOH A . 
J 6 HOH 6   306 94  HOH HOH A . 
J 6 HOH 7   307 131 HOH HOH A . 
J 6 HOH 8   308 245 HOH HOH A . 
J 6 HOH 9   309 108 HOH HOH A . 
J 6 HOH 10  310 234 HOH HOH A . 
J 6 HOH 11  311 79  HOH HOH A . 
J 6 HOH 12  312 107 HOH HOH A . 
J 6 HOH 13  313 186 HOH HOH A . 
J 6 HOH 14  314 215 HOH HOH A . 
J 6 HOH 15  315 77  HOH HOH A . 
J 6 HOH 16  316 147 HOH HOH A . 
J 6 HOH 17  317 34  HOH HOH A . 
J 6 HOH 18  318 150 HOH HOH A . 
J 6 HOH 19  319 68  HOH HOH A . 
J 6 HOH 20  320 248 HOH HOH A . 
J 6 HOH 21  321 183 HOH HOH A . 
J 6 HOH 22  322 148 HOH HOH A . 
J 6 HOH 23  323 173 HOH HOH A . 
J 6 HOH 24  324 219 HOH HOH A . 
J 6 HOH 25  325 103 HOH HOH A . 
J 6 HOH 26  326 193 HOH HOH A . 
J 6 HOH 27  327 181 HOH HOH A . 
J 6 HOH 28  328 72  HOH HOH A . 
J 6 HOH 29  329 178 HOH HOH A . 
J 6 HOH 30  330 57  HOH HOH A . 
J 6 HOH 31  331 191 HOH HOH A . 
J 6 HOH 32  332 124 HOH HOH A . 
J 6 HOH 33  333 30  HOH HOH A . 
J 6 HOH 34  334 180 HOH HOH A . 
J 6 HOH 35  335 249 HOH HOH A . 
J 6 HOH 36  336 4   HOH HOH A . 
J 6 HOH 37  337 116 HOH HOH A . 
J 6 HOH 38  338 47  HOH HOH A . 
J 6 HOH 39  339 217 HOH HOH A . 
J 6 HOH 40  340 104 HOH HOH A . 
J 6 HOH 41  341 59  HOH HOH A . 
J 6 HOH 42  342 21  HOH HOH A . 
J 6 HOH 43  343 16  HOH HOH A . 
J 6 HOH 44  344 205 HOH HOH A . 
J 6 HOH 45  345 109 HOH HOH A . 
J 6 HOH 46  346 52  HOH HOH A . 
J 6 HOH 47  347 195 HOH HOH A . 
J 6 HOH 48  348 211 HOH HOH A . 
J 6 HOH 49  349 216 HOH HOH A . 
J 6 HOH 50  350 37  HOH HOH A . 
J 6 HOH 51  351 152 HOH HOH A . 
J 6 HOH 52  352 43  HOH HOH A . 
J 6 HOH 53  353 13  HOH HOH A . 
J 6 HOH 54  354 7   HOH HOH A . 
J 6 HOH 55  355 60  HOH HOH A . 
J 6 HOH 56  356 29  HOH HOH A . 
J 6 HOH 57  357 168 HOH HOH A . 
J 6 HOH 58  358 67  HOH HOH A . 
J 6 HOH 59  359 53  HOH HOH A . 
J 6 HOH 60  360 91  HOH HOH A . 
J 6 HOH 61  361 88  HOH HOH A . 
J 6 HOH 62  362 2   HOH HOH A . 
J 6 HOH 63  363 179 HOH HOH A . 
J 6 HOH 64  364 27  HOH HOH A . 
J 6 HOH 65  365 24  HOH HOH A . 
J 6 HOH 66  366 33  HOH HOH A . 
J 6 HOH 67  367 97  HOH HOH A . 
J 6 HOH 68  368 111 HOH HOH A . 
J 6 HOH 69  369 113 HOH HOH A . 
J 6 HOH 70  370 81  HOH HOH A . 
J 6 HOH 71  371 36  HOH HOH A . 
J 6 HOH 72  372 144 HOH HOH A . 
J 6 HOH 73  373 161 HOH HOH A . 
J 6 HOH 74  374 141 HOH HOH A . 
J 6 HOH 75  375 39  HOH HOH A . 
J 6 HOH 76  376 167 HOH HOH A . 
J 6 HOH 77  377 28  HOH HOH A . 
J 6 HOH 78  378 62  HOH HOH A . 
J 6 HOH 79  379 42  HOH HOH A . 
J 6 HOH 80  380 12  HOH HOH A . 
J 6 HOH 81  381 25  HOH HOH A . 
J 6 HOH 82  382 82  HOH HOH A . 
J 6 HOH 83  383 63  HOH HOH A . 
J 6 HOH 84  384 182 HOH HOH A . 
J 6 HOH 85  385 26  HOH HOH A . 
J 6 HOH 86  386 90  HOH HOH A . 
J 6 HOH 87  387 45  HOH HOH A . 
J 6 HOH 88  388 19  HOH HOH A . 
J 6 HOH 89  389 50  HOH HOH A . 
J 6 HOH 90  390 9   HOH HOH A . 
J 6 HOH 91  391 84  HOH HOH A . 
J 6 HOH 92  392 138 HOH HOH A . 
J 6 HOH 93  393 14  HOH HOH A . 
J 6 HOH 94  394 15  HOH HOH A . 
J 6 HOH 95  395 70  HOH HOH A . 
J 6 HOH 96  396 112 HOH HOH A . 
J 6 HOH 97  397 8   HOH HOH A . 
J 6 HOH 98  398 204 HOH HOH A . 
J 6 HOH 99  399 106 HOH HOH A . 
J 6 HOH 100 400 169 HOH HOH A . 
J 6 HOH 101 401 119 HOH HOH A . 
J 6 HOH 102 402 49  HOH HOH A . 
J 6 HOH 103 403 100 HOH HOH A . 
J 6 HOH 104 404 17  HOH HOH A . 
J 6 HOH 105 405 18  HOH HOH A . 
J 6 HOH 106 406 177 HOH HOH A . 
J 6 HOH 107 407 48  HOH HOH A . 
J 6 HOH 108 408 110 HOH HOH A . 
J 6 HOH 109 409 121 HOH HOH A . 
J 6 HOH 110 410 174 HOH HOH A . 
J 6 HOH 111 411 55  HOH HOH A . 
J 6 HOH 112 412 197 HOH HOH A . 
J 6 HOH 113 413 170 HOH HOH A . 
J 6 HOH 114 414 126 HOH HOH A . 
J 6 HOH 115 415 78  HOH HOH A . 
J 6 HOH 116 416 96  HOH HOH A . 
J 6 HOH 117 417 71  HOH HOH A . 
J 6 HOH 118 418 155 HOH HOH A . 
J 6 HOH 119 419 38  HOH HOH A . 
J 6 HOH 120 420 54  HOH HOH A . 
J 6 HOH 121 421 41  HOH HOH A . 
J 6 HOH 122 422 20  HOH HOH A . 
J 6 HOH 123 423 184 HOH HOH A . 
J 6 HOH 124 424 5   HOH HOH A . 
J 6 HOH 125 425 95  HOH HOH A . 
J 6 HOH 126 426 66  HOH HOH A . 
J 6 HOH 127 427 40  HOH HOH A . 
J 6 HOH 128 428 214 HOH HOH A . 
J 6 HOH 129 429 136 HOH HOH A . 
J 6 HOH 130 430 135 HOH HOH A . 
J 6 HOH 131 431 80  HOH HOH A . 
J 6 HOH 132 432 58  HOH HOH A . 
J 6 HOH 133 433 11  HOH HOH A . 
J 6 HOH 134 434 105 HOH HOH A . 
J 6 HOH 135 435 64  HOH HOH A . 
J 6 HOH 136 436 198 HOH HOH A . 
J 6 HOH 137 437 31  HOH HOH A . 
J 6 HOH 138 438 132 HOH HOH A . 
J 6 HOH 139 439 35  HOH HOH A . 
J 6 HOH 140 440 51  HOH HOH A . 
J 6 HOH 141 441 102 HOH HOH A . 
J 6 HOH 142 442 203 HOH HOH A . 
J 6 HOH 143 443 176 HOH HOH A . 
J 6 HOH 144 444 212 HOH HOH A . 
J 6 HOH 145 445 23  HOH HOH A . 
J 6 HOH 146 446 237 HOH HOH A . 
J 6 HOH 147 447 118 HOH HOH A . 
J 6 HOH 148 448 10  HOH HOH A . 
J 6 HOH 149 449 146 HOH HOH A . 
J 6 HOH 150 450 93  HOH HOH A . 
J 6 HOH 151 451 123 HOH HOH A . 
J 6 HOH 152 452 230 HOH HOH A . 
J 6 HOH 153 453 89  HOH HOH A . 
J 6 HOH 154 454 76  HOH HOH A . 
J 6 HOH 155 455 171 HOH HOH A . 
J 6 HOH 156 456 6   HOH HOH A . 
J 6 HOH 157 457 192 HOH HOH A . 
J 6 HOH 158 458 220 HOH HOH A . 
J 6 HOH 159 459 159 HOH HOH A . 
J 6 HOH 160 460 69  HOH HOH A . 
J 6 HOH 161 461 246 HOH HOH A . 
J 6 HOH 162 462 128 HOH HOH A . 
J 6 HOH 163 463 224 HOH HOH A . 
J 6 HOH 164 464 61  HOH HOH A . 
J 6 HOH 165 465 200 HOH HOH A . 
J 6 HOH 166 466 74  HOH HOH A . 
J 6 HOH 167 467 218 HOH HOH A . 
J 6 HOH 168 468 213 HOH HOH A . 
J 6 HOH 169 469 210 HOH HOH A . 
J 6 HOH 170 470 247 HOH HOH A . 
J 6 HOH 171 471 65  HOH HOH A . 
J 6 HOH 172 472 22  HOH HOH A . 
J 6 HOH 173 473 98  HOH HOH A . 
J 6 HOH 174 474 117 HOH HOH A . 
J 6 HOH 175 475 154 HOH HOH A . 
J 6 HOH 176 476 233 HOH HOH A . 
J 6 HOH 177 477 231 HOH HOH A . 
J 6 HOH 178 478 158 HOH HOH A . 
J 6 HOH 179 479 175 HOH HOH A . 
J 6 HOH 180 480 87  HOH HOH A . 
J 6 HOH 181 481 151 HOH HOH A . 
J 6 HOH 182 482 201 HOH HOH A . 
J 6 HOH 183 483 207 HOH HOH A . 
J 6 HOH 184 484 162 HOH HOH A . 
J 6 HOH 185 485 99  HOH HOH A . 
J 6 HOH 186 486 190 HOH HOH A . 
J 6 HOH 187 487 228 HOH HOH A . 
J 6 HOH 188 488 157 HOH HOH A . 
J 6 HOH 189 489 134 HOH HOH A . 
J 6 HOH 190 490 232 HOH HOH A . 
J 6 HOH 191 491 226 HOH HOH A . 
J 6 HOH 192 492 127 HOH HOH A . 
J 6 HOH 193 493 140 HOH HOH A . 
J 6 HOH 194 494 239 HOH HOH A . 
J 6 HOH 195 495 240 HOH HOH A . 
J 6 HOH 196 496 229 HOH HOH A . 
J 6 HOH 197 497 225 HOH HOH A . 
J 6 HOH 198 498 73  HOH HOH A . 
J 6 HOH 199 499 163 HOH HOH A . 
J 6 HOH 200 500 86  HOH HOH A . 
J 6 HOH 201 501 172 HOH HOH A . 
J 6 HOH 202 502 199 HOH HOH A . 
J 6 HOH 203 503 189 HOH HOH A . 
J 6 HOH 204 504 32  HOH HOH A . 
J 6 HOH 205 505 185 HOH HOH A . 
J 6 HOH 206 506 85  HOH HOH A . 
J 6 HOH 207 507 202 HOH HOH A . 
J 6 HOH 208 508 221 HOH HOH A . 
J 6 HOH 209 509 165 HOH HOH A . 
J 6 HOH 210 510 209 HOH HOH A . 
J 6 HOH 211 511 223 HOH HOH A . 
J 6 HOH 212 512 83  HOH HOH A . 
J 6 HOH 213 513 236 HOH HOH A . 
J 6 HOH 214 514 56  HOH HOH A . 
J 6 HOH 215 515 129 HOH HOH A . 
J 6 HOH 216 516 187 HOH HOH A . 
J 6 HOH 217 517 208 HOH HOH A . 
J 6 HOH 218 518 75  HOH HOH A . 
J 6 HOH 219 519 142 HOH HOH A . 
J 6 HOH 220 520 235 HOH HOH A . 
J 6 HOH 221 521 206 HOH HOH A . 
J 6 HOH 222 522 241 HOH HOH A . 
J 6 HOH 223 523 114 HOH HOH A . 
J 6 HOH 224 524 153 HOH HOH A . 
J 6 HOH 225 525 160 HOH HOH A . 
J 6 HOH 226 526 222 HOH HOH A . 
J 6 HOH 227 527 92  HOH HOH A . 
J 6 HOH 228 528 125 HOH HOH A . 
J 6 HOH 229 529 243 HOH HOH A . 
J 6 HOH 230 530 242 HOH HOH A . 
J 6 HOH 231 531 164 HOH HOH A . 
J 6 HOH 232 532 244 HOH HOH A . 
# 
loop_
_software.classification 
_software.name 
_software.version 
_software.citation_id 
_software.pdbx_ordinal 
refinement       REFMAC  5.8.0267 ? 1 
refinement       REFMAC5 .        ? 2 
'data scaling'   Aimless .        ? 3 
phasing          PHASER  .        ? 4 
'data reduction' XDS     .        ? 5 
# 
_cell.entry_id           7H3Y 
_cell.length_a           86.217 
_cell.length_b           56.577 
_cell.length_c           32.439 
_cell.angle_alpha        90.00 
_cell.angle_beta         95.32 
_cell.angle_gamma        90.00 
_cell.Z_PDB              4 
_cell.pdbx_unique_axis   ? 
# 
_symmetry.entry_id                         7H3Y 
_symmetry.space_group_name_H-M             'C 1 2 1' 
_symmetry.pdbx_full_space_group_name_H-M   ? 
_symmetry.cell_setting                     ? 
_symmetry.Int_Tables_number                5 
# 
_exptl.entry_id          7H3Y 
_exptl.method            'X-RAY DIFFRACTION' 
_exptl.crystals_number   1 
# 
_exptl_crystal.id                    1 
_exptl_crystal.density_meas          ? 
_exptl_crystal.density_Matthews      2.39 
_exptl_crystal.density_percent_sol   48.50 
_exptl_crystal.description           ? 
# 
_exptl_crystal_grow.crystal_id      1 
_exptl_crystal_grow.method          'VAPOR DIFFUSION, SITTING DROP' 
_exptl_crystal_grow.pH              6.05 
_exptl_crystal_grow.temp            293.15 
_exptl_crystal_grow.pdbx_details    '0.1 M MES, pH 6.05, 16 % PEG 20,000' 
_exptl_crystal_grow.temp_details    ? 
_exptl_crystal_grow.pdbx_pH_range   ? 
# 
_diffrn.id                     1 
_diffrn.ambient_temp           100 
_diffrn.crystal_id             1 
_diffrn.ambient_temp_details   ? 
# 
_diffrn_detector.detector               PIXEL 
_diffrn_detector.type                   'DECTRIS EIGER2 XE 16M' 
_diffrn_detector.pdbx_collection_date   2023-10-11 
_diffrn_detector.diffrn_id              1 
_diffrn_detector.details                ? 
# 
_diffrn_radiation.diffrn_id                        1 
_diffrn_radiation.wavelength_id                    1 
_diffrn_radiation.pdbx_diffrn_protocol             'SINGLE WAVELENGTH' 
_diffrn_radiation.pdbx_monochromatic_or_laue_m_l   ? 
_diffrn_radiation.monochromator                    ? 
_diffrn_radiation.pdbx_scattering_type             x-ray 
# 
_diffrn_radiation_wavelength.id           1 
_diffrn_radiation_wavelength.wavelength   0.94054 
_diffrn_radiation_wavelength.wt           1.0 
# 
_diffrn_source.diffrn_id                   1 
_diffrn_source.source                      SYNCHROTRON 
_diffrn_source.type                        'DIAMOND BEAMLINE I03' 
_diffrn_source.pdbx_wavelength_list        0.94054 
_diffrn_source.pdbx_synchrotron_site       Diamond 
_diffrn_source.pdbx_synchrotron_beamline   I03 
_diffrn_source.pdbx_wavelength             ? 
# 
_reflns.entry_id                     7H3Y 
_reflns.pdbx_diffrn_id               1 
_reflns.pdbx_ordinal                 1 
_reflns.d_resolution_low             47.24 
_reflns.d_resolution_high            1.11 
_reflns.number_obs                   58763 
_reflns.percent_possible_obs         96.0 
_reflns.pdbx_Rmerge_I_obs            0.122 
_reflns.pdbx_netI_over_sigmaI        10.6 
_reflns.pdbx_redundancy              6.7 
_reflns.pdbx_Rrim_I_all              0.132 
_reflns.pdbx_Rpim_I_all              0.051 
_reflns.pdbx_CC_half                 0.998 
_reflns.pdbx_number_measured_all     392153 
_reflns.pdbx_chi_squared             0.80 
_reflns.observed_criterion_sigma_I   ? 
_reflns.observed_criterion_sigma_F   ? 
_reflns.number_all                   ? 
_reflns.pdbx_Rsym_value              ? 
_reflns.B_iso_Wilson_estimate        ? 
# 
_reflns_shell.pdbx_diffrn_id              1 
_reflns_shell.pdbx_ordinal                1 
_reflns_shell.d_res_high                  1.11 
_reflns_shell.d_res_low                   1.13 
_reflns_shell.number_measured_all         9696 
_reflns_shell.number_unique_obs           1987 
_reflns_shell.Rmerge_I_obs                2.422 
_reflns_shell.pdbx_chi_squared            0.40 
_reflns_shell.pdbx_redundancy             4.9 
_reflns_shell.percent_possible_obs        65.3 
_reflns_shell.pdbx_netI_over_sigmaI_obs   0.7 
_reflns_shell.pdbx_Rrim_I_all             2.693 
_reflns_shell.pdbx_Rpim_I_all             1.155 
_reflns_shell.pdbx_CC_half                0.269 
_reflns_shell.percent_possible_all        ? 
_reflns_shell.pdbx_Rsym_value             ? 
_reflns_shell.meanI_over_sigI_obs         ? 
# 
_refine.pdbx_refine_id                           'X-RAY DIFFRACTION' 
_refine.entry_id                                 7H3Y 
_refine.pdbx_diffrn_id                           1 
_refine.pdbx_TLS_residual_ADP_flag               ? 
_refine.ls_number_reflns_obs                     55782 
_refine.ls_number_reflns_all                     ? 
_refine.pdbx_ls_sigma_I                          ? 
_refine.pdbx_ls_sigma_F                          ? 
_refine.pdbx_data_cutoff_high_absF               ? 
_refine.pdbx_data_cutoff_low_absF                ? 
_refine.pdbx_data_cutoff_high_rms_absF           ? 
_refine.ls_d_res_low                             47.24 
_refine.ls_d_res_high                            1.11 
_refine.ls_percent_reflns_obs                    95.78 
_refine.ls_R_factor_obs                          0.17942 
_refine.ls_R_factor_all                          ? 
_refine.ls_R_factor_R_work                       0.17850 
_refine.ls_R_factor_R_free                       0.19643 
_refine.ls_R_factor_R_free_error                 ? 
_refine.ls_R_factor_R_free_error_details         ? 
_refine.ls_percent_reflns_R_free                 4.9 
_refine.ls_number_reflns_R_free                  2883 
_refine.ls_number_parameters                     ? 
_refine.ls_number_restraints                     ? 
_refine.occupancy_min                            ? 
_refine.occupancy_max                            ? 
_refine.correlation_coeff_Fo_to_Fc               0.972 
_refine.correlation_coeff_Fo_to_Fc_free          0.967 
_refine.B_iso_mean                               14.336 
_refine.aniso_B[1][1]                            -0.18 
_refine.aniso_B[2][2]                            0.49 
_refine.aniso_B[3][3]                            -0.29 
_refine.aniso_B[1][2]                            0.00 
_refine.aniso_B[1][3]                            -0.10 
_refine.aniso_B[2][3]                            0.00 
_refine.solvent_model_details                    MASK 
_refine.solvent_model_param_ksol                 ? 
_refine.solvent_model_param_bsol                 ? 
_refine.pdbx_solvent_vdw_probe_radii             1.20 
_refine.pdbx_solvent_ion_probe_radii             0.80 
_refine.pdbx_solvent_shrinkage_radii             0.80 
_refine.pdbx_ls_cross_valid_method               THROUGHOUT 
_refine.details                                  'HYDROGENS HAVE BEEN ADDED IN THE RIDING POSITIONS' 
_refine.pdbx_starting_model                      ? 
_refine.pdbx_method_to_determine_struct          'MOLECULAR REPLACEMENT' 
_refine.pdbx_isotropic_thermal_model             ? 
_refine.pdbx_stereochemistry_target_values       'MAXIMUM LIKELIHOOD' 
_refine.pdbx_stereochem_target_val_spec_case     ? 
_refine.pdbx_R_Free_selection_details            RANDOM 
_refine.pdbx_overall_ESU_R                       0.035 
_refine.pdbx_overall_ESU_R_Free                  0.036 
_refine.overall_SU_ML                            ? 
_refine.pdbx_overall_phase_error                 ? 
_refine.overall_SU_B                             ? 
_refine.overall_SU_R_Cruickshank_DPI             ? 
_refine.pdbx_overall_SU_R_free_Cruickshank_DPI   ? 
_refine.pdbx_overall_SU_R_Blow_DPI               ? 
_refine.pdbx_overall_SU_R_free_Blow_DPI          ? 
# 
_refine_hist.pdbx_refine_id                   'X-RAY DIFFRACTION' 
_refine_hist.cycle_id                         1 
_refine_hist.pdbx_number_atoms_protein        1083 
_refine_hist.pdbx_number_atoms_nucleic_acid   0 
_refine_hist.pdbx_number_atoms_ligand         44 
_refine_hist.number_atoms_solvent             232 
_refine_hist.number_atoms_total               1359 
_refine_hist.d_res_high                       1.11 
_refine_hist.d_res_low                        47.24 
# 
loop_
_refine_ls_restr.type 
_refine_ls_restr.dev_ideal 
_refine_ls_restr.dev_ideal_target 
_refine_ls_restr.weight 
_refine_ls_restr.number 
_refine_ls_restr.pdbx_refine_id 
_refine_ls_restr.pdbx_restraint_function 
r_bond_refined_d             0.014  0.013  ? 1303 'X-RAY DIFFRACTION' ? 
r_bond_other_d               0.036  0.014  ? 1097 'X-RAY DIFFRACTION' ? 
r_angle_refined_deg          1.828  1.611  ? 1687 'X-RAY DIFFRACTION' ? 
r_angle_other_deg            2.406  1.614  ? 2487 'X-RAY DIFFRACTION' ? 
r_dihedral_angle_1_deg       6.719  5.000  ? 157  'X-RAY DIFFRACTION' ? 
r_dihedral_angle_2_deg       33.707 21.385 ? 65   'X-RAY DIFFRACTION' ? 
r_dihedral_angle_3_deg       12.154 15.000 ? 175  'X-RAY DIFFRACTION' ? 
r_dihedral_angle_4_deg       23.033 15.000 ? 9    'X-RAY DIFFRACTION' ? 
r_chiral_restr               0.089  0.200  ? 146  'X-RAY DIFFRACTION' ? 
r_gen_planes_refined         0.012  0.020  ? 1595 'X-RAY DIFFRACTION' ? 
r_gen_planes_other           0.021  0.020  ? 307  'X-RAY DIFFRACTION' ? 
r_nbd_refined                ?      ?      ? ?    'X-RAY DIFFRACTION' ? 
r_nbd_other                  ?      ?      ? ?    'X-RAY DIFFRACTION' ? 
r_nbtor_refined              ?      ?      ? ?    'X-RAY DIFFRACTION' ? 
r_nbtor_other                ?      ?      ? ?    'X-RAY DIFFRACTION' ? 
r_xyhbond_nbd_refined        ?      ?      ? ?    'X-RAY DIFFRACTION' ? 
r_xyhbond_nbd_other          ?      ?      ? ?    'X-RAY DIFFRACTION' ? 
r_metal_ion_refined          ?      ?      ? ?    'X-RAY DIFFRACTION' ? 
r_metal_ion_other            ?      ?      ? ?    'X-RAY DIFFRACTION' ? 
r_symmetry_vdw_refined       ?      ?      ? ?    'X-RAY DIFFRACTION' ? 
r_symmetry_vdw_other         ?      ?      ? ?    'X-RAY DIFFRACTION' ? 
r_symmetry_hbond_refined     ?      ?      ? ?    'X-RAY DIFFRACTION' ? 
r_symmetry_hbond_other       ?      ?      ? ?    'X-RAY DIFFRACTION' ? 
r_symmetry_metal_ion_refined ?      ?      ? ?    'X-RAY DIFFRACTION' ? 
r_symmetry_metal_ion_other   ?      ?      ? ?    'X-RAY DIFFRACTION' ? 
r_mcbond_it                  1.223  1.262  ? 641  'X-RAY DIFFRACTION' ? 
r_mcbond_other               1.232  1.228  ? 632  'X-RAY DIFFRACTION' ? 
r_mcangle_it                 1.817  1.835  ? 771  'X-RAY DIFFRACTION' ? 
r_mcangle_other              1.827  1.840  ? 770  'X-RAY DIFFRACTION' ? 
r_scbond_it                  2.038  1.518  ? 658  'X-RAY DIFFRACTION' ? 
r_scbond_other               2.036  1.520  ? 659  'X-RAY DIFFRACTION' ? 
r_scangle_it                 ?      ?      ? ?    'X-RAY DIFFRACTION' ? 
r_scangle_other              2.916  2.178  ? 911  'X-RAY DIFFRACTION' ? 
r_long_range_B_refined       5.106  17.866 ? 1496 'X-RAY DIFFRACTION' ? 
r_long_range_B_other         5.105  17.884 ? 1497 'X-RAY DIFFRACTION' ? 
r_rigid_bond_restr           ?      ?      ? ?    'X-RAY DIFFRACTION' ? 
r_sphericity_free            ?      ?      ? ?    'X-RAY DIFFRACTION' ? 
r_sphericity_bonded          ?      ?      ? ?    'X-RAY DIFFRACTION' ? 
# 
_refine_ls_shell.pdbx_refine_id                   'X-RAY DIFFRACTION' 
_refine_ls_shell.pdbx_total_number_of_bins_used   20 
_refine_ls_shell.d_res_high                       1.110 
_refine_ls_shell.d_res_low                        1.139 
_refine_ls_shell.number_reflns_R_work             2857 
_refine_ls_shell.R_factor_R_work                  0.322 
_refine_ls_shell.percent_reflns_obs               67.37 
_refine_ls_shell.R_factor_R_free                  0.320 
_refine_ls_shell.R_factor_R_free_error            ? 
_refine_ls_shell.percent_reflns_R_free            ? 
_refine_ls_shell.number_reflns_R_free             180 
_refine_ls_shell.number_reflns_all                ? 
_refine_ls_shell.R_factor_all                     ? 
# 
_struct.entry_id                  7H3Y 
_struct.title                     
;Group deposition for crystallographic fragment screening of Coxsackievirus A16 (G-10) 2A protease -- Crystal structure of Coxsackievirus A16 (G-10) 2A protease in complex with Z1203107138 (A71EV2A-x0517)
;
_struct.pdbx_model_details        ? 
_struct.pdbx_CASP_flag            ? 
_struct.pdbx_model_type_details   ? 
# 
_struct_keywords.entry_id        7H3Y 
_struct_keywords.pdbx_keywords   HYDROLASE 
_struct_keywords.text            
;Diamond Light Source, I03, ASAP, Coxsackievirus A16, crystallographic fragment screening, PanDDA, Pandda2, XChemExplorer, viral protein, HYDROLASE
;
# 
loop_
_struct_asym.id 
_struct_asym.pdbx_blank_PDB_chainid_flag 
_struct_asym.pdbx_modified 
_struct_asym.entity_id 
_struct_asym.details 
A N N 1 ? 
B N N 2 ? 
C N N 3 ? 
D N N 4 ? 
E N N 4 ? 
F N N 4 ? 
G N N 4 ? 
H N N 4 ? 
I N N 5 ? 
J N N 6 ? 
# 
_struct_ref.id                         1 
_struct_ref.db_name                    UNP 
_struct_ref.db_code                    POLG_CX16G 
_struct_ref.pdbx_db_accession          Q65900 
_struct_ref.pdbx_db_isoform            ? 
_struct_ref.entity_id                  1 
_struct_ref.pdbx_seq_one_letter_code   
;SGAIYVGNYRVVNRHLATHNDWANLVWEDSSRDLLVSSTTAQGCDTIARCDCQTGVYYCSSRRKHYPVSFSKPSLIFVEA
SEYYPARYQSHLMLAVGHSEPGDCGGILRCQHGVVGIVSTGGNGLVGFADVRDLLWLDEEAMEQ
;
_struct_ref.pdbx_align_begin           869 
# 
_struct_ref_seq.align_id                      1 
_struct_ref_seq.ref_id                        1 
_struct_ref_seq.pdbx_PDB_id_code              7H3Y 
_struct_ref_seq.pdbx_strand_id                A 
_struct_ref_seq.seq_align_beg                 7 
_struct_ref_seq.pdbx_seq_align_beg_ins_code   ? 
_struct_ref_seq.seq_align_end                 150 
_struct_ref_seq.pdbx_seq_align_end_ins_code   ? 
_struct_ref_seq.pdbx_db_accession             Q65900 
_struct_ref_seq.db_align_beg                  869 
_struct_ref_seq.pdbx_db_align_beg_ins_code    ? 
_struct_ref_seq.db_align_end                  1012 
_struct_ref_seq.pdbx_db_align_end_ins_code    ? 
_struct_ref_seq.pdbx_auth_seq_align_beg       7 
_struct_ref_seq.pdbx_auth_seq_align_end       150 
# 
loop_
_struct_ref_seq_dif.align_id 
_struct_ref_seq_dif.pdbx_pdb_id_code 
_struct_ref_seq_dif.mon_id 
_struct_ref_seq_dif.pdbx_pdb_strand_id 
_struct_ref_seq_dif.seq_num 
_struct_ref_seq_dif.pdbx_pdb_ins_code 
_struct_ref_seq_dif.pdbx_seq_db_name 
_struct_ref_seq_dif.pdbx_seq_db_accession_code 
_struct_ref_seq_dif.db_mon_id 
_struct_ref_seq_dif.pdbx_seq_db_seq_num 
_struct_ref_seq_dif.details 
_struct_ref_seq_dif.pdbx_auth_seq_num 
_struct_ref_seq_dif.pdbx_ordinal 
1 7H3Y GLN A 1 ? UNP Q65900 ? ? 'expression tag' 1 1 
1 7H3Y GLU A 2 ? UNP Q65900 ? ? 'expression tag' 2 2 
1 7H3Y GLN A 3 ? UNP Q65900 ? ? 'expression tag' 3 3 
1 7H3Y THR A 4 ? UNP Q65900 ? ? 'expression tag' 4 4 
1 7H3Y GLY A 5 ? UNP Q65900 ? ? 'expression tag' 5 5 
1 7H3Y GLY A 6 ? UNP Q65900 ? ? 'expression tag' 6 6 
# 
_pdbx_struct_assembly.id                   1 
_pdbx_struct_assembly.details              author_and_software_defined_assembly 
_pdbx_struct_assembly.method_details       PISA 
_pdbx_struct_assembly.oligomeric_details   monomeric 
_pdbx_struct_assembly.oligomeric_count     1 
# 
loop_
_pdbx_struct_assembly_prop.biol_id 
_pdbx_struct_assembly_prop.type 
_pdbx_struct_assembly_prop.value 
_pdbx_struct_assembly_prop.details 
1 'ABSA (A^2)' 830  ? 
1 MORE         -5   ? 
1 'SSA (A^2)'  7420 ? 
# 
_pdbx_struct_assembly_gen.assembly_id       1 
_pdbx_struct_assembly_gen.oper_expression   1 
_pdbx_struct_assembly_gen.asym_id_list      A,B,C,D,E,F,G,H,I,J 
# 
_pdbx_struct_oper_list.id                   1 
_pdbx_struct_oper_list.type                 'identity operation' 
_pdbx_struct_oper_list.name                 1_555 
_pdbx_struct_oper_list.symmetry_operation   x,y,z 
_pdbx_struct_oper_list.matrix[1][1]         1.0000000000 
_pdbx_struct_oper_list.matrix[1][2]         0.0000000000 
_pdbx_struct_oper_list.matrix[1][3]         0.0000000000 
_pdbx_struct_oper_list.vector[1]            0.0000000000 
_pdbx_struct_oper_list.matrix[2][1]         0.0000000000 
_pdbx_struct_oper_list.matrix[2][2]         1.0000000000 
_pdbx_struct_oper_list.matrix[2][3]         0.0000000000 
_pdbx_struct_oper_list.vector[2]            0.0000000000 
_pdbx_struct_oper_list.matrix[3][1]         0.0000000000 
_pdbx_struct_oper_list.matrix[3][2]         0.0000000000 
_pdbx_struct_oper_list.matrix[3][3]         1.0000000000 
_pdbx_struct_oper_list.vector[3]            0.0000000000 
# 
loop_
_struct_conf.conf_type_id 
_struct_conf.id 
_struct_conf.pdbx_PDB_helix_id 
_struct_conf.beg_label_comp_id 
_struct_conf.beg_label_asym_id 
_struct_conf.beg_label_seq_id 
_struct_conf.pdbx_beg_PDB_ins_code 
_struct_conf.end_label_comp_id 
_struct_conf.end_label_asym_id 
_struct_conf.end_label_seq_id 
_struct_conf.pdbx_end_PDB_ins_code 
_struct_conf.beg_auth_comp_id 
_struct_conf.beg_auth_asym_id 
_struct_conf.beg_auth_seq_id 
_struct_conf.end_auth_comp_id 
_struct_conf.end_auth_asym_id 
_struct_conf.end_auth_seq_id 
_struct_conf.pdbx_PDB_helix_class 
_struct_conf.details 
_struct_conf.pdbx_PDB_helix_length 
HELX_P HELX_P1 AA1 HIS A 21  ? ALA A 23  ? HIS A 21  ALA A 23  5 ? 3 
HELX_P HELX_P2 AA2 THR A 24  ? ASN A 30  ? THR A 24  ASN A 30  1 ? 7 
HELX_P HELX_P3 AA3 SER A 36  ? ARG A 38  ? SER A 36  ARG A 38  5 ? 3 
HELX_P HELX_P4 AA4 SER A 66  ? ARG A 69  ? SER A 66  ARG A 69  5 ? 4 
HELX_P HELX_P5 AA5 GLU A 106 ? CYS A 110 ? GLU A 106 CYS A 110 5 ? 5 
HELX_P HELX_P6 AA6 LEU A 140 ? GLU A 145 ? LEU A 140 GLU A 145 5 ? 6 
# 
_struct_conf_type.id          HELX_P 
_struct_conf_type.criteria    ? 
_struct_conf_type.reference   ? 
# 
loop_
_struct_conn.id 
_struct_conn.conn_type_id 
_struct_conn.pdbx_leaving_atom_flag 
_struct_conn.pdbx_PDB_id 
_struct_conn.ptnr1_label_asym_id 
_struct_conn.ptnr1_label_comp_id 
_struct_conn.ptnr1_label_seq_id 
_struct_conn.ptnr1_label_atom_id 
_struct_conn.pdbx_ptnr1_label_alt_id 
_struct_conn.pdbx_ptnr1_PDB_ins_code 
_struct_conn.pdbx_ptnr1_standard_comp_id 
_struct_conn.ptnr1_symmetry 
_struct_conn.ptnr2_label_asym_id 
_struct_conn.ptnr2_label_comp_id 
_struct_conn.ptnr2_label_seq_id 
_struct_conn.ptnr2_label_atom_id 
_struct_conn.pdbx_ptnr2_label_alt_id 
_struct_conn.pdbx_ptnr2_PDB_ins_code 
_struct_conn.ptnr1_auth_asym_id 
_struct_conn.ptnr1_auth_comp_id 
_struct_conn.ptnr1_auth_seq_id 
_struct_conn.ptnr2_auth_asym_id 
_struct_conn.ptnr2_auth_comp_id 
_struct_conn.ptnr2_auth_seq_id 
_struct_conn.ptnr2_symmetry 
_struct_conn.pdbx_ptnr3_label_atom_id 
_struct_conn.pdbx_ptnr3_label_seq_id 
_struct_conn.pdbx_ptnr3_label_comp_id 
_struct_conn.pdbx_ptnr3_label_asym_id 
_struct_conn.pdbx_ptnr3_label_alt_id 
_struct_conn.pdbx_ptnr3_PDB_ins_code 
_struct_conn.details 
_struct_conn.pdbx_dist_value 
_struct_conn.pdbx_value_order 
_struct_conn.pdbx_role 
covale1 covale none ? A ASN 26  ND2 ? ? ? 1_555 B JH1 . O09 ? ? A ASN 26  A JH1 201 1_555 ? ? ? ? ? ? ? 1.267 ? ? 
metalc1 metalc ?    ? A CYS 56  SG  ? ? ? 1_555 C ZN  . ZN  ? ? A CYS 56  A ZN  202 1_555 ? ? ? ? ? ? ? 2.328 ? ? 
metalc2 metalc ?    ? A CYS 58  SG  ? ? ? 1_555 C ZN  . ZN  ? ? A CYS 58  A ZN  202 1_555 ? ? ? ? ? ? ? 2.313 ? ? 
metalc3 metalc ?    ? A CYS 116 SG  ? ? ? 1_555 C ZN  . ZN  ? ? A CYS 116 A ZN  202 1_555 ? ? ? ? ? ? ? 2.285 ? ? 
metalc4 metalc ?    ? A HIS 118 ND1 ? ? ? 1_555 C ZN  . ZN  ? ? A HIS 118 A ZN  202 1_555 ? ? ? ? ? ? ? 2.061 ? ? 
# 
loop_
_struct_conn_type.id 
_struct_conn_type.criteria 
_struct_conn_type.reference 
covale ? ? 
metalc ? ? 
# 
loop_
_pdbx_struct_conn_angle.id 
_pdbx_struct_conn_angle.ptnr1_label_atom_id 
_pdbx_struct_conn_angle.ptnr1_label_alt_id 
_pdbx_struct_conn_angle.ptnr1_label_asym_id 
_pdbx_struct_conn_angle.ptnr1_label_comp_id 
_pdbx_struct_conn_angle.ptnr1_label_seq_id 
_pdbx_struct_conn_angle.ptnr1_auth_atom_id 
_pdbx_struct_conn_angle.ptnr1_auth_asym_id 
_pdbx_struct_conn_angle.ptnr1_auth_comp_id 
_pdbx_struct_conn_angle.ptnr1_auth_seq_id 
_pdbx_struct_conn_angle.ptnr1_PDB_ins_code 
_pdbx_struct_conn_angle.ptnr1_symmetry 
_pdbx_struct_conn_angle.ptnr2_label_atom_id 
_pdbx_struct_conn_angle.ptnr2_label_alt_id 
_pdbx_struct_conn_angle.ptnr2_label_asym_id 
_pdbx_struct_conn_angle.ptnr2_label_comp_id 
_pdbx_struct_conn_angle.ptnr2_label_seq_id 
_pdbx_struct_conn_angle.ptnr2_auth_atom_id 
_pdbx_struct_conn_angle.ptnr2_auth_asym_id 
_pdbx_struct_conn_angle.ptnr2_auth_comp_id 
_pdbx_struct_conn_angle.ptnr2_auth_seq_id 
_pdbx_struct_conn_angle.ptnr2_PDB_ins_code 
_pdbx_struct_conn_angle.ptnr2_symmetry 
_pdbx_struct_conn_angle.ptnr3_label_atom_id 
_pdbx_struct_conn_angle.ptnr3_label_alt_id 
_pdbx_struct_conn_angle.ptnr3_label_asym_id 
_pdbx_struct_conn_angle.ptnr3_label_comp_id 
_pdbx_struct_conn_angle.ptnr3_label_seq_id 
_pdbx_struct_conn_angle.ptnr3_auth_atom_id 
_pdbx_struct_conn_angle.ptnr3_auth_asym_id 
_pdbx_struct_conn_angle.ptnr3_auth_comp_id 
_pdbx_struct_conn_angle.ptnr3_auth_seq_id 
_pdbx_struct_conn_angle.ptnr3_PDB_ins_code 
_pdbx_struct_conn_angle.ptnr3_symmetry 
_pdbx_struct_conn_angle.value 
_pdbx_struct_conn_angle.value_esd 
1 SG ? A CYS 56  ? A CYS 56  ? 1_555 ZN ? C ZN . ? A ZN 202 ? 1_555 SG  ? A CYS 58  ? A CYS 58  ? 1_555 109.6 ? 
2 SG ? A CYS 56  ? A CYS 56  ? 1_555 ZN ? C ZN . ? A ZN 202 ? 1_555 SG  ? A CYS 116 ? A CYS 116 ? 1_555 106.4 ? 
3 SG ? A CYS 58  ? A CYS 58  ? 1_555 ZN ? C ZN . ? A ZN 202 ? 1_555 SG  ? A CYS 116 ? A CYS 116 ? 1_555 117.8 ? 
4 SG ? A CYS 56  ? A CYS 56  ? 1_555 ZN ? C ZN . ? A ZN 202 ? 1_555 ND1 ? A HIS 118 ? A HIS 118 ? 1_555 106.1 ? 
5 SG ? A CYS 58  ? A CYS 58  ? 1_555 ZN ? C ZN . ? A ZN 202 ? 1_555 ND1 ? A HIS 118 ? A HIS 118 ? 1_555 102.3 ? 
6 SG ? A CYS 116 ? A CYS 116 ? 1_555 ZN ? C ZN . ? A ZN 202 ? 1_555 ND1 ? A HIS 118 ? A HIS 118 ? 1_555 114.0 ? 
# 
_pdbx_modification_feature.ordinal                            1 
_pdbx_modification_feature.label_comp_id                      JH1 
_pdbx_modification_feature.label_asym_id                      B 
_pdbx_modification_feature.label_seq_id                       . 
_pdbx_modification_feature.label_alt_id                       ? 
_pdbx_modification_feature.modified_residue_label_comp_id     ASN 
_pdbx_modification_feature.modified_residue_label_asym_id     A 
_pdbx_modification_feature.modified_residue_label_seq_id      26 
_pdbx_modification_feature.modified_residue_label_alt_id      ? 
_pdbx_modification_feature.auth_comp_id                       JH1 
_pdbx_modification_feature.auth_asym_id                       A 
_pdbx_modification_feature.auth_seq_id                        201 
_pdbx_modification_feature.PDB_ins_code                       ? 
_pdbx_modification_feature.symmetry                           1_555 
_pdbx_modification_feature.modified_residue_auth_comp_id      ASN 
_pdbx_modification_feature.modified_residue_auth_asym_id      A 
_pdbx_modification_feature.modified_residue_auth_seq_id       26 
_pdbx_modification_feature.modified_residue_PDB_ins_code      ? 
_pdbx_modification_feature.modified_residue_symmetry          1_555 
_pdbx_modification_feature.comp_id_linking_atom               O09 
_pdbx_modification_feature.modified_residue_id_linking_atom   ND2 
_pdbx_modification_feature.modified_residue_id                ASN 
_pdbx_modification_feature.ref_pcm_id                         1 
_pdbx_modification_feature.ref_comp_id                        JH1 
_pdbx_modification_feature.type                               None 
_pdbx_modification_feature.category                           'Covalent chemical modification' 
# 
loop_
_struct_sheet.id 
_struct_sheet.type 
_struct_sheet.number_strands 
_struct_sheet.details 
AA1 ? 4 ? 
AA2 ? 7 ? 
# 
loop_
_struct_sheet_order.sheet_id 
_struct_sheet_order.range_id_1 
_struct_sheet_order.range_id_2 
_struct_sheet_order.offset 
_struct_sheet_order.sense 
AA1 1 2 ? anti-parallel 
AA1 2 3 ? anti-parallel 
AA1 3 4 ? anti-parallel 
AA2 1 2 ? anti-parallel 
AA2 2 3 ? anti-parallel 
AA2 3 4 ? anti-parallel 
AA2 4 5 ? anti-parallel 
AA2 5 6 ? anti-parallel 
AA2 6 7 ? anti-parallel 
# 
loop_
_struct_sheet_range.sheet_id 
_struct_sheet_range.id 
_struct_sheet_range.beg_label_comp_id 
_struct_sheet_range.beg_label_asym_id 
_struct_sheet_range.beg_label_seq_id 
_struct_sheet_range.pdbx_beg_PDB_ins_code 
_struct_sheet_range.end_label_comp_id 
_struct_sheet_range.end_label_asym_id 
_struct_sheet_range.end_label_seq_id 
_struct_sheet_range.pdbx_end_PDB_ins_code 
_struct_sheet_range.beg_auth_comp_id 
_struct_sheet_range.beg_auth_asym_id 
_struct_sheet_range.beg_auth_seq_id 
_struct_sheet_range.end_auth_comp_id 
_struct_sheet_range.end_auth_asym_id 
_struct_sheet_range.end_auth_seq_id 
AA1 1 ILE A 10  ? VAL A 12  ? ILE A 10  VAL A 12  
AA1 2 TYR A 15  ? ASN A 19  ? TYR A 15  ASN A 19  
AA1 3 LEU A 40  ? SER A 44  ? LEU A 40  SER A 44  
AA1 4 LEU A 31  ? ASP A 35  ? LEU A 31  ASP A 35  
AA2 1 LYS A 70  ? SER A 75  ? LYS A 70  SER A 75  
AA2 2 THR A 60  ? CYS A 65  ? THR A 60  CYS A 65  
AA2 3 ILE A 113 ? CYS A 116 ? ILE A 113 CYS A 116 
AA2 4 GLY A 119 ? THR A 126 ? GLY A 119 THR A 126 
AA2 5 LEU A 131 ? ASP A 136 ? LEU A 131 ASP A 136 
AA2 6 ARG A 93  ? VAL A 102 ? ARG A 93  VAL A 102 
AA2 7 SER A 80  ? VAL A 84  ? SER A 80  VAL A 84  
# 
loop_
_pdbx_struct_sheet_hbond.sheet_id 
_pdbx_struct_sheet_hbond.range_id_1 
_pdbx_struct_sheet_hbond.range_id_2 
_pdbx_struct_sheet_hbond.range_1_label_atom_id 
_pdbx_struct_sheet_hbond.range_1_label_comp_id 
_pdbx_struct_sheet_hbond.range_1_label_asym_id 
_pdbx_struct_sheet_hbond.range_1_label_seq_id 
_pdbx_struct_sheet_hbond.range_1_PDB_ins_code 
_pdbx_struct_sheet_hbond.range_1_auth_atom_id 
_pdbx_struct_sheet_hbond.range_1_auth_comp_id 
_pdbx_struct_sheet_hbond.range_1_auth_asym_id 
_pdbx_struct_sheet_hbond.range_1_auth_seq_id 
_pdbx_struct_sheet_hbond.range_2_label_atom_id 
_pdbx_struct_sheet_hbond.range_2_label_comp_id 
_pdbx_struct_sheet_hbond.range_2_label_asym_id 
_pdbx_struct_sheet_hbond.range_2_label_seq_id 
_pdbx_struct_sheet_hbond.range_2_PDB_ins_code 
_pdbx_struct_sheet_hbond.range_2_auth_atom_id 
_pdbx_struct_sheet_hbond.range_2_auth_comp_id 
_pdbx_struct_sheet_hbond.range_2_auth_asym_id 
_pdbx_struct_sheet_hbond.range_2_auth_seq_id 
AA1 1 2 N ILE A 10  ? N ILE A 10  O VAL A 17  ? O VAL A 17  
AA1 2 3 N VAL A 18  ? N VAL A 18  O LEU A 41  ? O LEU A 41  
AA1 3 4 O VAL A 42  ? O VAL A 42  N VAL A 32  ? N VAL A 32  
AA2 1 2 O LYS A 70  ? O LYS A 70  N CYS A 65  ? N CYS A 65  
AA2 2 3 N VAL A 62  ? N VAL A 62  O ARG A 115 ? O ARG A 115 
AA2 3 4 N LEU A 114 ? N LEU A 114 O VAL A 121 ? O VAL A 121 
AA2 4 5 N SER A 125 ? N SER A 125 O GLY A 133 ? O GLY A 133 
AA2 5 6 O PHE A 134 ? O PHE A 134 N MET A 99  ? N MET A 99  
AA2 6 7 O ARG A 93  ? O ARG A 93  N VAL A 84  ? N VAL A 84  
# 
_pdbx_entry_details.entry_id                   7H3Y 
_pdbx_entry_details.compound_details           ? 
_pdbx_entry_details.source_details             ? 
_pdbx_entry_details.nonpolymer_details         ? 
_pdbx_entry_details.sequence_details           ? 
_pdbx_entry_details.has_ligand_of_interest     ? 
_pdbx_entry_details.has_protein_modification   Y 
# 
loop_
_pdbx_validate_close_contact.id 
_pdbx_validate_close_contact.PDB_model_num 
_pdbx_validate_close_contact.auth_atom_id_1 
_pdbx_validate_close_contact.auth_asym_id_1 
_pdbx_validate_close_contact.auth_comp_id_1 
_pdbx_validate_close_contact.auth_seq_id_1 
_pdbx_validate_close_contact.PDB_ins_code_1 
_pdbx_validate_close_contact.label_alt_id_1 
_pdbx_validate_close_contact.auth_atom_id_2 
_pdbx_validate_close_contact.auth_asym_id_2 
_pdbx_validate_close_contact.auth_comp_id_2 
_pdbx_validate_close_contact.auth_seq_id_2 
_pdbx_validate_close_contact.PDB_ins_code_2 
_pdbx_validate_close_contact.label_alt_id_2 
_pdbx_validate_close_contact.dist 
1 1 ND2 A ASN 26  ? ? C08 A JH1 201 ? ? 2.02 
2 1 CG  A ASN 26  ? ? O09 A JH1 201 ? ? 2.14 
3 1 O   A HOH 331 ? ? O   A HOH 335 ? ? 2.15 
4 1 OH  A TYR 94  ? ? O   A HOH 301 ? ? 2.16 
5 1 OE1 A GLU 106 ? ? O   A HOH 302 ? ? 2.19 
# 
loop_
_pdbx_validate_symm_contact.id 
_pdbx_validate_symm_contact.PDB_model_num 
_pdbx_validate_symm_contact.auth_atom_id_1 
_pdbx_validate_symm_contact.auth_asym_id_1 
_pdbx_validate_symm_contact.auth_comp_id_1 
_pdbx_validate_symm_contact.auth_seq_id_1 
_pdbx_validate_symm_contact.PDB_ins_code_1 
_pdbx_validate_symm_contact.label_alt_id_1 
_pdbx_validate_symm_contact.site_symmetry_1 
_pdbx_validate_symm_contact.auth_atom_id_2 
_pdbx_validate_symm_contact.auth_asym_id_2 
_pdbx_validate_symm_contact.auth_comp_id_2 
_pdbx_validate_symm_contact.auth_seq_id_2 
_pdbx_validate_symm_contact.PDB_ins_code_2 
_pdbx_validate_symm_contact.label_alt_id_2 
_pdbx_validate_symm_contact.site_symmetry_2 
_pdbx_validate_symm_contact.dist 
1 1 O3 A SO4 208 ? ? 1_555 O4 A SO4 208 ? ? 2_556 0.73 
2 1 O2 A SO4 208 ? ? 1_555 O2 A SO4 208 ? ? 2_556 1.31 
3 1 S  A SO4 208 ? ? 1_555 O3 A SO4 208 ? ? 2_556 1.43 
4 1 S  A SO4 208 ? ? 1_555 S  A SO4 208 ? ? 2_556 1.70 
5 1 O3 A SO4 208 ? ? 1_555 O3 A SO4 208 ? ? 2_556 1.85 
6 1 S  A SO4 208 ? ? 1_555 O4 A SO4 208 ? ? 2_556 1.97 
7 1 S  A SO4 208 ? ? 1_555 O2 A SO4 208 ? ? 2_556 2.06 
# 
_pdbx_validate_rmsd_bond.id                        1 
_pdbx_validate_rmsd_bond.PDB_model_num             1 
_pdbx_validate_rmsd_bond.auth_atom_id_1            CD 
_pdbx_validate_rmsd_bond.auth_asym_id_1            A 
_pdbx_validate_rmsd_bond.auth_comp_id_1            GLU 
_pdbx_validate_rmsd_bond.auth_seq_id_1             106 
_pdbx_validate_rmsd_bond.PDB_ins_code_1            ? 
_pdbx_validate_rmsd_bond.label_alt_id_1            ? 
_pdbx_validate_rmsd_bond.auth_atom_id_2            OE2 
_pdbx_validate_rmsd_bond.auth_asym_id_2            A 
_pdbx_validate_rmsd_bond.auth_comp_id_2            GLU 
_pdbx_validate_rmsd_bond.auth_seq_id_2             106 
_pdbx_validate_rmsd_bond.PDB_ins_code_2            ? 
_pdbx_validate_rmsd_bond.label_alt_id_2            ? 
_pdbx_validate_rmsd_bond.bond_value                1.184 
_pdbx_validate_rmsd_bond.bond_target_value         1.252 
_pdbx_validate_rmsd_bond.bond_deviation            -0.068 
_pdbx_validate_rmsd_bond.bond_standard_deviation   0.011 
_pdbx_validate_rmsd_bond.linker_flag               N 
# 
_pdbx_distant_solvent_atoms.id                                1 
_pdbx_distant_solvent_atoms.PDB_model_num                     1 
_pdbx_distant_solvent_atoms.auth_atom_id                      O 
_pdbx_distant_solvent_atoms.label_alt_id                      ? 
_pdbx_distant_solvent_atoms.auth_asym_id                      A 
_pdbx_distant_solvent_atoms.auth_comp_id                      HOH 
_pdbx_distant_solvent_atoms.auth_seq_id                       532 
_pdbx_distant_solvent_atoms.PDB_ins_code                      ? 
_pdbx_distant_solvent_atoms.neighbor_macromolecule_distance   8.01 
_pdbx_distant_solvent_atoms.neighbor_ligand_distance          . 
# 
loop_
_pdbx_unobs_or_zero_occ_residues.id 
_pdbx_unobs_or_zero_occ_residues.PDB_model_num 
_pdbx_unobs_or_zero_occ_residues.polymer_flag 
_pdbx_unobs_or_zero_occ_residues.occupancy_flag 
_pdbx_unobs_or_zero_occ_residues.auth_asym_id 
_pdbx_unobs_or_zero_occ_residues.auth_comp_id 
_pdbx_unobs_or_zero_occ_residues.auth_seq_id 
_pdbx_unobs_or_zero_occ_residues.PDB_ins_code 
_pdbx_unobs_or_zero_occ_residues.label_asym_id 
_pdbx_unobs_or_zero_occ_residues.label_comp_id 
_pdbx_unobs_or_zero_occ_residues.label_seq_id 
1  1 Y 1 A GLN 1   ? A GLN 1   
2  1 Y 1 A GLU 2   ? A GLU 2   
3  1 Y 1 A GLN 3   ? A GLN 3   
4  1 Y 1 A THR 4   ? A THR 4   
5  1 Y 1 A GLY 5   ? A GLY 5   
6  1 Y 1 A GLY 6   ? A GLY 6   
7  1 Y 1 A ALA 147 ? A ALA 147 
8  1 Y 1 A MET 148 ? A MET 148 
9  1 Y 1 A GLU 149 ? A GLU 149 
10 1 Y 1 A GLN 150 ? A GLN 150 
# 
loop_
_chem_comp_atom.comp_id 
_chem_comp_atom.atom_id 
_chem_comp_atom.type_symbol 
_chem_comp_atom.pdbx_aromatic_flag 
_chem_comp_atom.pdbx_stereo_config 
_chem_comp_atom.pdbx_ordinal 
ALA N    N  N N 1   
ALA CA   C  N S 2   
ALA C    C  N N 3   
ALA O    O  N N 4   
ALA CB   C  N N 5   
ALA OXT  O  N N 6   
ALA H    H  N N 7   
ALA H2   H  N N 8   
ALA HA   H  N N 9   
ALA HB1  H  N N 10  
ALA HB2  H  N N 11  
ALA HB3  H  N N 12  
ALA HXT  H  N N 13  
ARG N    N  N N 14  
ARG CA   C  N S 15  
ARG C    C  N N 16  
ARG O    O  N N 17  
ARG CB   C  N N 18  
ARG CG   C  N N 19  
ARG CD   C  N N 20  
ARG NE   N  N N 21  
ARG CZ   C  N N 22  
ARG NH1  N  N N 23  
ARG NH2  N  N N 24  
ARG OXT  O  N N 25  
ARG H    H  N N 26  
ARG H2   H  N N 27  
ARG HA   H  N N 28  
ARG HB2  H  N N 29  
ARG HB3  H  N N 30  
ARG HG2  H  N N 31  
ARG HG3  H  N N 32  
ARG HD2  H  N N 33  
ARG HD3  H  N N 34  
ARG HE   H  N N 35  
ARG HH11 H  N N 36  
ARG HH12 H  N N 37  
ARG HH21 H  N N 38  
ARG HH22 H  N N 39  
ARG HXT  H  N N 40  
ASN N    N  N N 41  
ASN CA   C  N S 42  
ASN C    C  N N 43  
ASN O    O  N N 44  
ASN CB   C  N N 45  
ASN CG   C  N N 46  
ASN OD1  O  N N 47  
ASN ND2  N  N N 48  
ASN OXT  O  N N 49  
ASN H    H  N N 50  
ASN H2   H  N N 51  
ASN HA   H  N N 52  
ASN HB2  H  N N 53  
ASN HB3  H  N N 54  
ASN HD21 H  N N 55  
ASN HD22 H  N N 56  
ASN HXT  H  N N 57  
ASP N    N  N N 58  
ASP CA   C  N S 59  
ASP C    C  N N 60  
ASP O    O  N N 61  
ASP CB   C  N N 62  
ASP CG   C  N N 63  
ASP OD1  O  N N 64  
ASP OD2  O  N N 65  
ASP OXT  O  N N 66  
ASP H    H  N N 67  
ASP H2   H  N N 68  
ASP HA   H  N N 69  
ASP HB2  H  N N 70  
ASP HB3  H  N N 71  
ASP HD2  H  N N 72  
ASP HXT  H  N N 73  
CYS N    N  N N 74  
CYS CA   C  N R 75  
CYS C    C  N N 76  
CYS O    O  N N 77  
CYS CB   C  N N 78  
CYS SG   S  N N 79  
CYS OXT  O  N N 80  
CYS H    H  N N 81  
CYS H2   H  N N 82  
CYS HA   H  N N 83  
CYS HB2  H  N N 84  
CYS HB3  H  N N 85  
CYS HG   H  N N 86  
CYS HXT  H  N N 87  
DMS S    S  N N 88  
DMS O    O  N N 89  
DMS C1   C  N N 90  
DMS C2   C  N N 91  
DMS H11  H  N N 92  
DMS H12  H  N N 93  
DMS H13  H  N N 94  
DMS H21  H  N N 95  
DMS H22  H  N N 96  
DMS H23  H  N N 97  
GLN N    N  N N 98  
GLN CA   C  N S 99  
GLN C    C  N N 100 
GLN O    O  N N 101 
GLN CB   C  N N 102 
GLN CG   C  N N 103 
GLN CD   C  N N 104 
GLN OE1  O  N N 105 
GLN NE2  N  N N 106 
GLN OXT  O  N N 107 
GLN H    H  N N 108 
GLN H2   H  N N 109 
GLN HA   H  N N 110 
GLN HB2  H  N N 111 
GLN HB3  H  N N 112 
GLN HG2  H  N N 113 
GLN HG3  H  N N 114 
GLN HE21 H  N N 115 
GLN HE22 H  N N 116 
GLN HXT  H  N N 117 
GLU N    N  N N 118 
GLU CA   C  N S 119 
GLU C    C  N N 120 
GLU O    O  N N 121 
GLU CB   C  N N 122 
GLU CG   C  N N 123 
GLU CD   C  N N 124 
GLU OE1  O  N N 125 
GLU OE2  O  N N 126 
GLU OXT  O  N N 127 
GLU H    H  N N 128 
GLU H2   H  N N 129 
GLU HA   H  N N 130 
GLU HB2  H  N N 131 
GLU HB3  H  N N 132 
GLU HG2  H  N N 133 
GLU HG3  H  N N 134 
GLU HE2  H  N N 135 
GLU HXT  H  N N 136 
GLY N    N  N N 137 
GLY CA   C  N N 138 
GLY C    C  N N 139 
GLY O    O  N N 140 
GLY OXT  O  N N 141 
GLY H    H  N N 142 
GLY H2   H  N N 143 
GLY HA2  H  N N 144 
GLY HA3  H  N N 145 
GLY HXT  H  N N 146 
HIS N    N  N N 147 
HIS CA   C  N S 148 
HIS C    C  N N 149 
HIS O    O  N N 150 
HIS CB   C  N N 151 
HIS CG   C  Y N 152 
HIS ND1  N  Y N 153 
HIS CD2  C  Y N 154 
HIS CE1  C  Y N 155 
HIS NE2  N  Y N 156 
HIS OXT  O  N N 157 
HIS H    H  N N 158 
HIS H2   H  N N 159 
HIS HA   H  N N 160 
HIS HB2  H  N N 161 
HIS HB3  H  N N 162 
HIS HD1  H  N N 163 
HIS HD2  H  N N 164 
HIS HE1  H  N N 165 
HIS HE2  H  N N 166 
HIS HXT  H  N N 167 
HOH O    O  N N 168 
HOH H1   H  N N 169 
HOH H2   H  N N 170 
ILE N    N  N N 171 
ILE CA   C  N S 172 
ILE C    C  N N 173 
ILE O    O  N N 174 
ILE CB   C  N S 175 
ILE CG1  C  N N 176 
ILE CG2  C  N N 177 
ILE CD1  C  N N 178 
ILE OXT  O  N N 179 
ILE H    H  N N 180 
ILE H2   H  N N 181 
ILE HA   H  N N 182 
ILE HB   H  N N 183 
ILE HG12 H  N N 184 
ILE HG13 H  N N 185 
ILE HG21 H  N N 186 
ILE HG22 H  N N 187 
ILE HG23 H  N N 188 
ILE HD11 H  N N 189 
ILE HD12 H  N N 190 
ILE HD13 H  N N 191 
ILE HXT  H  N N 192 
JH1 C13  C  Y N 193 
JH1 C15  C  Y N 194 
JH1 C17  C  Y N 195 
JH1 C01  C  N N 196 
JH1 C02  C  N N 197 
JH1 N03  N  Y N 198 
JH1 C04  C  Y N 199 
JH1 C05  C  Y N 200 
JH1 C06  C  Y N 201 
JH1 N07  N  Y N 202 
JH1 C08  C  N N 203 
JH1 O09  O  N N 204 
JH1 N10  N  N N 205 
JH1 C11  C  N N 206 
JH1 C12  C  Y N 207 
JH1 C14  C  Y N 208 
JH1 C16  C  Y N 209 
JH1 F18  F  N N 210 
JH1 H131 H  N N 211 
JH1 H171 H  N N 212 
JH1 H012 H  N N 213 
JH1 H013 H  N N 214 
JH1 H011 H  N N 215 
JH1 H021 H  N N 216 
JH1 H022 H  N N 217 
JH1 H041 H  N N 218 
JH1 H061 H  N N 219 
JH1 H101 H  N N 220 
JH1 H111 H  N N 221 
JH1 H112 H  N N 222 
JH1 H141 H  N N 223 
JH1 H161 H  N N 224 
LEU N    N  N N 225 
LEU CA   C  N S 226 
LEU C    C  N N 227 
LEU O    O  N N 228 
LEU CB   C  N N 229 
LEU CG   C  N N 230 
LEU CD1  C  N N 231 
LEU CD2  C  N N 232 
LEU OXT  O  N N 233 
LEU H    H  N N 234 
LEU H2   H  N N 235 
LEU HA   H  N N 236 
LEU HB2  H  N N 237 
LEU HB3  H  N N 238 
LEU HG   H  N N 239 
LEU HD11 H  N N 240 
LEU HD12 H  N N 241 
LEU HD13 H  N N 242 
LEU HD21 H  N N 243 
LEU HD22 H  N N 244 
LEU HD23 H  N N 245 
LEU HXT  H  N N 246 
LYS N    N  N N 247 
LYS CA   C  N S 248 
LYS C    C  N N 249 
LYS O    O  N N 250 
LYS CB   C  N N 251 
LYS CG   C  N N 252 
LYS CD   C  N N 253 
LYS CE   C  N N 254 
LYS NZ   N  N N 255 
LYS OXT  O  N N 256 
LYS H    H  N N 257 
LYS H2   H  N N 258 
LYS HA   H  N N 259 
LYS HB2  H  N N 260 
LYS HB3  H  N N 261 
LYS HG2  H  N N 262 
LYS HG3  H  N N 263 
LYS HD2  H  N N 264 
LYS HD3  H  N N 265 
LYS HE2  H  N N 266 
LYS HE3  H  N N 267 
LYS HZ1  H  N N 268 
LYS HZ2  H  N N 269 
LYS HZ3  H  N N 270 
LYS HXT  H  N N 271 
MET N    N  N N 272 
MET CA   C  N S 273 
MET C    C  N N 274 
MET O    O  N N 275 
MET CB   C  N N 276 
MET CG   C  N N 277 
MET SD   S  N N 278 
MET CE   C  N N 279 
MET OXT  O  N N 280 
MET H    H  N N 281 
MET H2   H  N N 282 
MET HA   H  N N 283 
MET HB2  H  N N 284 
MET HB3  H  N N 285 
MET HG2  H  N N 286 
MET HG3  H  N N 287 
MET HE1  H  N N 288 
MET HE2  H  N N 289 
MET HE3  H  N N 290 
MET HXT  H  N N 291 
PHE N    N  N N 292 
PHE CA   C  N S 293 
PHE C    C  N N 294 
PHE O    O  N N 295 
PHE CB   C  N N 296 
PHE CG   C  Y N 297 
PHE CD1  C  Y N 298 
PHE CD2  C  Y N 299 
PHE CE1  C  Y N 300 
PHE CE2  C  Y N 301 
PHE CZ   C  Y N 302 
PHE OXT  O  N N 303 
PHE H    H  N N 304 
PHE H2   H  N N 305 
PHE HA   H  N N 306 
PHE HB2  H  N N 307 
PHE HB3  H  N N 308 
PHE HD1  H  N N 309 
PHE HD2  H  N N 310 
PHE HE1  H  N N 311 
PHE HE2  H  N N 312 
PHE HZ   H  N N 313 
PHE HXT  H  N N 314 
PRO N    N  N N 315 
PRO CA   C  N S 316 
PRO C    C  N N 317 
PRO O    O  N N 318 
PRO CB   C  N N 319 
PRO CG   C  N N 320 
PRO CD   C  N N 321 
PRO OXT  O  N N 322 
PRO H    H  N N 323 
PRO HA   H  N N 324 
PRO HB2  H  N N 325 
PRO HB3  H  N N 326 
PRO HG2  H  N N 327 
PRO HG3  H  N N 328 
PRO HD2  H  N N 329 
PRO HD3  H  N N 330 
PRO HXT  H  N N 331 
SER N    N  N N 332 
SER CA   C  N S 333 
SER C    C  N N 334 
SER O    O  N N 335 
SER CB   C  N N 336 
SER OG   O  N N 337 
SER OXT  O  N N 338 
SER H    H  N N 339 
SER H2   H  N N 340 
SER HA   H  N N 341 
SER HB2  H  N N 342 
SER HB3  H  N N 343 
SER HG   H  N N 344 
SER HXT  H  N N 345 
SO4 S    S  N N 346 
SO4 O1   O  N N 347 
SO4 O2   O  N N 348 
SO4 O3   O  N N 349 
SO4 O4   O  N N 350 
THR N    N  N N 351 
THR CA   C  N S 352 
THR C    C  N N 353 
THR O    O  N N 354 
THR CB   C  N R 355 
THR OG1  O  N N 356 
THR CG2  C  N N 357 
THR OXT  O  N N 358 
THR H    H  N N 359 
THR H2   H  N N 360 
THR HA   H  N N 361 
THR HB   H  N N 362 
THR HG1  H  N N 363 
THR HG21 H  N N 364 
THR HG22 H  N N 365 
THR HG23 H  N N 366 
THR HXT  H  N N 367 
TRP N    N  N N 368 
TRP CA   C  N S 369 
TRP C    C  N N 370 
TRP O    O  N N 371 
TRP CB   C  N N 372 
TRP CG   C  Y N 373 
TRP CD1  C  Y N 374 
TRP CD2  C  Y N 375 
TRP NE1  N  Y N 376 
TRP CE2  C  Y N 377 
TRP CE3  C  Y N 378 
TRP CZ2  C  Y N 379 
TRP CZ3  C  Y N 380 
TRP CH2  C  Y N 381 
TRP OXT  O  N N 382 
TRP H    H  N N 383 
TRP H2   H  N N 384 
TRP HA   H  N N 385 
TRP HB2  H  N N 386 
TRP HB3  H  N N 387 
TRP HD1  H  N N 388 
TRP HE1  H  N N 389 
TRP HE3  H  N N 390 
TRP HZ2  H  N N 391 
TRP HZ3  H  N N 392 
TRP HH2  H  N N 393 
TRP HXT  H  N N 394 
TYR N    N  N N 395 
TYR CA   C  N S 396 
TYR C    C  N N 397 
TYR O    O  N N 398 
TYR CB   C  N N 399 
TYR CG   C  Y N 400 
TYR CD1  C  Y N 401 
TYR CD2  C  Y N 402 
TYR CE1  C  Y N 403 
TYR CE2  C  Y N 404 
TYR CZ   C  Y N 405 
TYR OH   O  N N 406 
TYR OXT  O  N N 407 
TYR H    H  N N 408 
TYR H2   H  N N 409 
TYR HA   H  N N 410 
TYR HB2  H  N N 411 
TYR HB3  H  N N 412 
TYR HD1  H  N N 413 
TYR HD2  H  N N 414 
TYR HE1  H  N N 415 
TYR HE2  H  N N 416 
TYR HH   H  N N 417 
TYR HXT  H  N N 418 
VAL N    N  N N 419 
VAL CA   C  N S 420 
VAL C    C  N N 421 
VAL O    O  N N 422 
VAL CB   C  N N 423 
VAL CG1  C  N N 424 
VAL CG2  C  N N 425 
VAL OXT  O  N N 426 
VAL H    H  N N 427 
VAL H2   H  N N 428 
VAL HA   H  N N 429 
VAL HB   H  N N 430 
VAL HG11 H  N N 431 
VAL HG12 H  N N 432 
VAL HG13 H  N N 433 
VAL HG21 H  N N 434 
VAL HG22 H  N N 435 
VAL HG23 H  N N 436 
VAL HXT  H  N N 437 
ZN  ZN   ZN N N 438 
# 
loop_
_chem_comp_bond.comp_id 
_chem_comp_bond.atom_id_1 
_chem_comp_bond.atom_id_2 
_chem_comp_bond.value_order 
_chem_comp_bond.pdbx_aromatic_flag 
_chem_comp_bond.pdbx_stereo_config 
_chem_comp_bond.pdbx_ordinal 
ALA N   CA   sing N N 1   
ALA N   H    sing N N 2   
ALA N   H2   sing N N 3   
ALA CA  C    sing N N 4   
ALA CA  CB   sing N N 5   
ALA CA  HA   sing N N 6   
ALA C   O    doub N N 7   
ALA C   OXT  sing N N 8   
ALA CB  HB1  sing N N 9   
ALA CB  HB2  sing N N 10  
ALA CB  HB3  sing N N 11  
ALA OXT HXT  sing N N 12  
ARG N   CA   sing N N 13  
ARG N   H    sing N N 14  
ARG N   H2   sing N N 15  
ARG CA  C    sing N N 16  
ARG CA  CB   sing N N 17  
ARG CA  HA   sing N N 18  
ARG C   O    doub N N 19  
ARG C   OXT  sing N N 20  
ARG CB  CG   sing N N 21  
ARG CB  HB2  sing N N 22  
ARG CB  HB3  sing N N 23  
ARG CG  CD   sing N N 24  
ARG CG  HG2  sing N N 25  
ARG CG  HG3  sing N N 26  
ARG CD  NE   sing N N 27  
ARG CD  HD2  sing N N 28  
ARG CD  HD3  sing N N 29  
ARG NE  CZ   sing N N 30  
ARG NE  HE   sing N N 31  
ARG CZ  NH1  sing N N 32  
ARG CZ  NH2  doub N N 33  
ARG NH1 HH11 sing N N 34  
ARG NH1 HH12 sing N N 35  
ARG NH2 HH21 sing N N 36  
ARG NH2 HH22 sing N N 37  
ARG OXT HXT  sing N N 38  
ASN N   CA   sing N N 39  
ASN N   H    sing N N 40  
ASN N   H2   sing N N 41  
ASN CA  C    sing N N 42  
ASN CA  CB   sing N N 43  
ASN CA  HA   sing N N 44  
ASN C   O    doub N N 45  
ASN C   OXT  sing N N 46  
ASN CB  CG   sing N N 47  
ASN CB  HB2  sing N N 48  
ASN CB  HB3  sing N N 49  
ASN CG  OD1  doub N N 50  
ASN CG  ND2  sing N N 51  
ASN ND2 HD21 sing N N 52  
ASN ND2 HD22 sing N N 53  
ASN OXT HXT  sing N N 54  
ASP N   CA   sing N N 55  
ASP N   H    sing N N 56  
ASP N   H2   sing N N 57  
ASP CA  C    sing N N 58  
ASP CA  CB   sing N N 59  
ASP CA  HA   sing N N 60  
ASP C   O    doub N N 61  
ASP C   OXT  sing N N 62  
ASP CB  CG   sing N N 63  
ASP CB  HB2  sing N N 64  
ASP CB  HB3  sing N N 65  
ASP CG  OD1  doub N N 66  
ASP CG  OD2  sing N N 67  
ASP OD2 HD2  sing N N 68  
ASP OXT HXT  sing N N 69  
CYS N   CA   sing N N 70  
CYS N   H    sing N N 71  
CYS N   H2   sing N N 72  
CYS CA  C    sing N N 73  
CYS CA  CB   sing N N 74  
CYS CA  HA   sing N N 75  
CYS C   O    doub N N 76  
CYS C   OXT  sing N N 77  
CYS CB  SG   sing N N 78  
CYS CB  HB2  sing N N 79  
CYS CB  HB3  sing N N 80  
CYS SG  HG   sing N N 81  
CYS OXT HXT  sing N N 82  
DMS S   O    doub N N 83  
DMS S   C1   sing N N 84  
DMS S   C2   sing N N 85  
DMS C1  H11  sing N N 86  
DMS C1  H12  sing N N 87  
DMS C1  H13  sing N N 88  
DMS C2  H21  sing N N 89  
DMS C2  H22  sing N N 90  
DMS C2  H23  sing N N 91  
GLN N   CA   sing N N 92  
GLN N   H    sing N N 93  
GLN N   H2   sing N N 94  
GLN CA  C    sing N N 95  
GLN CA  CB   sing N N 96  
GLN CA  HA   sing N N 97  
GLN C   O    doub N N 98  
GLN C   OXT  sing N N 99  
GLN CB  CG   sing N N 100 
GLN CB  HB2  sing N N 101 
GLN CB  HB3  sing N N 102 
GLN CG  CD   sing N N 103 
GLN CG  HG2  sing N N 104 
GLN CG  HG3  sing N N 105 
GLN CD  OE1  doub N N 106 
GLN CD  NE2  sing N N 107 
GLN NE2 HE21 sing N N 108 
GLN NE2 HE22 sing N N 109 
GLN OXT HXT  sing N N 110 
GLU N   CA   sing N N 111 
GLU N   H    sing N N 112 
GLU N   H2   sing N N 113 
GLU CA  C    sing N N 114 
GLU CA  CB   sing N N 115 
GLU CA  HA   sing N N 116 
GLU C   O    doub N N 117 
GLU C   OXT  sing N N 118 
GLU CB  CG   sing N N 119 
GLU CB  HB2  sing N N 120 
GLU CB  HB3  sing N N 121 
GLU CG  CD   sing N N 122 
GLU CG  HG2  sing N N 123 
GLU CG  HG3  sing N N 124 
GLU CD  OE1  doub N N 125 
GLU CD  OE2  sing N N 126 
GLU OE2 HE2  sing N N 127 
GLU OXT HXT  sing N N 128 
GLY N   CA   sing N N 129 
GLY N   H    sing N N 130 
GLY N   H2   sing N N 131 
GLY CA  C    sing N N 132 
GLY CA  HA2  sing N N 133 
GLY CA  HA3  sing N N 134 
GLY C   O    doub N N 135 
GLY C   OXT  sing N N 136 
GLY OXT HXT  sing N N 137 
HIS N   CA   sing N N 138 
HIS N   H    sing N N 139 
HIS N   H2   sing N N 140 
HIS CA  C    sing N N 141 
HIS CA  CB   sing N N 142 
HIS CA  HA   sing N N 143 
HIS C   O    doub N N 144 
HIS C   OXT  sing N N 145 
HIS CB  CG   sing N N 146 
HIS CB  HB2  sing N N 147 
HIS CB  HB3  sing N N 148 
HIS CG  ND1  sing Y N 149 
HIS CG  CD2  doub Y N 150 
HIS ND1 CE1  doub Y N 151 
HIS ND1 HD1  sing N N 152 
HIS CD2 NE2  sing Y N 153 
HIS CD2 HD2  sing N N 154 
HIS CE1 NE2  sing Y N 155 
HIS CE1 HE1  sing N N 156 
HIS NE2 HE2  sing N N 157 
HIS OXT HXT  sing N N 158 
HOH O   H1   sing N N 159 
HOH O   H2   sing N N 160 
ILE N   CA   sing N N 161 
ILE N   H    sing N N 162 
ILE N   H2   sing N N 163 
ILE CA  C    sing N N 164 
ILE CA  CB   sing N N 165 
ILE CA  HA   sing N N 166 
ILE C   O    doub N N 167 
ILE C   OXT  sing N N 168 
ILE CB  CG1  sing N N 169 
ILE CB  CG2  sing N N 170 
ILE CB  HB   sing N N 171 
ILE CG1 CD1  sing N N 172 
ILE CG1 HG12 sing N N 173 
ILE CG1 HG13 sing N N 174 
ILE CG2 HG21 sing N N 175 
ILE CG2 HG22 sing N N 176 
ILE CG2 HG23 sing N N 177 
ILE CD1 HD11 sing N N 178 
ILE CD1 HD12 sing N N 179 
ILE CD1 HD13 sing N N 180 
ILE OXT HXT  sing N N 181 
JH1 C01 C02  sing N N 182 
JH1 C02 N03  sing N N 183 
JH1 N03 C04  sing Y N 184 
JH1 N03 N07  sing Y N 185 
JH1 C04 C05  doub Y N 186 
JH1 N07 C06  doub Y N 187 
JH1 C05 C08  sing N N 188 
JH1 C05 C06  sing Y N 189 
JH1 O09 C08  doub N N 190 
JH1 C08 N10  sing N N 191 
JH1 N10 C11  sing N N 192 
JH1 C11 C12  sing N N 193 
JH1 C13 C12  doub Y N 194 
JH1 C13 C14  sing Y N 195 
JH1 C12 C17  sing Y N 196 
JH1 C14 C15  doub Y N 197 
JH1 C17 C16  doub Y N 198 
JH1 C15 C16  sing Y N 199 
JH1 C15 F18  sing N N 200 
JH1 C13 H131 sing N N 201 
JH1 C17 H171 sing N N 202 
JH1 C01 H012 sing N N 203 
JH1 C01 H013 sing N N 204 
JH1 C01 H011 sing N N 205 
JH1 C02 H021 sing N N 206 
JH1 C02 H022 sing N N 207 
JH1 C04 H041 sing N N 208 
JH1 C06 H061 sing N N 209 
JH1 N10 H101 sing N N 210 
JH1 C11 H111 sing N N 211 
JH1 C11 H112 sing N N 212 
JH1 C14 H141 sing N N 213 
JH1 C16 H161 sing N N 214 
LEU N   CA   sing N N 215 
LEU N   H    sing N N 216 
LEU N   H2   sing N N 217 
LEU CA  C    sing N N 218 
LEU CA  CB   sing N N 219 
LEU CA  HA   sing N N 220 
LEU C   O    doub N N 221 
LEU C   OXT  sing N N 222 
LEU CB  CG   sing N N 223 
LEU CB  HB2  sing N N 224 
LEU CB  HB3  sing N N 225 
LEU CG  CD1  sing N N 226 
LEU CG  CD2  sing N N 227 
LEU CG  HG   sing N N 228 
LEU CD1 HD11 sing N N 229 
LEU CD1 HD12 sing N N 230 
LEU CD1 HD13 sing N N 231 
LEU CD2 HD21 sing N N 232 
LEU CD2 HD22 sing N N 233 
LEU CD2 HD23 sing N N 234 
LEU OXT HXT  sing N N 235 
LYS N   CA   sing N N 236 
LYS N   H    sing N N 237 
LYS N   H2   sing N N 238 
LYS CA  C    sing N N 239 
LYS CA  CB   sing N N 240 
LYS CA  HA   sing N N 241 
LYS C   O    doub N N 242 
LYS C   OXT  sing N N 243 
LYS CB  CG   sing N N 244 
LYS CB  HB2  sing N N 245 
LYS CB  HB3  sing N N 246 
LYS CG  CD   sing N N 247 
LYS CG  HG2  sing N N 248 
LYS CG  HG3  sing N N 249 
LYS CD  CE   sing N N 250 
LYS CD  HD2  sing N N 251 
LYS CD  HD3  sing N N 252 
LYS CE  NZ   sing N N 253 
LYS CE  HE2  sing N N 254 
LYS CE  HE3  sing N N 255 
LYS NZ  HZ1  sing N N 256 
LYS NZ  HZ2  sing N N 257 
LYS NZ  HZ3  sing N N 258 
LYS OXT HXT  sing N N 259 
MET N   CA   sing N N 260 
MET N   H    sing N N 261 
MET N   H2   sing N N 262 
MET CA  C    sing N N 263 
MET CA  CB   sing N N 264 
MET CA  HA   sing N N 265 
MET C   O    doub N N 266 
MET C   OXT  sing N N 267 
MET CB  CG   sing N N 268 
MET CB  HB2  sing N N 269 
MET CB  HB3  sing N N 270 
MET CG  SD   sing N N 271 
MET CG  HG2  sing N N 272 
MET CG  HG3  sing N N 273 
MET SD  CE   sing N N 274 
MET CE  HE1  sing N N 275 
MET CE  HE2  sing N N 276 
MET CE  HE3  sing N N 277 
MET OXT HXT  sing N N 278 
PHE N   CA   sing N N 279 
PHE N   H    sing N N 280 
PHE N   H2   sing N N 281 
PHE CA  C    sing N N 282 
PHE CA  CB   sing N N 283 
PHE CA  HA   sing N N 284 
PHE C   O    doub N N 285 
PHE C   OXT  sing N N 286 
PHE CB  CG   sing N N 287 
PHE CB  HB2  sing N N 288 
PHE CB  HB3  sing N N 289 
PHE CG  CD1  doub Y N 290 
PHE CG  CD2  sing Y N 291 
PHE CD1 CE1  sing Y N 292 
PHE CD1 HD1  sing N N 293 
PHE CD2 CE2  doub Y N 294 
PHE CD2 HD2  sing N N 295 
PHE CE1 CZ   doub Y N 296 
PHE CE1 HE1  sing N N 297 
PHE CE2 CZ   sing Y N 298 
PHE CE2 HE2  sing N N 299 
PHE CZ  HZ   sing N N 300 
PHE OXT HXT  sing N N 301 
PRO N   CA   sing N N 302 
PRO N   CD   sing N N 303 
PRO N   H    sing N N 304 
PRO CA  C    sing N N 305 
PRO CA  CB   sing N N 306 
PRO CA  HA   sing N N 307 
PRO C   O    doub N N 308 
PRO C   OXT  sing N N 309 
PRO CB  CG   sing N N 310 
PRO CB  HB2  sing N N 311 
PRO CB  HB3  sing N N 312 
PRO CG  CD   sing N N 313 
PRO CG  HG2  sing N N 314 
PRO CG  HG3  sing N N 315 
PRO CD  HD2  sing N N 316 
PRO CD  HD3  sing N N 317 
PRO OXT HXT  sing N N 318 
SER N   CA   sing N N 319 
SER N   H    sing N N 320 
SER N   H2   sing N N 321 
SER CA  C    sing N N 322 
SER CA  CB   sing N N 323 
SER CA  HA   sing N N 324 
SER C   O    doub N N 325 
SER C   OXT  sing N N 326 
SER CB  OG   sing N N 327 
SER CB  HB2  sing N N 328 
SER CB  HB3  sing N N 329 
SER OG  HG   sing N N 330 
SER OXT HXT  sing N N 331 
SO4 S   O1   doub N N 332 
SO4 S   O2   doub N N 333 
SO4 S   O3   sing N N 334 
SO4 S   O4   sing N N 335 
THR N   CA   sing N N 336 
THR N   H    sing N N 337 
THR N   H2   sing N N 338 
THR CA  C    sing N N 339 
THR CA  CB   sing N N 340 
THR CA  HA   sing N N 341 
THR C   O    doub N N 342 
THR C   OXT  sing N N 343 
THR CB  OG1  sing N N 344 
THR CB  CG2  sing N N 345 
THR CB  HB   sing N N 346 
THR OG1 HG1  sing N N 347 
THR CG2 HG21 sing N N 348 
THR CG2 HG22 sing N N 349 
THR CG2 HG23 sing N N 350 
THR OXT HXT  sing N N 351 
TRP N   CA   sing N N 352 
TRP N   H    sing N N 353 
TRP N   H2   sing N N 354 
TRP CA  C    sing N N 355 
TRP CA  CB   sing N N 356 
TRP CA  HA   sing N N 357 
TRP C   O    doub N N 358 
TRP C   OXT  sing N N 359 
TRP CB  CG   sing N N 360 
TRP CB  HB2  sing N N 361 
TRP CB  HB3  sing N N 362 
TRP CG  CD1  doub Y N 363 
TRP CG  CD2  sing Y N 364 
TRP CD1 NE1  sing Y N 365 
TRP CD1 HD1  sing N N 366 
TRP CD2 CE2  doub Y N 367 
TRP CD2 CE3  sing Y N 368 
TRP NE1 CE2  sing Y N 369 
TRP NE1 HE1  sing N N 370 
TRP CE2 CZ2  sing Y N 371 
TRP CE3 CZ3  doub Y N 372 
TRP CE3 HE3  sing N N 373 
TRP CZ2 CH2  doub Y N 374 
TRP CZ2 HZ2  sing N N 375 
TRP CZ3 CH2  sing Y N 376 
TRP CZ3 HZ3  sing N N 377 
TRP CH2 HH2  sing N N 378 
TRP OXT HXT  sing N N 379 
TYR N   CA   sing N N 380 
TYR N   H    sing N N 381 
TYR N   H2   sing N N 382 
TYR CA  C    sing N N 383 
TYR CA  CB   sing N N 384 
TYR CA  HA   sing N N 385 
TYR C   O    doub N N 386 
TYR C   OXT  sing N N 387 
TYR CB  CG   sing N N 388 
TYR CB  HB2  sing N N 389 
TYR CB  HB3  sing N N 390 
TYR CG  CD1  doub Y N 391 
TYR CG  CD2  sing Y N 392 
TYR CD1 CE1  sing Y N 393 
TYR CD1 HD1  sing N N 394 
TYR CD2 CE2  doub Y N 395 
TYR CD2 HD2  sing N N 396 
TYR CE1 CZ   doub Y N 397 
TYR CE1 HE1  sing N N 398 
TYR CE2 CZ   sing Y N 399 
TYR CE2 HE2  sing N N 400 
TYR CZ  OH   sing N N 401 
TYR OH  HH   sing N N 402 
TYR OXT HXT  sing N N 403 
VAL N   CA   sing N N 404 
VAL N   H    sing N N 405 
VAL N   H2   sing N N 406 
VAL CA  C    sing N N 407 
VAL CA  CB   sing N N 408 
VAL CA  HA   sing N N 409 
VAL C   O    doub N N 410 
VAL C   OXT  sing N N 411 
VAL CB  CG1  sing N N 412 
VAL CB  CG2  sing N N 413 
VAL CB  HB   sing N N 414 
VAL CG1 HG11 sing N N 415 
VAL CG1 HG12 sing N N 416 
VAL CG1 HG13 sing N N 417 
VAL CG2 HG21 sing N N 418 
VAL CG2 HG22 sing N N 419 
VAL CG2 HG23 sing N N 420 
VAL OXT HXT  sing N N 421 
# 
_pdbx_audit_support.funding_organization   
'National Institutes of Health/National Institute Of Allergy and Infectious Diseases (NIH/NIAID)' 
_pdbx_audit_support.country                'United States' 
_pdbx_audit_support.grant_number           U19AI171399 
_pdbx_audit_support.ordinal                1 
# 
_pdbx_deposit_group.group_id            G_1002288 
_pdbx_deposit_group.group_description   'Crystallographic fragment screening of Coxsackievirus A16 (G-10) 2A protease' 
_pdbx_deposit_group.group_title         
'Group deposition for crystallographic fragment screening of Coxsackievirus A16 (G-10) 2A protease' 
_pdbx_deposit_group.group_type          'changed state' 
# 
_atom_sites.entry_id                    7H3Y 
_atom_sites.fract_transf_matrix[1][1]   0.00879708 
_atom_sites.fract_transf_matrix[1][2]   0.00645355 
_atom_sites.fract_transf_matrix[1][3]   -0.00408269 
_atom_sites.fract_transf_matrix[2][1]   0.01149538 
_atom_sites.fract_transf_matrix[2][2]   -0.01000737 
_atom_sites.fract_transf_matrix[2][3]   0.00895066 
_atom_sites.fract_transf_matrix[3][1]   0.00470086 
_atom_sites.fract_transf_matrix[3][2]   -0.01722392 
_atom_sites.fract_transf_matrix[3][3]   -0.02529470 
_atom_sites.fract_transf_vector[1]      0.184861 
_atom_sites.fract_transf_vector[2]      0.124538 
_atom_sites.fract_transf_vector[3]      0.447828 
# 
loop_
_atom_type.symbol 
C  
F  
N  
O  
S  
ZN 
# 
loop_
_atom_site.group_PDB 
_atom_site.id 
_atom_site.type_symbol 
_atom_site.label_atom_id 
_atom_site.label_alt_id 
_atom_site.label_comp_id 
_atom_site.label_asym_id 
_atom_site.label_entity_id 
_atom_site.label_seq_id 
_atom_site.pdbx_PDB_ins_code 
_atom_site.Cartn_x 
_atom_site.Cartn_y 
_atom_site.Cartn_z 
_atom_site.occupancy 
_atom_site.B_iso_or_equiv 
_atom_site.pdbx_formal_charge 
_atom_site.auth_seq_id 
_atom_site.auth_comp_id 
_atom_site.auth_asym_id 
_atom_site.auth_atom_id 
_atom_site.pdbx_PDB_model_num 
ATOM   1    N  N   . SER A 1 7   ? 3.756   -3.325  -9.572  1.00 15.02 ? 7   SER A N   1 
ATOM   2    C  CA  . SER A 1 7   ? 4.616   -2.208  -9.219  1.00 14.59 ? 7   SER A CA  1 
ATOM   3    C  C   . SER A 1 7   ? 3.770   -0.964  -8.978  1.00 13.89 ? 7   SER A C   1 
ATOM   4    O  O   . SER A 1 7   ? 2.586   -0.905  -9.411  1.00 15.49 ? 7   SER A O   1 
ATOM   5    C  CB  . SER A 1 7   ? 5.670   -1.981  -10.278 1.00 17.37 ? 7   SER A CB  1 
ATOM   6    O  OG  . SER A 1 7   ? 5.037   -1.534  -11.438 1.00 22.19 ? 7   SER A OG  1 
ATOM   7    N  N   . GLY A 1 8   ? 4.364   -0.007  -8.294  1.00 12.80 ? 8   GLY A N   1 
ATOM   8    C  CA  . GLY A 1 8   ? 3.735   1.282   -8.066  1.00 12.37 ? 8   GLY A CA  1 
ATOM   9    C  C   . GLY A 1 8   ? 4.186   1.930   -6.779  1.00 12.01 ? 8   GLY A C   1 
ATOM   10   O  O   . GLY A 1 8   ? 4.595   1.269   -5.863  1.00 14.32 ? 8   GLY A O   1 
ATOM   11   N  N   . ALA A 1 9   ? 4.030   3.242   -6.674  1.00 11.69 ? 9   ALA A N   1 
ATOM   12   C  CA  . ALA A 1 9   ? 4.437   4.020   -5.510  1.00 12.21 ? 9   ALA A CA  1 
ATOM   13   C  C   . ALA A 1 9   ? 3.413   5.117   -5.258  1.00 11.07 ? 9   ALA A C   1 
ATOM   14   O  O   . ALA A 1 9   ? 2.668   5.522   -6.174  1.00 12.43 ? 9   ALA A O   1 
ATOM   15   C  CB  . ALA A 1 9   ? 5.795   4.643   -5.675  1.00 13.10 ? 9   ALA A CB  1 
ATOM   16   N  N   . ILE A 1 10  ? 3.461   5.639   -4.051  1.00 10.94 ? 10  ILE A N   1 
ATOM   17   C  CA  . ILE A 1 10  ? 2.788   6.902   -3.686  1.00 11.86 ? 10  ILE A CA  1 
ATOM   18   C  C   . ILE A 1 10  ? 3.870   7.966   -3.623  1.00 12.45 ? 10  ILE A C   1 
ATOM   19   O  O   . ILE A 1 10  ? 4.893   7.730   -2.967  1.00 12.69 ? 10  ILE A O   1 
ATOM   20   C  CB  . ILE A 1 10  ? 2.047   6.801   -2.334  1.00 11.10 ? 10  ILE A CB  1 
ATOM   21   C  CG1 . ILE A 1 10  ? 1.127   5.577   -2.244  1.00 11.04 ? 10  ILE A CG1 1 
ATOM   22   C  CG2 . ILE A 1 10  ? 1.246   8.072   -2.083  1.00 12.49 ? 10  ILE A CG2 1 
ATOM   23   C  CD1 . ILE A 1 10  ? 0.713   5.265   -0.825  1.00 11.26 ? 10  ILE A CD1 1 
ATOM   24   N  N   . TYR A 1 11  ? 3.559   9.154   -4.142  1.00 14.33 ? 11  TYR A N   1 
ATOM   25   C  CA  . TYR A 1 11  ? 4.482   10.314  -4.187  1.00 15.80 ? 11  TYR A CA  1 
ATOM   26   C  C   . TYR A 1 11  ? 3.782   11.470  -3.488  1.00 14.99 ? 11  TYR A C   1 
ATOM   27   O  O   . TYR A 1 11  ? 2.949   12.119  -4.138  1.00 16.63 ? 11  TYR A O   1 
ATOM   28   C  CB  . TYR A 1 11  ? 4.905   10.654  -5.616  1.00 16.76 ? 11  TYR A CB  1 
ATOM   29   C  CG  . TYR A 1 11  ? 5.751   9.568   -6.229  1.00 16.38 ? 11  TYR A CG  1 
ATOM   30   C  CD1 . TYR A 1 11  ? 7.099   9.449   -5.921  1.00 17.41 ? 11  TYR A CD1 1 
ATOM   31   C  CD2 . TYR A 1 11  ? 5.228   8.687   -7.136  1.00 18.48 ? 11  TYR A CD2 1 
ATOM   32   C  CE1 . TYR A 1 11  ? 7.879   8.444   -6.476  1.00 16.53 ? 11  TYR A CE1 1 
ATOM   33   C  CE2 . TYR A 1 11  ? 5.985   7.674   -7.703  1.00 19.43 ? 11  TYR A CE2 1 
ATOM   34   C  CZ  . TYR A 1 11  ? 7.315   7.553   -7.356  1.00 18.93 ? 11  TYR A CZ  1 
ATOM   35   O  OH  . TYR A 1 11  ? 8.037   6.537   -7.949  1.00 18.52 ? 11  TYR A OH  1 
ATOM   36   N  N   . VAL A 1 12  ? 4.139   11.650  -2.254  1.00 14.52 ? 12  VAL A N   1 
ATOM   37   C  CA  . VAL A 1 12  ? 3.576   12.709  -1.374  1.00 15.87 ? 12  VAL A CA  1 
ATOM   38   C  C   . VAL A 1 12  ? 4.727   13.552  -0.842  1.00 16.00 ? 12  VAL A C   1 
ATOM   39   O  O   . VAL A 1 12  ? 5.669   13.057  -0.202  1.00 17.39 ? 12  VAL A O   1 
ATOM   40   C  CB  . VAL A 1 12  ? 2.681   12.133  -0.259  1.00 15.73 ? 12  VAL A CB  1 
ATOM   41   C  CG1 . VAL A 1 12  ? 3.339   11.119  0.631   1.00 15.39 ? 12  VAL A CG1 1 
ATOM   42   C  CG2 . VAL A 1 12  ? 2.097   13.259  0.575   1.00 15.84 ? 12  VAL A CG2 1 
ATOM   43   N  N   . GLY A 1 13  ? 4.600   14.879  -0.992  1.00 18.41 ? 13  GLY A N   1 
ATOM   44   C  CA  . GLY A 1 13  ? 5.724   15.751  -0.651  1.00 18.80 ? 13  GLY A CA  1 
ATOM   45   C  C   . GLY A 1 13  ? 7.038   15.292  -1.311  1.00 15.11 ? 13  GLY A C   1 
ATOM   46   O  O   . GLY A 1 13  ? 7.006   14.998  -2.500  1.00 17.99 ? 13  GLY A O   1 
ATOM   47   N  N   . ASN A 1 14  ? 8.020   15.163  -0.446  1.00 19.00 ? 14  ASN A N   1 
ATOM   48   C  CA  . ASN A 1 14  ? 9.364   14.656  -0.825  1.00 20.23 ? 14  ASN A CA  1 
ATOM   49   C  C   . ASN A 1 14  ? 9.543   13.214  -0.335  1.00 20.76 ? 14  ASN A C   1 
ATOM   50   O  O   . ASN A 1 14  ? 10.659  12.825  0.082   1.00 19.65 ? 14  ASN A O   1 
ATOM   51   C  CB  . ASN A 1 14  ? 10.458  15.658  -0.449  1.00 23.41 ? 14  ASN A CB  1 
ATOM   52   C  CG  . ASN A 1 14  ? 10.422  16.864  -1.384  1.00 24.05 ? 14  ASN A CG  1 
ATOM   53   O  OD1 . ASN A 1 14  ? 11.041  16.877  -2.447  1.00 29.21 ? 14  ASN A OD1 1 
ATOM   54   N  ND2 . ASN A 1 14  ? 9.587   17.835  -1.069  1.00 22.72 ? 14  ASN A ND2 1 
ATOM   55   N  N   . TYR A 1 15  ? 8.448   12.438  -0.348  1.00 17.59 ? 15  TYR A N   1 
ATOM   56   C  CA  . TYR A 1 15  ? 8.483   11.022  0.084   1.00 15.22 ? 15  TYR A CA  1 
ATOM   57   C  C   . TYR A 1 15  ? 7.956   10.176  -1.068  1.00 14.10 ? 15  TYR A C   1 
ATOM   58   O  O   . TYR A 1 15  ? 7.095   10.528  -1.877  1.00 14.39 ? 15  TYR A O   1 
ATOM   59   C  CB  . TYR A 1 15  ? 7.625   10.798  1.329   1.00 16.08 ? 15  TYR A CB  1 
ATOM   60   C  CG  . TYR A 1 15  ? 8.023   11.574  2.541   1.00 17.04 ? 15  TYR A CG  1 
ATOM   61   C  CD1 . TYR A 1 15  ? 9.272   11.432  3.126   1.00 18.60 ? 15  TYR A CD1 1 
ATOM   62   C  CD2 . TYR A 1 15  ? 7.115   12.427  3.157   1.00 18.65 ? 15  TYR A CD2 1 
ATOM   63   C  CE1 . TYR A 1 15  ? 9.636   12.152  4.255   1.00 20.36 ? 15  TYR A CE1 1 
ATOM   64   C  CE2 . TYR A 1 15  ? 7.452   13.117  4.303   1.00 19.61 ? 15  TYR A CE2 1 
ATOM   65   C  CZ  . TYR A 1 15  ? 8.702   12.971  4.869   1.00 21.20 ? 15  TYR A CZ  1 
ATOM   66   O  OH  . TYR A 1 15  ? 9.034   13.684  5.986   1.00 27.27 ? 15  TYR A OH  1 
ATOM   67   N  N   . ARG A 1 16  ? 8.536   8.964   -1.135  1.00 13.73 ? 16  ARG A N   1 
ATOM   68   C  CA  . ARG A 1 16  ? 8.170   7.894   -2.053  1.00 13.20 ? 16  ARG A CA  1 
ATOM   69   C  C   . ARG A 1 16  ? 7.815   6.711   -1.175  1.00 12.37 ? 16  ARG A C   1 
ATOM   70   O  O   . ARG A 1 16  ? 8.653   6.272   -0.375  1.00 12.86 ? 16  ARG A O   1 
ATOM   71   C  CB  . ARG A 1 16  ? 9.293   7.564   -3.038  1.00 13.28 ? 16  ARG A CB  1 
ATOM   72   C  CG  . ARG A 1 16  ? 9.172   6.213   -3.724  1.00 13.60 ? 16  ARG A CG  1 
ATOM   73   C  CD  . ARG A 1 16  ? 10.246  6.066   -4.809  1.00 13.64 ? 16  ARG A CD  1 
ATOM   74   N  NE  . ARG A 1 16  ? 10.714  4.694   -4.957  1.00 13.90 ? 16  ARG A NE  1 
ATOM   75   C  CZ  . ARG A 1 16  ? 10.292  3.839   -5.847  1.00 14.64 ? 16  ARG A CZ  1 
ATOM   76   N  NH1 . ARG A 1 16  ? 9.333   4.150   -6.710  1.00 17.57 ? 16  ARG A NH1 1 
ATOM   77   N  NH2 . ARG A 1 16  ? 10.818  2.624   -5.864  1.00 14.86 ? 16  ARG A NH2 1 
ATOM   78   N  N   . VAL A 1 17  ? 6.580   6.222   -1.311  1.00 11.38 ? 17  VAL A N   1 
ATOM   79   C  CA  . VAL A 1 17  ? 6.082   5.100   -0.490  1.00 11.15 ? 17  VAL A CA  1 
ATOM   80   C  C   . VAL A 1 17  ? 5.933   3.914   -1.417  1.00 9.93  ? 17  VAL A C   1 
ATOM   81   O  O   . VAL A 1 17  ? 5.187   3.982   -2.385  1.00 10.97 ? 17  VAL A O   1 
ATOM   82   C  CB  . VAL A 1 17  ? 4.727   5.391   0.170   1.00 10.62 ? 17  VAL A CB  1 
ATOM   83   C  CG1 . VAL A 1 17  ? 4.377   4.215   1.114   1.00 11.00 ? 17  VAL A CG1 1 
ATOM   84   C  CG2 . VAL A 1 17  ? 4.727   6.763   0.833   1.00 12.25 ? 17  VAL A CG2 1 
ATOM   85   N  N   . VAL A 1 18  ? 6.645   2.853   -1.109  1.00 9.90  ? 18  VAL A N   1 
ATOM   86   C  CA  . VAL A 1 18  ? 6.681   1.641   -1.933  1.00 10.52 ? 18  VAL A CA  1 
ATOM   87   C  C   . VAL A 1 18  ? 6.457   0.425   -1.059  1.00 9.45  ? 18  VAL A C   1 
ATOM   88   O  O   . VAL A 1 18  ? 6.638   0.454   0.144   1.00 10.16 ? 18  VAL A O   1 
ATOM   89   C  CB  . VAL A 1 18  ? 7.977   1.468   -2.735  1.00 11.27 ? 18  VAL A CB  1 
ATOM   90   C  CG1 . VAL A 1 18  ? 7.959   2.468   -3.861  1.00 13.74 ? 18  VAL A CG1 1 
ATOM   91   C  CG2 . VAL A 1 18  ? 9.237   1.446   -1.886  1.00 11.20 ? 18  VAL A CG2 1 
ATOM   92   N  N   . ASN A 1 19  ? 6.059   -0.657  -1.720  1.00 9.48  ? 19  ASN A N   1 
ATOM   93   C  CA  . ASN A 1 19  ? 6.126   -1.943  -1.002  1.00 9.34  ? 19  ASN A CA  1 
ATOM   94   C  C   . ASN A 1 19  ? 7.560   -2.241  -0.579  1.00 9.35  ? 19  ASN A C   1 
ATOM   95   O  O   . ASN A 1 19  ? 8.453   -2.142  -1.423  1.00 9.56  ? 19  ASN A O   1 
ATOM   96   C  CB  . ASN A 1 19  ? 5.640   -3.100  -1.869  1.00 9.14  ? 19  ASN A CB  1 
ATOM   97   C  CG  . ASN A 1 19  ? 4.199   -2.965  -2.313  1.00 8.99  ? 19  ASN A CG  1 
ATOM   98   O  OD1 . ASN A 1 19  ? 3.899   -2.438  -3.371  1.00 10.20 ? 19  ASN A OD1 1 
ATOM   99   N  ND2 . ASN A 1 19  ? 3.289   -3.479  -1.503  1.00 10.17 ? 19  ASN A ND2 1 
ATOM   100  N  N   . ARG A 1 20  ? 7.752   -2.615  0.670   1.00 9.20  ? 20  ARG A N   1 
ATOM   101  C  CA  . ARG A 1 20  ? 9.120   -2.899  1.142   1.00 10.32 ? 20  ARG A CA  1 
ATOM   102  C  C   . ARG A 1 20  ? 9.800   -3.938  0.260   1.00 10.72 ? 20  ARG A C   1 
ATOM   103  O  O   . ARG A 1 20  ? 11.002  -3.788  -0.068  1.00 10.70 ? 20  ARG A O   1 
ATOM   104  C  CB  . ARG A 1 20  ? 9.120   -3.343  2.595   1.00 10.62 ? 20  ARG A CB  1 
ATOM   105  C  CG  . ARG A 1 20  ? 10.510  -3.396  3.226   1.00 11.36 ? 20  ARG A CG  1 
ATOM   106  C  CD  . ARG A 1 20  ? 10.395  -3.850  4.646   1.00 12.18 ? 20  ARG A CD  1 
ATOM   107  N  NE  . ARG A 1 20  ? 11.668  -3.943  5.373   1.00 13.31 ? 20  ARG A NE  1 
ATOM   108  C  CZ  . ARG A 1 20  ? 12.478  -4.958  5.348   1.00 13.08 ? 20  ARG A CZ  1 
ATOM   109  N  NH1 . ARG A 1 20  ? 12.303  -5.971  4.531   1.00 16.37 ? 20  ARG A NH1 1 
ATOM   110  N  NH2 . ARG A 1 20  ? 13.553  -4.947  6.134   1.00 16.19 ? 20  ARG A NH2 1 
ATOM   111  N  N   . HIS A 1 21  ? 9.044   -4.952  -0.164  1.00 10.29 ? 21  HIS A N   1 
ATOM   112  C  CA  . HIS A 1 21  ? 9.642   -6.067  -0.929  1.00 10.49 ? 21  HIS A CA  1 
ATOM   113  C  C   . HIS A 1 21  ? 10.023  -5.619  -2.319  1.00 10.51 ? 21  HIS A C   1 
ATOM   114  O  O   . HIS A 1 21  ? 10.754  -6.387  -2.979  1.00 11.88 ? 21  HIS A O   1 
ATOM   115  C  CB  . HIS A 1 21  ? 8.769   -7.320  -0.917  1.00 10.56 ? 21  HIS A CB  1 
ATOM   116  C  CG  . HIS A 1 21  ? 7.538   -7.222  -1.772  1.00 10.88 ? 21  HIS A CG  1 
ATOM   117  N  ND1 . HIS A 1 21  ? 6.323   -6.711  -1.289  1.00 10.92 ? 21  HIS A ND1 1 
ATOM   118  C  CD2 . HIS A 1 21  ? 7.311   -7.644  -3.041  1.00 10.98 ? 21  HIS A CD2 1 
ATOM   119  C  CE1 . HIS A 1 21  ? 5.435   -6.779  -2.260  1.00 10.29 ? 21  HIS A CE1 1 
ATOM   120  N  NE2 . HIS A 1 21  ? 5.981   -7.337  -3.340  1.00 11.39 ? 21  HIS A NE2 1 
ATOM   121  N  N   . LEU A 1 22  ? 9.572   -4.479  -2.804  1.00 9.73  ? 22  LEU A N   1 
ATOM   122  C  CA  . LEU A 1 22  ? 9.914   -3.933  -4.130  1.00 10.06 ? 22  LEU A CA  1 
ATOM   123  C  C   . LEU A 1 22  ? 10.870  -2.741  -4.032  1.00 10.57 ? 22  LEU A C   1 
ATOM   124  O  O   . LEU A 1 22  ? 11.225  -2.173  -5.099  1.00 11.90 ? 22  LEU A O   1 
ATOM   125  C  CB  . LEU A 1 22  ? 8.630   -3.534  -4.851  1.00 10.35 ? 22  LEU A CB  1 
ATOM   126  C  CG  . LEU A 1 22  ? 7.680   -4.706  -5.150  1.00 10.57 ? 22  LEU A CG  1 
ATOM   127  C  CD1 . LEU A 1 22  ? 6.488   -4.185  -5.932  1.00 11.17 ? 22  LEU A CD1 1 
ATOM   128  C  CD2 . LEU A 1 22  ? 8.388   -5.809  -5.991  1.00 11.73 ? 22  LEU A CD2 1 
ATOM   129  N  N   . ALA A 1 23  ? 11.299  -2.372  -2.847  1.00 10.23 ? 23  ALA A N   1 
ATOM   130  C  CA  . ALA A 1 23  ? 12.202  -1.221  -2.686  1.00 10.82 ? 23  ALA A CA  1 
ATOM   131  C  C   . ALA A 1 23  ? 13.513  -1.494  -3.432  1.00 11.03 ? 23  ALA A C   1 
ATOM   132  O  O   . ALA A 1 23  ? 14.021  -2.645  -3.369  1.00 12.63 ? 23  ALA A O   1 
ATOM   133  C  CB  . ALA A 1 23  ? 12.449  -0.956  -1.216  1.00 11.41 ? 23  ALA A CB  1 
ATOM   134  N  N   . THR A 1 24  ? 14.091  -0.457  -3.997  1.00 11.95 ? 24  THR A N   1 
ATOM   135  C  CA  . THR A 1 24  ? 15.340  -0.570  -4.785  1.00 12.55 ? 24  THR A CA  1 
ATOM   136  C  C   . THR A 1 24  ? 16.542  -0.260  -3.898  1.00 12.16 ? 24  THR A C   1 
ATOM   137  O  O   . THR A 1 24  ? 16.380  0.164   -2.760  1.00 11.67 ? 24  THR A O   1 
ATOM   138  C  CB  . THR A 1 24  ? 15.313  0.395   -5.973  1.00 12.94 ? 24  THR A CB  1 
ATOM   139  O  OG1 . THR A 1 24  ? 15.309  1.728   -5.467  1.00 13.34 ? 24  THR A OG1 1 
ATOM   140  C  CG2 . THR A 1 24  ? 14.134  0.157   -6.895  1.00 14.06 ? 24  THR A CG2 1 
ATOM   141  N  N   . HIS A 1 25  ? 17.772  -0.464  -4.425  1.00 12.66 ? 25  HIS A N   1 
ATOM   142  C  CA  . HIS A 1 25  ? 18.954  -0.034  -3.664  1.00 13.03 ? 25  HIS A CA  1 
ATOM   143  C  C   . HIS A 1 25  ? 18.890  1.481   -3.414  1.00 12.35 ? 25  HIS A C   1 
ATOM   144  O  O   . HIS A 1 25  ? 19.186  1.888   -2.314  1.00 12.64 ? 25  HIS A O   1 
ATOM   145  C  CB  . HIS A 1 25  ? 20.248  -0.437  -4.394  1.00 14.33 ? 25  HIS A CB  1 
ATOM   146  C  CG  . HIS A 1 25  ? 21.414  0.379   -3.910  1.00 16.27 ? 25  HIS A CG  1 
ATOM   147  N  ND1 . HIS A 1 25  ? 22.135  0.078   -2.764  1.00 16.24 ? 25  HIS A ND1 1 
ATOM   148  C  CD2 . HIS A 1 25  ? 21.950  1.546   -4.386  1.00 18.49 ? 25  HIS A CD2 1 
ATOM   149  C  CE1 . HIS A 1 25  ? 23.110  0.945   -2.611  1.00 17.32 ? 25  HIS A CE1 1 
ATOM   150  N  NE2 . HIS A 1 25  ? 22.979  1.895   -3.556  1.00 20.55 ? 25  HIS A NE2 1 
ATOM   151  N  N   . ASN A 1 26  ? 18.428  2.258   -4.387  1.00 13.12 ? 26  ASN A N   1 
ATOM   152  C  CA  . ASN A 1 26  ? 18.342  3.734   -4.222  1.00 14.38 ? 26  ASN A CA  1 
ATOM   153  C  C   . ASN A 1 26  ? 17.322  4.082   -3.116  1.00 12.44 ? 26  ASN A C   1 
ATOM   154  O  O   . ASN A 1 26  ? 17.526  4.986   -2.345  1.00 13.13 ? 26  ASN A O   1 
ATOM   155  C  CB  . ASN A 1 26  ? 17.918  4.462   -5.487  1.00 17.80 ? 26  ASN A CB  1 
ATOM   156  C  CG  . ASN A 1 26  ? 17.920  5.963   -5.270  1.00 27.23 ? 26  ASN A CG  1 
ATOM   157  O  OD1 . ASN A 1 26  ? 18.988  6.577   -5.242  1.00 32.52 ? 26  ASN A OD1 1 
ATOM   158  N  ND2 . ASN A 1 26  ? 16.759  6.577   -5.069  1.00 31.53 ? 26  ASN A ND2 1 
ATOM   159  N  N   . ASP A 1 27  ? 16.229  3.316   -3.003  1.00 11.87 ? 27  ASP A N   1 
ATOM   160  C  CA  . ASP A 1 27  ? 15.293  3.524   -1.881  1.00 10.73 ? 27  ASP A CA  1 
ATOM   161  C  C   . ASP A 1 27  ? 16.037  3.324   -0.575  1.00 10.34 ? 27  ASP A C   1 
ATOM   162  O  O   . ASP A 1 27  ? 15.877  4.128   0.356   1.00 10.92 ? 27  ASP A O   1 
ATOM   163  C  CB  . ASP A 1 27  ? 14.080  2.599   -1.954  1.00 10.81 ? 27  ASP A CB  1 
ATOM   164  C  CG  . ASP A 1 27  ? 13.113  2.938   -3.060  1.00 11.88 ? 27  ASP A CG  1 
ATOM   165  O  OD1 . ASP A 1 27  ? 12.803  4.143   -3.245  1.00 13.17 ? 27  ASP A OD1 1 
ATOM   166  O  OD2 . ASP A 1 27  ? 12.628  2.016   -3.731  1.00 11.62 ? 27  ASP A OD2 1 
ATOM   167  N  N   . TRP A 1 28  ? 16.730  2.191   -0.402  1.00 10.64 ? 28  TRP A N   1 
ATOM   168  C  CA  . TRP A 1 28  ? 17.412  1.846   0.858   1.00 10.31 ? 28  TRP A CA  1 
ATOM   169  C  C   . TRP A 1 28  ? 18.514  2.858   1.155   1.00 10.18 ? 28  TRP A C   1 
ATOM   170  O  O   . TRP A 1 28  ? 18.750  3.123   2.280   1.00 12.18 ? 28  TRP A O   1 
ATOM   171  C  CB  . TRP A 1 28  ? 17.979  0.429   0.787   1.00 10.69 ? 28  TRP A CB  1 
ATOM   172  C  CG  . TRP A 1 28  ? 16.938  -0.630  1.030   1.00 10.38 ? 28  TRP A CG  1 
ATOM   173  C  CD1 . TRP A 1 28  ? 16.280  -1.401  0.122   1.00 11.33 ? 28  TRP A CD1 1 
ATOM   174  C  CD2 . TRP A 1 28  ? 16.458  -0.995  2.320   1.00 10.68 ? 28  TRP A CD2 1 
ATOM   175  N  NE1 . TRP A 1 28  ? 15.434  -2.249  0.787   1.00 10.66 ? 28  TRP A NE1 1 
ATOM   176  C  CE2 . TRP A 1 28  ? 15.513  -2.023  2.131   1.00 10.40 ? 28  TRP A CE2 1 
ATOM   177  C  CE3 . TRP A 1 28  ? 16.741  -0.535  3.616   1.00 11.44 ? 28  TRP A CE3 1 
ATOM   178  C  CZ2 . TRP A 1 28  ? 14.871  -2.611  3.216   1.00 11.45 ? 28  TRP A CZ2 1 
ATOM   179  C  CZ3 . TRP A 1 28  ? 16.103  -1.134  4.674   1.00 11.70 ? 28  TRP A CZ3 1 
ATOM   180  C  CH2 . TRP A 1 28  ? 15.175  -2.154  4.477   1.00 11.35 ? 28  TRP A CH2 1 
ATOM   181  N  N   . ALA A 1 29  ? 19.169  3.383   0.123   1.00 11.69 ? 29  ALA A N   1 
ATOM   182  C  CA  . ALA A 1 29  ? 20.257  4.381   0.269   1.00 12.44 ? 29  ALA A CA  1 
ATOM   183  C  C   . ALA A 1 29  ? 19.720  5.745   0.654   1.00 14.24 ? 29  ALA A C   1 
ATOM   184  O  O   . ALA A 1 29  ? 20.526  6.631   0.983   1.00 15.61 ? 29  ALA A O   1 
ATOM   185  C  CB  . ALA A 1 29  ? 21.075  4.441   -1.012  1.00 12.89 ? 29  ALA A CB  1 
ATOM   186  N  N   . ASN A 1 30  ? 18.418  5.973   0.496   1.00 14.47 ? 30  ASN A N   1 
ATOM   187  C  CA  . ASN A 1 30  ? 17.755  7.268   0.789   1.00 14.14 ? 30  ASN A CA  1 
ATOM   188  C  C   . ASN A 1 30  ? 16.582  6.987   1.729   1.00 13.76 ? 30  ASN A C   1 
ATOM   189  O  O   . ASN A 1 30  ? 15.475  7.588   1.540   1.00 14.08 ? 30  ASN A O   1 
ATOM   190  C  CB  . ASN A 1 30  ? 17.333  7.920   -0.514  1.00 14.93 ? 30  ASN A CB  1 
ATOM   191  C  CG  . ASN A 1 30  ? 18.543  8.343   -1.331  1.00 15.82 ? 30  ASN A CG  1 
ATOM   192  O  OD1 . ASN A 1 30  ? 19.147  9.395   -1.079  1.00 19.02 ? 30  ASN A OD1 1 
ATOM   193  N  ND2 . ASN A 1 30  ? 18.905  7.550   -2.297  1.00 16.87 ? 30  ASN A ND2 1 
ATOM   194  N  N   . LEU A 1 31  ? 16.764  6.102   2.683   1.00 14.59 ? 31  LEU A N   1 
ATOM   195  C  CA  . LEU A 1 31  ? 15.665  5.561   3.507   1.00 13.94 ? 31  LEU A CA  1 
ATOM   196  C  C   . LEU A 1 31  ? 15.163  6.634   4.458   1.00 15.30 ? 31  LEU A C   1 
ATOM   197  O  O   . LEU A 1 31  ? 15.980  7.327   5.134   1.00 15.48 ? 31  LEU A O   1 
ATOM   198  C  CB  . LEU A 1 31  ? 16.194  4.391   4.310   1.00 13.23 ? 31  LEU A CB  1 
ATOM   199  C  CG  . LEU A 1 31  ? 15.179  3.687   5.212   1.00 13.07 ? 31  LEU A CG  1 
ATOM   200  C  CD1 . LEU A 1 31  ? 14.046  3.085   4.409   1.00 14.80 ? 31  LEU A CD1 1 
ATOM   201  C  CD2 . LEU A 1 31  ? 15.865  2.637   6.053   1.00 13.86 ? 31  LEU A CD2 1 
ATOM   202  N  N   . VAL A 1 32  ? 13.844  6.753   4.566   1.00 14.31 ? 32  VAL A N   1 
ATOM   203  C  CA  . VAL A 1 32  ? 13.196  7.540   5.653   1.00 15.45 ? 32  VAL A CA  1 
ATOM   204  C  C   . VAL A 1 32  ? 12.672  6.615   6.746   1.00 14.41 ? 32  VAL A C   1 
ATOM   205  O  O   . VAL A 1 32  ? 12.885  6.846   7.950   1.00 16.79 ? 32  VAL A O   1 
ATOM   206  C  CB  . VAL A 1 32  ? 12.091  8.417   5.045   1.00 15.82 ? 32  VAL A CB  1 
ATOM   207  C  CG1 . VAL A 1 32  ? 11.299  9.121   6.131   1.00 16.42 ? 32  VAL A CG1 1 
ATOM   208  C  CG2 . VAL A 1 32  ? 12.646  9.405   4.047   1.00 16.91 ? 32  VAL A CG2 1 
ATOM   209  N  N   . TRP A 1 33  ? 12.007  5.524   6.376   1.00 12.78 ? 33  TRP A N   1 
ATOM   210  C  CA  . TRP A 1 33  ? 11.286  4.671   7.332   1.00 13.27 ? 33  TRP A CA  1 
ATOM   211  C  C   . TRP A 1 33  ? 10.950  3.354   6.632   1.00 12.48 ? 33  TRP A C   1 
ATOM   212  O  O   . TRP A 1 33  ? 10.651  3.358   5.450   1.00 12.98 ? 33  TRP A O   1 
ATOM   213  C  CB  . TRP A 1 33  ? 10.046  5.386   7.893   1.00 14.75 ? 33  TRP A CB  1 
ATOM   214  C  CG  . TRP A 1 33  ? 9.113   4.534   8.690   1.00 14.84 ? 33  TRP A CG  1 
ATOM   215  C  CD1 . TRP A 1 33  ? 9.172   4.276   10.020  1.00 16.68 ? 33  TRP A CD1 1 
ATOM   216  C  CD2 . TRP A 1 33  ? 7.942   3.837   8.210   1.00 14.17 ? 33  TRP A CD2 1 
ATOM   217  N  NE1 . TRP A 1 33  ? 8.128   3.457   10.403  1.00 18.05 ? 33  TRP A NE1 1 
ATOM   218  C  CE2 . TRP A 1 33  ? 7.342   3.202   9.312   1.00 15.78 ? 33  TRP A CE2 1 
ATOM   219  C  CE3 . TRP A 1 33  ? 7.342   3.720   6.965   1.00 13.64 ? 33  TRP A CE3 1 
ATOM   220  C  CZ2 . TRP A 1 33  ? 6.150   2.483   9.204   1.00 15.16 ? 33  TRP A CZ2 1 
ATOM   221  C  CZ3 . TRP A 1 33  ? 6.169   3.000   6.849   1.00 14.22 ? 33  TRP A CZ3 1 
ATOM   222  C  CH2 . TRP A 1 33  ? 5.603   2.387   7.956   1.00 14.11 ? 33  TRP A CH2 1 
ATOM   223  N  N   . GLU A 1 34  ? 11.020  2.257   7.353   1.00 12.36 ? 34  GLU A N   1 
ATOM   224  C  CA  . GLU A 1 34  ? 10.563  0.976   6.773   1.00 12.85 ? 34  GLU A CA  1 
ATOM   225  C  C   . GLU A 1 34  ? 10.024  0.079   7.864   1.00 13.34 ? 34  GLU A C   1 
ATOM   226  O  O   . GLU A 1 34  ? 10.458  0.205   9.042   1.00 14.41 ? 34  GLU A O   1 
ATOM   227  C  CB  . GLU A 1 34  ? 11.672  0.270   5.997   1.00 13.27 ? 34  GLU A CB  1 
ATOM   228  C  CG  . GLU A 1 34  ? 12.934  0.041   6.816   1.00 13.03 ? 34  GLU A CG  1 
ATOM   229  C  CD  . GLU A 1 34  ? 12.986  -1.221  7.676   1.00 14.84 ? 34  GLU A CD  1 
ATOM   230  O  OE1 . GLU A 1 34  ? 13.819  -1.238  8.617   1.00 16.39 ? 34  GLU A OE1 1 
ATOM   231  O  OE2 . GLU A 1 34  ? 12.233  -2.160  7.441   1.00 14.87 ? 34  GLU A OE2 1 
ATOM   232  N  N   . ASP A 1 35  ? 9.074   -0.787  7.512   1.00 12.64 ? 35  ASP A N   1 
ATOM   233  C  CA  . ASP A 1 35  ? 8.457   -1.706  8.484   1.00 13.67 ? 35  ASP A CA  1 
ATOM   234  C  C   . ASP A 1 35  ? 8.092   -2.994  7.753   1.00 12.93 ? 35  ASP A C   1 
ATOM   235  O  O   . ASP A 1 35  ? 7.181   -2.992  6.899   1.00 12.63 ? 35  ASP A O   1 
ATOM   236  C  CB  . ASP A 1 35  ? 7.266   -0.999  9.128   1.00 14.16 ? 35  ASP A CB  1 
ATOM   237  C  CG  . ASP A 1 35  ? 6.520   -1.832  10.137  1.00 14.49 ? 35  ASP A CG  1 
ATOM   238  O  OD1 . ASP A 1 35  ? 6.403   -3.031  9.938   1.00 17.04 ? 35  ASP A OD1 1 
ATOM   239  O  OD2 . ASP A 1 35  ? 6.034   -1.206  11.118  1.00 19.65 ? 35  ASP A OD2 1 
ATOM   240  N  N   A SER A 1 36  ? 8.832   -4.075  7.973   0.25 14.17 ? 36  SER A N   1 
ATOM   241  N  N   B SER A 1 36  ? 8.832   -4.075  7.973   0.25 14.17 ? 36  SER A N   1 
ATOM   242  C  CA  A SER A 1 36  ? 8.610   -5.379  7.296   0.25 13.92 ? 36  SER A CA  1 
ATOM   243  C  CA  B SER A 1 36  ? 8.615   -5.378  7.303   0.25 15.32 ? 36  SER A CA  1 
ATOM   244  C  C   A SER A 1 36  ? 7.213   -5.910  7.606   0.25 13.77 ? 36  SER A C   1 
ATOM   245  C  C   B SER A 1 36  ? 7.213   -5.910  7.606   0.25 13.77 ? 36  SER A C   1 
ATOM   246  O  O   A SER A 1 36  ? 6.559   -6.419  6.675   0.25 14.10 ? 36  SER A O   1 
ATOM   247  O  O   B SER A 1 36  ? 6.559   -6.419  6.675   0.25 14.10 ? 36  SER A O   1 
ATOM   248  C  CB  A SER A 1 36  ? 9.628   -6.422  7.701   0.25 13.80 ? 36  SER A CB  1 
ATOM   249  C  CB  B SER A 1 36  ? 9.653   -6.375  7.743   0.25 16.97 ? 36  SER A CB  1 
ATOM   250  O  OG  A SER A 1 36  ? 9.271   -7.714  7.215   0.25 12.83 ? 36  SER A OG  1 
ATOM   251  O  OG  B SER A 1 36  ? 10.019  -6.152  9.097   0.25 20.61 ? 36  SER A OG  1 
ATOM   252  N  N   . SER A 1 37  ? 6.770   -5.732  8.848   1.00 14.65 ? 37  SER A N   1 
ATOM   253  C  CA  . SER A 1 37  ? 5.448   -6.258  9.251   1.00 13.89 ? 37  SER A CA  1 
ATOM   254  C  C   . SER A 1 37  ? 4.336   -5.620  8.414   1.00 13.30 ? 37  SER A C   1 
ATOM   255  O  O   . SER A 1 37  ? 3.325   -6.282  8.201   1.00 13.54 ? 37  SER A O   1 
ATOM   256  C  CB  . SER A 1 37  ? 5.176   -6.109  10.708  1.00 15.09 ? 37  SER A CB  1 
ATOM   257  O  OG  . SER A 1 37  ? 4.814   -4.811  11.065  1.00 19.32 ? 37  SER A OG  1 
ATOM   258  N  N   . ARG A 1 38  ? 4.540   -4.408  7.926   1.00 11.80 ? 38  ARG A N   1 
ATOM   259  C  CA  . ARG A 1 38  ? 3.522   -3.686  7.112   1.00 11.26 ? 38  ARG A CA  1 
ATOM   260  C  C   . ARG A 1 38  ? 3.792   -3.812  5.609   1.00 10.13 ? 38  ARG A C   1 
ATOM   261  O  O   . ARG A 1 38  ? 3.001   -3.283  4.827   1.00 10.11 ? 38  ARG A O   1 
ATOM   262  C  CB  . ARG A 1 38  ? 3.511   -2.199  7.498   1.00 12.32 ? 38  ARG A CB  1 
ATOM   263  C  CG  . ARG A 1 38  ? 3.146   -1.935  8.943   1.00 12.51 ? 38  ARG A CG  1 
ATOM   264  C  CD  . ARG A 1 38  ? 3.141   -0.478  9.262   1.00 12.36 ? 38  ARG A CD  1 
ATOM   265  N  NE  . ARG A 1 38  ? 2.172   0.273   8.507   1.00 11.15 ? 38  ARG A NE  1 
ATOM   266  C  CZ  . ARG A 1 38  ? 1.511   1.338   8.975   1.00 11.23 ? 38  ARG A CZ  1 
ATOM   267  N  NH1 . ARG A 1 38  ? 1.787   1.843   10.176  1.00 12.06 ? 38  ARG A NH1 1 
ATOM   268  N  NH2 . ARG A 1 38  ? 0.561   1.939   8.270   1.00 11.43 ? 38  ARG A NH2 1 
ATOM   269  N  N   . ASP A 1 39  ? 4.936   -4.355  5.219   1.00 10.74 ? 39  ASP A N   1 
ATOM   270  C  CA  . ASP A 1 39  ? 5.361   -4.376  3.803   1.00 9.50  ? 39  ASP A CA  1 
ATOM   271  C  C   . ASP A 1 39  ? 5.489   -2.952  3.256   1.00 9.21  ? 39  ASP A C   1 
ATOM   272  O  O   . ASP A 1 39  ? 5.165   -2.728  2.105   1.00 9.96  ? 39  ASP A O   1 
ATOM   273  C  CB  . ASP A 1 39  ? 4.448   -5.226  2.893   1.00 10.06 ? 39  ASP A CB  1 
ATOM   274  C  CG  . ASP A 1 39  ? 4.958   -5.347  1.461   1.00 10.79 ? 39  ASP A CG  1 
ATOM   275  O  OD1 . ASP A 1 39  ? 6.221   -5.457  1.278   1.00 11.34 ? 39  ASP A OD1 1 
ATOM   276  O  OD2 . ASP A 1 39  ? 4.131   -5.381  0.545   1.00 10.67 ? 39  ASP A OD2 1 
ATOM   277  N  N   . LEU A 1 40  ? 5.958   -1.996  4.079   1.00 10.35 ? 40  LEU A N   1 
ATOM   278  C  CA  . LEU A 1 40  ? 6.132   -0.618  3.599   1.00 10.23 ? 40  LEU A CA  1 
ATOM   279  C  C   . LEU A 1 40  ? 7.565   -0.138  3.746   1.00 9.05  ? 40  LEU A C   1 
ATOM   280  O  O   . LEU A 1 40  ? 8.236   -0.438  4.748   1.00 9.87  ? 40  LEU A O   1 
ATOM   281  C  CB  . LEU A 1 40  ? 5.232   0.359   4.338   1.00 9.84  ? 40  LEU A CB  1 
ATOM   282  C  CG  . LEU A 1 40  ? 3.737   0.274   4.009   1.00 10.28 ? 40  LEU A CG  1 
ATOM   283  C  CD1 . LEU A 1 40  ? 2.983   1.332   4.826   1.00 10.87 ? 40  LEU A CD1 1 
ATOM   284  C  CD2 . LEU A 1 40  ? 3.453   0.510   2.540   1.00 10.28 ? 40  LEU A CD2 1 
ATOM   285  N  N   . LEU A 1 41  ? 7.966   0.714   2.812   1.00 9.10  ? 41  LEU A N   1 
ATOM   286  C  CA  . LEU A 1 41  ? 9.229   1.455   2.899   1.00 9.70  ? 41  LEU A CA  1 
ATOM   287  C  C   . LEU A 1 41  ? 8.997   2.835   2.286   1.00 10.10 ? 41  LEU A C   1 
ATOM   288  O  O   . LEU A 1 41  ? 8.322   2.956   1.256   1.00 10.39 ? 41  LEU A O   1 
ATOM   289  C  CB  . LEU A 1 41  ? 10.339  0.665   2.193   1.00 10.48 ? 41  LEU A CB  1 
ATOM   290  C  CG  . LEU A 1 41  ? 11.727  1.323   2.218   1.00 10.65 ? 41  LEU A CG  1 
ATOM   291  C  CD1 . LEU A 1 41  ? 12.836  0.293   2.262   1.00 10.60 ? 41  LEU A CD1 1 
ATOM   292  C  CD2 . LEU A 1 41  ? 11.930  2.264   1.053   1.00 11.04 ? 41  LEU A CD2 1 
ATOM   293  N  N   . VAL A 1 42  ? 9.589   3.824   2.938   1.00 10.45 ? 42  VAL A N   1 
ATOM   294  C  CA  . VAL A 1 42  ? 9.499   5.230   2.489   1.00 11.61 ? 42  VAL A CA  1 
ATOM   295  C  C   . VAL A 1 42  ? 10.933  5.736   2.285   1.00 12.25 ? 42  VAL A C   1 
ATOM   296  O  O   . VAL A 1 42  ? 11.743  5.585   3.222   1.00 12.35 ? 42  VAL A O   1 
ATOM   297  C  CB  . VAL A 1 42  ? 8.721   6.103   3.480   1.00 12.02 ? 42  VAL A CB  1 
ATOM   298  C  CG1 . VAL A 1 42  ? 8.692   7.535   2.982   1.00 12.97 ? 42  VAL A CG1 1 
ATOM   299  C  CG2 . VAL A 1 42  ? 7.311   5.557   3.686   1.00 11.49 ? 42  VAL A CG2 1 
ATOM   300  N  N   . SER A 1 43  ? 11.178  6.280   1.116   1.00 12.01 ? 43  SER A N   1 
ATOM   301  C  CA  . SER A 1 43  ? 12.459  6.942   0.761   1.00 11.80 ? 43  SER A CA  1 
ATOM   302  C  C   . SER A 1 43  ? 12.199  8.420   0.453   1.00 14.27 ? 43  SER A C   1 
ATOM   303  O  O   . SER A 1 43  ? 11.042  8.848   0.178   1.00 14.14 ? 43  SER A O   1 
ATOM   304  C  CB  . SER A 1 43  ? 13.124  6.186   -0.362  1.00 11.49 ? 43  SER A CB  1 
ATOM   305  O  OG  . SER A 1 43  ? 12.343  6.196   -1.518  1.00 12.94 ? 43  SER A OG  1 
ATOM   306  N  N   . SER A 1 44  ? 13.275  9.201   0.411   1.00 15.13 ? 44  SER A N   1 
ATOM   307  C  CA  . SER A 1 44  ? 13.237  10.648  0.065   1.00 16.79 ? 44  SER A CA  1 
ATOM   308  C  C   . SER A 1 44  ? 13.270  10.858  -1.445  1.00 17.40 ? 44  SER A C   1 
ATOM   309  O  O   . SER A 1 44  ? 13.855  10.011  -2.148  1.00 19.71 ? 44  SER A O   1 
ATOM   310  C  CB  . SER A 1 44  ? 14.347  11.370  0.735   1.00 18.24 ? 44  SER A CB  1 
ATOM   311  O  OG  . SER A 1 44  ? 15.587  10.877  0.249   1.00 19.77 ? 44  SER A OG  1 
ATOM   312  N  N   . THR A 1 45  ? 12.671  11.941  -1.956  1.00 18.72 ? 45  THR A N   1 
ATOM   313  C  CA  . THR A 1 45  ? 12.648  12.306  -3.392  1.00 19.59 ? 45  THR A CA  1 
ATOM   314  C  C   . THR A 1 45  ? 13.199  13.734  -3.600  1.00 22.17 ? 45  THR A C   1 
ATOM   315  O  O   . THR A 1 45  ? 13.099  14.541  -2.678  1.00 22.60 ? 45  THR A O   1 
ATOM   316  C  CB  . THR A 1 45  ? 11.249  12.237  -4.006  1.00 19.07 ? 45  THR A CB  1 
ATOM   317  O  OG1 . THR A 1 45  ? 10.472  13.274  -3.395  1.00 21.97 ? 45  THR A OG1 1 
ATOM   318  C  CG2 . THR A 1 45  ? 10.584  10.906  -3.742  1.00 19.00 ? 45  THR A CG2 1 
ATOM   319  N  N   . THR A 1 46  ? 13.679  14.030  -4.798  1.00 24.36 ? 46  THR A N   1 
ATOM   320  C  CA  . THR A 1 46  ? 14.118  15.412  -5.109  1.00 25.71 ? 46  THR A CA  1 
ATOM   321  C  C   . THR A 1 46  ? 12.883  16.230  -5.518  1.00 24.95 ? 46  THR A C   1 
ATOM   322  O  O   . THR A 1 46  ? 12.746  17.348  -5.009  1.00 31.19 ? 46  THR A O   1 
ATOM   323  C  CB  . THR A 1 46  ? 15.297  15.371  -6.090  1.00 24.72 ? 46  THR A CB  1 
ATOM   324  O  OG1 . THR A 1 46  ? 14.960  14.651  -7.271  1.00 32.33 ? 46  THR A OG1 1 
ATOM   325  C  CG2 . THR A 1 46  ? 16.506  14.686  -5.495  1.00 27.59 ? 46  THR A CG2 1 
ATOM   326  N  N   . ALA A 1 47  ? 12.026  15.712  -6.399  1.00 26.65 ? 47  ALA A N   1 
ATOM   327  C  CA  . ALA A 1 47  ? 10.827  16.427  -6.926  1.00 23.09 ? 47  ALA A CA  1 
ATOM   328  C  C   . ALA A 1 47  ? 9.639   16.153  -6.000  1.00 25.34 ? 47  ALA A C   1 
ATOM   329  O  O   . ALA A 1 47  ? 9.509   14.996  -5.550  1.00 24.99 ? 47  ALA A O   1 
ATOM   330  C  CB  . ALA A 1 47  ? 10.539  16.009  -8.335  1.00 26.86 ? 47  ALA A CB  1 
ATOM   331  N  N   . GLN A 1 48  ? 8.829   17.179  -5.716  1.00 22.10 ? 48  GLN A N   1 
ATOM   332  C  CA  . GLN A 1 48  ? 7.519   17.031  -5.021  1.00 22.38 ? 48  GLN A CA  1 
ATOM   333  C  C   . GLN A 1 48  ? 6.534   16.189  -5.850  1.00 17.02 ? 48  GLN A C   1 
ATOM   334  O  O   . GLN A 1 48  ? 6.532   16.180  -7.068  1.00 20.17 ? 48  GLN A O   1 
ATOM   335  C  CB  . GLN A 1 48  ? 6.935   18.401  -4.696  1.00 23.43 ? 48  GLN A CB  1 
ATOM   336  C  CG  . GLN A 1 48  ? 7.721   19.141  -3.630  1.00 30.63 ? 48  GLN A CG  1 
ATOM   337  C  CD  . GLN A 1 48  ? 6.896   20.251  -3.045  1.00 40.91 ? 48  GLN A CD  1 
ATOM   338  O  OE1 . GLN A 1 48  ? 7.034   21.408  -3.428  1.00 50.90 ? 48  GLN A OE1 1 
ATOM   339  N  NE2 . GLN A 1 48  ? 5.993   19.891  -2.146  1.00 48.70 ? 48  GLN A NE2 1 
ATOM   340  N  N   . GLY A 1 49  ? 5.760   15.371  -5.123  1.00 20.97 ? 49  GLY A N   1 
ATOM   341  C  CA  . GLY A 1 49  ? 4.812   14.411  -5.708  1.00 19.90 ? 49  GLY A CA  1 
ATOM   342  C  C   . GLY A 1 49  ? 3.385   14.918  -5.753  1.00 17.78 ? 49  GLY A C   1 
ATOM   343  O  O   . GLY A 1 49  ? 3.073   15.938  -5.110  1.00 20.65 ? 49  GLY A O   1 
ATOM   344  N  N   . CYS A 1 50  ? 2.578   14.232  -6.536  1.00 17.69 ? 50  CYS A N   1 
ATOM   345  C  CA  . CYS A 1 50  ? 1.249   14.657  -7.000  1.00 17.45 ? 50  CYS A CA  1 
ATOM   346  C  C   . CYS A 1 50  ? 0.199   14.120  -6.018  1.00 16.56 ? 50  CYS A C   1 
ATOM   347  O  O   . CYS A 1 50  ? -0.901  14.586  -6.137  1.00 17.53 ? 50  CYS A O   1 
ATOM   348  C  CB  . CYS A 1 50  ? 0.888   14.176  -8.411  1.00 18.99 ? 50  CYS A CB  1 
ATOM   349  S  SG  . CYS A 1 50  ? 1.666   15.035  -9.822  1.00 23.26 ? 50  CYS A SG  1 
ATOM   350  N  N   . ASP A 1 51  ? 0.532   13.222  -5.085  1.00 15.52 ? 51  ASP A N   1 
ATOM   351  C  CA  . ASP A 1 51  ? -0.517  12.515  -4.297  1.00 13.51 ? 51  ASP A CA  1 
ATOM   352  C  C   . ASP A 1 51  ? -0.816  13.217  -2.983  1.00 14.09 ? 51  ASP A C   1 
ATOM   353  O  O   . ASP A 1 51  ? 0.049   13.789  -2.338  1.00 15.24 ? 51  ASP A O   1 
ATOM   354  C  CB  . ASP A 1 51  ? -0.132  11.048  -4.062  1.00 14.21 ? 51  ASP A CB  1 
ATOM   355  C  CG  . ASP A 1 51  ? 0.046   10.280  -5.336  1.00 13.99 ? 51  ASP A CG  1 
ATOM   356  O  OD1 . ASP A 1 51  ? -0.738  10.436  -6.261  1.00 18.80 ? 51  ASP A OD1 1 
ATOM   357  O  OD2 . ASP A 1 51  ? 0.983   9.433   -5.381  1.00 16.37 ? 51  ASP A OD2 1 
ATOM   358  N  N   . THR A 1 52  ? -2.071  13.041  -2.564  1.00 12.65 ? 52  THR A N   1 
ATOM   359  C  CA  . THR A 1 52  ? -2.631  13.459  -1.269  1.00 12.98 ? 52  THR A CA  1 
ATOM   360  C  C   . THR A 1 52  ? -3.015  12.199  -0.510  1.00 10.73 ? 52  THR A C   1 
ATOM   361  O  O   . THR A 1 52  ? -3.659  11.327  -1.087  1.00 11.82 ? 52  THR A O   1 
ATOM   362  C  CB  . THR A 1 52  ? -3.872  14.336  -1.470  1.00 13.31 ? 52  THR A CB  1 
ATOM   363  O  OG1 . THR A 1 52  ? -3.484  15.539  -2.173  1.00 15.84 ? 52  THR A OG1 1 
ATOM   364  C  CG2 . THR A 1 52  ? -4.514  14.765  -0.167  1.00 14.99 ? 52  THR A CG2 1 
ATOM   365  N  N   . ILE A 1 53  ? -2.596  12.126  0.725   1.00 11.17 ? 53  ILE A N   1 
ATOM   366  C  CA  . ILE A 1 53  ? -2.922  10.960  1.581   1.00 10.39 ? 53  ILE A CA  1 
ATOM   367  C  C   . ILE A 1 53  ? -4.282  11.219  2.215   1.00 10.24 ? 53  ILE A C   1 
ATOM   368  O  O   . ILE A 1 53  ? -4.524  12.319  2.760   1.00 11.20 ? 53  ILE A O   1 
ATOM   369  C  CB  . ILE A 1 53  ? -1.848  10.689  2.640   1.00 10.86 ? 53  ILE A CB  1 
ATOM   370  C  CG1 . ILE A 1 53  ? -0.444  10.624  2.001   1.00 11.71 ? 53  ILE A CG1 1 
ATOM   371  C  CG2 . ILE A 1 53  ? -2.220  9.437   3.428   1.00 10.86 ? 53  ILE A CG2 1 
ATOM   372  C  CD1 . ILE A 1 53  ? -0.297  9.560   0.951   1.00 12.93 ? 53  ILE A CD1 1 
ATOM   373  N  N   . ALA A 1 54  ? -5.164  10.229  2.159   1.00 9.76  ? 54  ALA A N   1 
ATOM   374  C  CA  . ALA A 1 54  ? -6.445  10.268  2.874   1.00 8.95  ? 54  ALA A CA  1 
ATOM   375  C  C   . ALA A 1 54  ? -6.202  10.300  4.383   1.00 8.39  ? 54  ALA A C   1 
ATOM   376  O  O   . ALA A 1 54  ? -5.315  9.594   4.862   1.00 9.54  ? 54  ALA A O   1 
ATOM   377  C  CB  . ALA A 1 54  ? -7.212  9.038   2.503   1.00 8.82  ? 54  ALA A CB  1 
ATOM   378  N  N   . ARG A 1 55  ? -7.043  11.062  5.107   1.00 9.43  ? 55  ARG A N   1 
ATOM   379  C  CA  . ARG A 1 55  ? -7.031  11.083  6.577   1.00 9.43  ? 55  ARG A CA  1 
ATOM   380  C  C   . ARG A 1 55  ? -8.468  10.875  6.995   1.00 8.90  ? 55  ARG A C   1 
ATOM   381  O  O   . ARG A 1 55  ? -9.244  11.828  7.007   1.00 10.10 ? 55  ARG A O   1 
ATOM   382  C  CB  . ARG A 1 55  ? -6.407  12.360  7.144   1.00 10.43 ? 55  ARG A CB  1 
ATOM   383  C  CG  . ARG A 1 55  ? -4.982  12.658  6.670   1.00 10.87 ? 55  ARG A CG  1 
ATOM   384  C  CD  . ARG A 1 55  ? -3.929  11.648  7.125   1.00 10.92 ? 55  ARG A CD  1 
ATOM   385  N  NE  . ARG A 1 55  ? -2.592  11.963  6.540   1.00 12.38 ? 55  ARG A NE  1 
ATOM   386  C  CZ  . ARG A 1 55  ? -1.574  11.093  6.468   1.00 13.18 ? 55  ARG A CZ  1 
ATOM   387  N  NH1 . ARG A 1 55  ? -1.678  9.879   6.919   1.00 12.31 ? 55  ARG A NH1 1 
ATOM   388  N  NH2 . ARG A 1 55  ? -0.438  11.441  5.867   1.00 14.77 ? 55  ARG A NH2 1 
ATOM   389  N  N   . CYS A 1 56  ? -8.826  9.642   7.259   1.00 9.23  ? 56  CYS A N   1 
ATOM   390  C  CA  . CYS A 1 56  ? -10.226 9.228   7.351   1.00 8.70  ? 56  CYS A CA  1 
ATOM   391  C  C   . CYS A 1 56  ? -10.315 7.784   7.783   1.00 8.98  ? 56  CYS A C   1 
ATOM   392  O  O   . CYS A 1 56  ? -9.284  7.068   7.899   1.00 9.40  ? 56  CYS A O   1 
ATOM   393  C  CB  . CYS A 1 56  ? -10.885 9.337   5.974   1.00 8.19  ? 56  CYS A CB  1 
ATOM   394  S  SG  . CYS A 1 56  ? -10.240 8.121   4.788   1.00 9.26  ? 56  CYS A SG  1 
ATOM   395  N  N   A ASP A 1 57  ? -11.532 7.301   8.051   0.25 9.88  ? 57  ASP A N   1 
ATOM   396  N  N   B ASP A 1 57  ? -11.582 7.376   7.926   0.25 9.92  ? 57  ASP A N   1 
ATOM   397  C  CA  A ASP A 1 57  ? -11.792 5.853   8.244   0.25 10.58 ? 57  ASP A CA  1 
ATOM   398  C  CA  B ASP A 1 57  ? -12.059 6.050   8.370   0.25 10.31 ? 57  ASP A CA  1 
ATOM   399  C  C   A ASP A 1 57  ? -12.769 5.342   7.189   0.25 10.32 ? 57  ASP A C   1 
ATOM   400  C  C   B ASP A 1 57  ? -12.777 5.345   7.208   0.25 10.29 ? 57  ASP A C   1 
ATOM   401  O  O   A ASP A 1 57  ? -13.609 4.475   7.506   0.25 11.16 ? 57  ASP A O   1 
ATOM   402  O  O   B ASP A 1 57  ? -13.437 4.324   7.482   0.25 10.95 ? 57  ASP A O   1 
ATOM   403  C  CB  A ASP A 1 57  ? -12.281 5.512   9.651   0.25 11.54 ? 57  ASP A CB  1 
ATOM   404  C  CB  B ASP A 1 57  ? -12.902 6.243   9.642   0.25 11.89 ? 57  ASP A CB  1 
ATOM   405  C  CG  A ASP A 1 57  ? -13.634 6.090   9.975   0.25 13.42 ? 57  ASP A CG  1 
ATOM   406  C  CG  B ASP A 1 57  ? -13.174 4.980   10.439  0.25 14.34 ? 57  ASP A CG  1 
ATOM   407  O  OD1 A ASP A 1 57  ? -14.175 6.810   9.129   0.25 12.41 ? 57  ASP A OD1 1 
ATOM   408  O  OD1 B ASP A 1 57  ? -12.234 4.198   10.609  0.25 14.70 ? 57  ASP A OD1 1 
ATOM   409  O  OD2 A ASP A 1 57  ? -14.091 5.843   11.123  0.25 15.67 ? 57  ASP A OD2 1 
ATOM   410  O  OD2 B ASP A 1 57  ? -14.353 4.785   10.859  0.25 16.44 ? 57  ASP A OD2 1 
ATOM   411  N  N   . CYS A 1 58  ? -12.652 5.803   5.956   1.00 9.89  ? 58  CYS A N   1 
ATOM   412  C  CA  . CYS A 1 58  ? -13.437 5.190   4.855   1.00 9.41  ? 58  CYS A CA  1 
ATOM   413  C  C   . CYS A 1 58  ? -13.153 3.681   4.778   1.00 8.78  ? 58  CYS A C   1 
ATOM   414  O  O   . CYS A 1 58  ? -12.042 3.218   5.028   1.00 9.15  ? 58  CYS A O   1 
ATOM   415  C  CB  . CYS A 1 58  ? -13.075 5.768   3.506   1.00 10.56 ? 58  CYS A CB  1 
ATOM   416  S  SG  . CYS A 1 58  ? -13.655 7.468   3.272   1.00 10.66 ? 58  CYS A SG  1 
ATOM   417  N  N   . GLN A 1 59  ? -14.195 2.954   4.368   1.00 9.42  ? 59  GLN A N   1 
ATOM   418  C  CA  . GLN A 1 59  ? -14.118 1.523   4.018   1.00 9.61  ? 59  GLN A CA  1 
ATOM   419  C  C   . GLN A 1 59  ? -14.633 1.316   2.619   1.00 8.67  ? 59  GLN A C   1 
ATOM   420  O  O   . GLN A 1 59  ? -14.933 0.176   2.265   1.00 9.90  ? 59  GLN A O   1 
ATOM   421  C  CB  . GLN A 1 59  ? -14.915 0.674   5.022   1.00 10.51 ? 59  GLN A CB  1 
ATOM   422  C  CG  . GLN A 1 59  ? -14.225 0.551   6.361   1.00 11.79 ? 59  GLN A CG  1 
ATOM   423  C  CD  . GLN A 1 59  ? -14.923 -0.476  7.227   1.00 11.99 ? 59  GLN A CD  1 
ATOM   424  O  OE1 . GLN A 1 59  ? -15.691 -0.121  8.130   1.00 13.99 ? 59  GLN A OE1 1 
ATOM   425  N  NE2 . GLN A 1 59  ? -14.767 -1.760  6.936   1.00 12.87 ? 59  GLN A NE2 1 
ATOM   426  N  N   . THR A 1 60  ? -14.743 2.338   1.811   1.00 9.42  ? 60  THR A N   1 
ATOM   427  C  CA  . THR A 1 60  ? -15.046 2.169   0.385   1.00 10.25 ? 60  THR A CA  1 
ATOM   428  C  C   . THR A 1 60  ? -14.103 3.029   -0.436  1.00 9.64  ? 60  THR A C   1 
ATOM   429  O  O   . THR A 1 60  ? -13.686 4.125   -0.013  1.00 10.61 ? 60  THR A O   1 
ATOM   430  C  CB  . THR A 1 60  ? -16.493 2.463   0.032   1.00 12.13 ? 60  THR A CB  1 
ATOM   431  O  OG1 . THR A 1 60  ? -16.696 3.835   0.209   1.00 16.17 ? 60  THR A OG1 1 
ATOM   432  C  CG2 . THR A 1 60  ? -17.482 1.628   0.802   1.00 12.91 ? 60  THR A CG2 1 
ATOM   433  N  N   . GLY A 1 61  ? -13.707 2.520   -1.581  1.00 8.80  ? 61  GLY A N   1 
ATOM   434  C  CA  . GLY A 1 61  ? -12.755 3.211   -2.444  1.00 8.78  ? 61  GLY A CA  1 
ATOM   435  C  C   . GLY A 1 61  ? -12.620 2.485   -3.769  1.00 8.14  ? 61  GLY A C   1 
ATOM   436  O  O   . GLY A 1 61  ? -13.495 1.686   -4.130  1.00 9.59  ? 61  GLY A O   1 
ATOM   437  N  N   . VAL A 1 62  ? -11.580 2.829   -4.488  1.00 7.82  ? 62  VAL A N   1 
ATOM   438  C  CA  . VAL A 1 62  ? -11.305 2.283   -5.829  1.00 8.40  ? 62  VAL A CA  1 
ATOM   439  C  C   . VAL A 1 62  ? -9.848  1.913   -5.846  1.00 8.33  ? 62  VAL A C   1 
ATOM   440  O  O   . VAL A 1 62  ? -9.034  2.733   -5.428  1.00 8.84  ? 62  VAL A O   1 
ATOM   441  C  CB  . VAL A 1 62  ? -11.634 3.314   -6.913  1.00 8.76  ? 62  VAL A CB  1 
ATOM   442  C  CG1 . VAL A 1 62  ? -11.191 2.826   -8.290  1.00 9.24  ? 62  VAL A CG1 1 
ATOM   443  C  CG2 . VAL A 1 62  ? -13.125 3.614   -6.910  1.00 9.51  ? 62  VAL A CG2 1 
ATOM   444  N  N   . TYR A 1 63  ? -9.485  0.759   -6.379  1.00 8.55  ? 63  TYR A N   1 
ATOM   445  C  CA  . TYR A 1 63  ? -8.061  0.378   -6.490  1.00 8.23  ? 63  TYR A CA  1 
ATOM   446  C  C   . TYR A 1 63  ? -7.690  -0.008  -7.906  1.00 8.65  ? 63  TYR A C   1 
ATOM   447  O  O   . TYR A 1 63  ? -8.559  -0.418  -8.712  1.00 9.26  ? 63  TYR A O   1 
ATOM   448  C  CB  . TYR A 1 63  ? -7.675  -0.762  -5.565  1.00 8.89  ? 63  TYR A CB  1 
ATOM   449  C  CG  . TYR A 1 63  ? -7.939  -2.164  -6.084  1.00 8.93  ? 63  TYR A CG  1 
ATOM   450  C  CD1 . TYR A 1 63  ? -9.215  -2.703  -6.075  1.00 9.29  ? 63  TYR A CD1 1 
ATOM   451  C  CD2 . TYR A 1 63  ? -6.891  -2.972  -6.565  1.00 9.50  ? 63  TYR A CD2 1 
ATOM   452  C  CE1 . TYR A 1 63  ? -9.459  -4.005  -6.492  1.00 10.15 ? 63  TYR A CE1 1 
ATOM   453  C  CE2 . TYR A 1 63  ? -7.134  -4.257  -7.028  1.00 9.32  ? 63  TYR A CE2 1 
ATOM   454  C  CZ  . TYR A 1 63  ? -8.422  -4.773  -6.982  1.00 9.26  ? 63  TYR A CZ  1 
ATOM   455  O  OH  . TYR A 1 63  ? -8.684  -6.049  -7.451  1.00 11.35 ? 63  TYR A OH  1 
ATOM   456  N  N   . TYR A 1 64  ? -6.456  0.212   -8.241  1.00 8.95  ? 64  TYR A N   1 
ATOM   457  C  CA  . TYR A 1 64  ? -5.920  -0.171  -9.554  1.00 9.00  ? 64  TYR A CA  1 
ATOM   458  C  C   . TYR A 1 64  ? -5.343  -1.575  -9.509  1.00 8.69  ? 64  TYR A C   1 
ATOM   459  O  O   . TYR A 1 64  ? -4.462  -1.903  -8.710  1.00 9.11  ? 64  TYR A O   1 
ATOM   460  C  CB  . TYR A 1 64  ? -4.857  0.809   -10.006 1.00 9.49  ? 64  TYR A CB  1 
ATOM   461  C  CG  . TYR A 1 64  ? -4.356  0.429   -11.371 1.00 11.34 ? 64  TYR A CG  1 
ATOM   462  C  CD1 . TYR A 1 64  ? -5.220  0.458   -12.454 1.00 11.67 ? 64  TYR A CD1 1 
ATOM   463  C  CD2 . TYR A 1 64  ? -3.047  0.063   -11.586 1.00 11.04 ? 64  TYR A CD2 1 
ATOM   464  C  CE1 . TYR A 1 64  ? -4.820  0.043   -13.722 1.00 12.40 ? 64  TYR A CE1 1 
ATOM   465  C  CE2 . TYR A 1 64  ? -2.604  -0.324  -12.853 1.00 12.41 ? 64  TYR A CE2 1 
ATOM   466  C  CZ  . TYR A 1 64  ? -3.495  -0.325  -13.905 1.00 12.36 ? 64  TYR A CZ  1 
ATOM   467  O  OH  . TYR A 1 64  ? -3.044  -0.729  -15.146 1.00 14.09 ? 64  TYR A OH  1 
ATOM   468  N  N   . CYS A 1 65  ? -5.807  -2.381  -10.447 1.00 9.24  ? 65  CYS A N   1 
ATOM   469  C  CA  . CYS A 1 65  ? -5.341  -3.758  -10.697 1.00 9.06  ? 65  CYS A CA  1 
ATOM   470  C  C   . CYS A 1 65  ? -4.556  -3.890  -12.009 1.00 8.89  ? 65  CYS A C   1 
ATOM   471  O  O   . CYS A 1 65  ? -5.213  -3.978  -13.091 1.00 9.86  ? 65  CYS A O   1 
ATOM   472  C  CB  . CYS A 1 65  ? -6.543  -4.675  -10.668 1.00 9.03  ? 65  CYS A CB  1 
ATOM   473  S  SG  . CYS A 1 65  ? -6.131  -6.403  -10.974 1.00 10.27 ? 65  CYS A SG  1 
ATOM   474  N  N   . SER A 1 66  ? -3.244  -3.889  -11.955 1.00 9.96  ? 66  SER A N   1 
ATOM   475  C  CA  . SER A 1 66  ? -2.441  -3.933  -13.189 1.00 10.51 ? 66  SER A CA  1 
ATOM   476  C  C   . SER A 1 66  ? -2.681  -5.207  -13.992 1.00 9.76  ? 66  SER A C   1 
ATOM   477  O  O   . SER A 1 66  ? -2.659  -5.140  -15.239 1.00 10.60 ? 66  SER A O   1 
ATOM   478  C  CB  . SER A 1 66  ? -0.979  -3.734  -12.852 1.00 11.40 ? 66  SER A CB  1 
ATOM   479  O  OG  . SER A 1 66  ? -0.377  -4.811  -12.193 1.00 16.59 ? 66  SER A OG  1 
ATOM   480  N  N   . SER A 1 67  ? -2.995  -6.320  -13.356 1.00 8.81  ? 67  SER A N   1 
ATOM   481  C  CA  . SER A 1 67  ? -3.181  -7.623  -14.035 1.00 9.32  ? 67  SER A CA  1 
ATOM   482  C  C   . SER A 1 67  ? -4.538  -7.661  -14.735 1.00 9.57  ? 67  SER A C   1 
ATOM   483  O  O   . SER A 1 67  ? -4.801  -8.677  -15.444 1.00 9.75  ? 67  SER A O   1 
ATOM   484  C  CB  . SER A 1 67  ? -3.004  -8.769  -13.144 1.00 9.02  ? 67  SER A CB  1 
ATOM   485  O  OG  . SER A 1 67  ? -3.977  -8.793  -12.110 1.00 9.99  ? 67  SER A OG  1 
ATOM   486  N  N   . ARG A 1 68  ? -5.350  -6.605  -14.641 1.00 9.89  ? 68  ARG A N   1 
ATOM   487  C  CA  . ARG A 1 68  ? -6.599  -6.461  -15.397 1.00 9.89  ? 68  ARG A CA  1 
ATOM   488  C  C   . ARG A 1 68  ? -6.607  -5.167  -16.177 1.00 10.16 ? 68  ARG A C   1 
ATOM   489  O  O   . ARG A 1 68  ? -7.601  -4.900  -16.852 1.00 11.67 ? 68  ARG A O   1 
ATOM   490  C  CB  . ARG A 1 68  ? -7.778  -6.516  -14.443 1.00 10.07 ? 68  ARG A CB  1 
ATOM   491  C  CG  . ARG A 1 68  ? -7.918  -7.853  -13.751 1.00 10.35 ? 68  ARG A CG  1 
ATOM   492  C  CD  . ARG A 1 68  ? -8.478  -8.901  -14.720 1.00 11.29 ? 68  ARG A CD  1 
ATOM   493  N  NE  . ARG A 1 68  ? -8.615  -10.192 -14.109 1.00 11.58 ? 68  ARG A NE  1 
ATOM   494  C  CZ  . ARG A 1 68  ? -7.699  -11.140 -14.045 1.00 10.71 ? 68  ARG A CZ  1 
ATOM   495  N  NH1 . ARG A 1 68  ? -6.514  -10.976 -14.623 1.00 11.51 ? 68  ARG A NH1 1 
ATOM   496  N  NH2 . ARG A 1 68  ? -7.972  -12.292 -13.447 1.00 12.43 ? 68  ARG A NH2 1 
ATOM   497  N  N   . ARG A 1 69  ? -5.597  -4.336  -16.051 1.00 10.08 ? 69  ARG A N   1 
ATOM   498  C  CA  . ARG A 1 69  ? -5.615  -2.968  -16.588 1.00 11.10 ? 69  ARG A CA  1 
ATOM   499  C  C   . ARG A 1 69  ? -6.912  -2.275  -16.220 1.00 11.93 ? 69  ARG A C   1 
ATOM   500  O  O   . ARG A 1 69  ? -7.550  -1.629  -17.095 1.00 13.63 ? 69  ARG A O   1 
ATOM   501  C  CB  . ARG A 1 69  ? -5.384  -2.943  -18.103 1.00 12.39 ? 69  ARG A CB  1 
ATOM   502  C  CG  . ARG A 1 69  ? -3.990  -3.367  -18.510 1.00 13.37 ? 69  ARG A CG  1 
ATOM   503  C  CD  . ARG A 1 69  ? -3.786  -3.174  -19.999 1.00 14.94 ? 69  ARG A CD  1 
ATOM   504  N  NE  . ARG A 1 69  ? -2.481  -3.691  -20.467 1.00 15.55 ? 69  ARG A NE  1 
ATOM   505  C  CZ  . ARG A 1 69  ? -2.303  -4.700  -21.334 1.00 15.23 ? 69  ARG A CZ  1 
ATOM   506  N  NH1 . ARG A 1 69  ? -3.334  -5.420  -21.770 1.00 14.78 ? 69  ARG A NH1 1 
ATOM   507  N  NH2 . ARG A 1 69  ? -1.064  -5.061  -21.653 1.00 16.97 ? 69  ARG A NH2 1 
ATOM   508  N  N   . LYS A 1 70  ? -7.331  -2.372  -14.948 1.00 12.10 ? 70  LYS A N   1 
ATOM   509  C  CA  . LYS A 1 70  ? -8.662  -1.861  -14.556 1.00 13.10 ? 70  LYS A CA  1 
ATOM   510  C  C   . LYS A 1 70  ? -8.629  -1.320  -13.138 1.00 11.31 ? 70  LYS A C   1 
ATOM   511  O  O   . LYS A 1 70  ? -7.891  -1.887  -12.307 1.00 11.35 ? 70  LYS A O   1 
ATOM   512  C  CB  . LYS A 1 70  ? -9.726  -2.959  -14.664 1.00 14.22 ? 70  LYS A CB  1 
ATOM   513  C  CG  . LYS A 1 70  ? -10.263 -3.235  -16.066 1.00 20.10 ? 70  LYS A CG  1 
ATOM   514  C  CD  . LYS A 1 70  ? -11.562 -4.018  -16.065 1.00 26.56 ? 70  LYS A CD  1 
ATOM   515  C  CE  . LYS A 1 70  ? -12.027 -4.388  -17.459 1.00 32.20 ? 70  LYS A CE  1 
ATOM   516  N  NZ  . LYS A 1 70  ? -10.978 -5.153  -18.177 1.00 38.05 ? 70  LYS A NZ  1 
ATOM   517  N  N   . HIS A 1 71  ? -9.436  -0.308  -12.922 1.00 10.73 ? 71  HIS A N   1 
ATOM   518  C  CA  . HIS A 1 71  ? -9.752  0.192   -11.572 1.00 11.06 ? 71  HIS A CA  1 
ATOM   519  C  C   . HIS A 1 71  ? -11.055 -0.437  -11.131 1.00 11.33 ? 71  HIS A C   1 
ATOM   520  O  O   . HIS A 1 71  ? -12.030 -0.496  -11.917 1.00 13.23 ? 71  HIS A O   1 
ATOM   521  C  CB  . HIS A 1 71  ? -9.817  1.712   -11.528 1.00 11.35 ? 71  HIS A CB  1 
ATOM   522  C  CG  . HIS A 1 71  ? -8.552  2.424   -11.816 1.00 11.55 ? 71  HIS A CG  1 
ATOM   523  N  ND1 . HIS A 1 71  ? -7.712  2.978   -10.867 1.00 12.50 ? 71  HIS A ND1 1 
ATOM   524  C  CD2 . HIS A 1 71  ? -7.946  2.590   -12.999 1.00 12.65 ? 71  HIS A CD2 1 
ATOM   525  C  CE1 . HIS A 1 71  ? -6.669  3.526   -11.465 1.00 11.49 ? 71  HIS A CE1 1 
ATOM   526  N  NE2 . HIS A 1 71  ? -6.798  3.334   -12.778 1.00 16.58 ? 71  HIS A NE2 1 
ATOM   527  N  N   . TYR A 1 72  ? -11.137 -0.925  -9.904  1.00 9.61  ? 72  TYR A N   1 
ATOM   528  C  CA  . TYR A 1 72  ? -12.346 -1.554  -9.361  1.00 9.80  ? 72  TYR A CA  1 
ATOM   529  C  C   . TYR A 1 72  ? -12.801 -0.843  -8.100  1.00 9.23  ? 72  TYR A C   1 
ATOM   530  O  O   . TYR A 1 72  ? -11.995 -0.605  -7.194  1.00 10.02 ? 72  TYR A O   1 
ATOM   531  C  CB  . TYR A 1 72  ? -12.058 -3.002  -8.981  1.00 10.17 ? 72  TYR A CB  1 
ATOM   532  C  CG  . TYR A 1 72  ? -11.755 -3.928  -10.123 1.00 10.67 ? 72  TYR A CG  1 
ATOM   533  C  CD1 . TYR A 1 72  ? -12.783 -4.441  -10.911 1.00 12.02 ? 72  TYR A CD1 1 
ATOM   534  C  CD2 . TYR A 1 72  ? -10.458 -4.277  -10.452 1.00 10.90 ? 72  TYR A CD2 1 
ATOM   535  C  CE1 . TYR A 1 72  ? -12.517 -5.293  -11.973 1.00 12.26 ? 72  TYR A CE1 1 
ATOM   536  C  CE2 . TYR A 1 72  ? -10.180 -5.147  -11.495 1.00 11.73 ? 72  TYR A CE2 1 
ATOM   537  C  CZ  . TYR A 1 72  ? -11.223 -5.663  -12.243 1.00 11.78 ? 72  TYR A CZ  1 
ATOM   538  O  OH  . TYR A 1 72  ? -10.936 -6.524  -13.290 1.00 14.57 ? 72  TYR A OH  1 
ATOM   539  N  N   . PRO A 1 73  ? -14.098 -0.577  -7.965  1.00 9.85  ? 73  PRO A N   1 
ATOM   540  C  CA  . PRO A 1 73  ? -14.641 -0.085  -6.702  1.00 9.64  ? 73  PRO A CA  1 
ATOM   541  C  C   . PRO A 1 73  ? -14.702 -1.256  -5.739  1.00 10.17 ? 73  PRO A C   1 
ATOM   542  O  O   . PRO A 1 73  ? -15.238 -2.332  -6.053  1.00 12.31 ? 73  PRO A O   1 
ATOM   543  C  CB  . PRO A 1 73  ? -16.019 0.476   -7.077  1.00 10.53 ? 73  PRO A CB  1 
ATOM   544  C  CG  . PRO A 1 73  ? -16.400 -0.238  -8.317  1.00 13.13 ? 73  PRO A CG  1 
ATOM   545  C  CD  . PRO A 1 73  ? -15.131 -0.685  -9.030  1.00 10.97 ? 73  PRO A CD  1 
ATOM   546  N  N   . VAL A 1 74  ? -14.295 -1.035  -4.502  1.00 9.51  ? 74  VAL A N   1 
ATOM   547  C  CA  . VAL A 1 74  ? -14.294 -2.073  -3.445  1.00 9.95  ? 74  VAL A CA  1 
ATOM   548  C  C   . VAL A 1 74  ? -14.744 -1.521  -2.113  1.00 10.04 ? 74  VAL A C   1 
ATOM   549  O  O   . VAL A 1 74  ? -14.496 -0.325  -1.793  1.00 10.41 ? 74  VAL A O   1 
ATOM   550  C  CB  . VAL A 1 74  ? -12.915 -2.729  -3.297  1.00 10.80 ? 74  VAL A CB  1 
ATOM   551  C  CG1 . VAL A 1 74  ? -12.591 -3.613  -4.495  1.00 11.67 ? 74  VAL A CG1 1 
ATOM   552  C  CG2 . VAL A 1 74  ? -11.798 -1.748  -3.055  1.00 11.80 ? 74  VAL A CG2 1 
ATOM   553  N  N   . SER A 1 75  ? -15.287 -2.406  -1.320  1.00 9.52  ? 75  SER A N   1 
ATOM   554  C  CA  . SER A 1 75  ? -15.400 -2.206  0.136   1.00 9.63  ? 75  SER A CA  1 
ATOM   555  C  C   . SER A 1 75  ? -14.238 -2.955  0.769   1.00 9.43  ? 75  SER A C   1 
ATOM   556  O  O   . SER A 1 75  ? -13.853 -4.010  0.285   1.00 10.01 ? 75  SER A O   1 
ATOM   557  C  CB  . SER A 1 75  ? -16.670 -2.766  0.629   1.00 11.80 ? 75  SER A CB  1 
ATOM   558  O  OG  . SER A 1 75  ? -17.786 -2.140  0.083   1.00 18.75 ? 75  SER A OG  1 
ATOM   559  N  N   . PHE A 1 76  ? -13.661 -2.432  1.842   1.00 8.31  ? 76  PHE A N   1 
ATOM   560  C  CA  . PHE A 1 76  ? -12.490 -3.041  2.475   1.00 8.54  ? 76  PHE A CA  1 
ATOM   561  C  C   . PHE A 1 76  ? -12.594 -2.941  3.974   1.00 8.31  ? 76  PHE A C   1 
ATOM   562  O  O   . PHE A 1 76  ? -13.234 -2.031  4.544   1.00 9.03  ? 76  PHE A O   1 
ATOM   563  C  CB  . PHE A 1 76  ? -11.203 -2.416  1.939   1.00 8.11  ? 76  PHE A CB  1 
ATOM   564  C  CG  . PHE A 1 76  ? -11.077 -0.910  1.989   1.00 8.68  ? 76  PHE A CG  1 
ATOM   565  C  CD1 . PHE A 1 76  ? -11.550 -0.125  0.958   1.00 8.97  ? 76  PHE A CD1 1 
ATOM   566  C  CD2 . PHE A 1 76  ? -10.566 -0.268  3.129   1.00 9.17  ? 76  PHE A CD2 1 
ATOM   567  C  CE1 . PHE A 1 76  ? -11.442 1.259   0.996   1.00 9.97  ? 76  PHE A CE1 1 
ATOM   568  C  CE2 . PHE A 1 76  ? -10.469 1.112   3.137   1.00 9.36  ? 76  PHE A CE2 1 
ATOM   569  C  CZ  . PHE A 1 76  ? -10.941 1.864   2.102   1.00 9.61  ? 76  PHE A CZ  1 
ATOM   570  N  N   . SER A 1 77  ? -11.991 -3.934  4.611   1.00 9.10  ? 77  SER A N   1 
ATOM   571  C  CA  . SER A 1 77  ? -11.883 -3.974  6.094   1.00 9.43  ? 77  SER A CA  1 
ATOM   572  C  C   . SER A 1 77  ? -10.960 -2.898  6.618   1.00 9.91  ? 77  SER A C   1 
ATOM   573  O  O   . SER A 1 77  ? -10.055 -2.474  5.955   1.00 10.23 ? 77  SER A O   1 
ATOM   574  C  CB  . SER A 1 77  ? -11.461 -5.331  6.537   1.00 9.85  ? 77  SER A CB  1 
ATOM   575  O  OG  . SER A 1 77  ? -10.182 -5.680  6.041   1.00 12.29 ? 77  SER A OG  1 
ATOM   576  N  N   . LYS A 1 78  ? -11.172 -2.494  7.881   1.00 9.78  ? 78  LYS A N   1 
ATOM   577  C  CA  . LYS A 1 78  ? -10.255 -1.550  8.551   1.00 10.14 ? 78  LYS A CA  1 
ATOM   578  C  C   . LYS A 1 78  ? -8.908  -2.213  8.759   1.00 10.47 ? 78  LYS A C   1 
ATOM   579  O  O   . LYS A 1 78  ? -8.773  -3.437  8.904   1.00 11.45 ? 78  LYS A O   1 
ATOM   580  C  CB  . LYS A 1 78  ? -10.876 -1.103  9.859   1.00 11.69 ? 78  LYS A CB  1 
ATOM   581  C  CG  . LYS A 1 78  ? -12.137 -0.289  9.690   1.00 12.41 ? 78  LYS A CG  1 
ATOM   582  C  CD  . LYS A 1 78  ? -12.679 0.258   11.012  1.00 14.68 ? 78  LYS A CD  1 
ATOM   583  C  CE  . LYS A 1 78  ? -13.881 1.136   10.734  1.00 18.90 ? 78  LYS A CE  1 
ATOM   584  N  NZ  . LYS A 1 78  ? -14.399 1.841   11.932  1.00 22.05 ? 78  LYS A NZ  1 
ATOM   585  N  N   . PRO A 1 79  ? -7.828  -1.421  8.811   1.00 10.47 ? 79  PRO A N   1 
ATOM   586  C  CA  . PRO A 1 79  ? -6.487  -1.983  8.936   1.00 11.11 ? 79  PRO A CA  1 
ATOM   587  C  C   . PRO A 1 79  ? -6.355  -2.845  10.194  1.00 11.52 ? 79  PRO A C   1 
ATOM   588  O  O   . PRO A 1 79  ? -6.740  -2.413  11.291  1.00 13.68 ? 79  PRO A O   1 
ATOM   589  C  CB  . PRO A 1 79  ? -5.576  -0.729  8.973   1.00 11.80 ? 79  PRO A CB  1 
ATOM   590  C  CG  . PRO A 1 79  ? -6.377  0.354   8.349   1.00 12.99 ? 79  PRO A CG  1 
ATOM   591  C  CD  . PRO A 1 79  ? -7.826  0.034   8.632   1.00 10.91 ? 79  PRO A CD  1 
ATOM   592  N  N   A SER A 1 80  ? -5.829  -4.053  10.039  0.25 12.10 ? 80  SER A N   1 
ATOM   593  N  N   B SER A 1 80  ? -5.743  -4.006  10.063  0.25 11.80 ? 80  SER A N   1 
ATOM   594  C  CA  A SER A 1 80  ? -5.703  -5.024  11.150  0.25 13.74 ? 80  SER A CA  1 
ATOM   595  C  CA  B SER A 1 80  ? -5.578  -4.916  11.212  0.25 13.09 ? 80  SER A CA  1 
ATOM   596  C  C   A SER A 1 80  ? -4.496  -5.930  10.932  0.25 13.53 ? 80  SER A C   1 
ATOM   597  C  C   B SER A 1 80  ? -4.435  -5.882  10.964  0.25 13.34 ? 80  SER A C   1 
ATOM   598  O  O   A SER A 1 80  ? -3.830  -5.878  9.869   0.25 12.85 ? 80  SER A O   1 
ATOM   599  O  O   B SER A 1 80  ? -3.728  -5.784  9.939   0.25 12.39 ? 80  SER A O   1 
ATOM   600  C  CB  A SER A 1 80  ? -6.937  -5.895  11.302  0.25 15.62 ? 80  SER A CB  1 
ATOM   601  C  CB  B SER A 1 80  ? -6.846  -5.678  11.461  0.25 14.42 ? 80  SER A CB  1 
ATOM   602  O  OG  A SER A 1 80  ? -8.094  -5.304  10.735  0.25 20.03 ? 80  SER A OG  1 
ATOM   603  O  OG  B SER A 1 80  ? -7.935  -4.792  11.506  0.25 18.65 ? 80  SER A OG  1 
ATOM   604  N  N   . LEU A 1 81  ? -4.219  -6.759  11.941  1.00 12.82 ? 81  LEU A N   1 
ATOM   605  C  CA  . LEU A 1 81  ? -3.140  -7.748  11.949  1.00 13.63 ? 81  LEU A CA  1 
ATOM   606  C  C   . LEU A 1 81  ? -3.723  -9.026  11.404  1.00 13.84 ? 81  LEU A C   1 
ATOM   607  O  O   . LEU A 1 81  ? -4.666  -9.567  12.049  1.00 15.73 ? 81  LEU A O   1 
ATOM   608  C  CB  . LEU A 1 81  ? -2.633  -7.902  13.382  1.00 14.24 ? 81  LEU A CB  1 
ATOM   609  C  CG  . LEU A 1 81  ? -1.510  -8.918  13.572  1.00 16.26 ? 81  LEU A CG  1 
ATOM   610  C  CD1 . LEU A 1 81  ? -0.275  -8.528  12.757  1.00 16.73 ? 81  LEU A CD1 1 
ATOM   611  C  CD2 . LEU A 1 81  ? -1.143  -8.980  15.062  1.00 17.67 ? 81  LEU A CD2 1 
ATOM   612  N  N   . ILE A 1 82  ? -3.301  -9.469  10.232  1.00 11.74 ? 82  ILE A N   1 
ATOM   613  C  CA  . ILE A 1 82  ? -3.945  -10.538 9.453   1.00 13.53 ? 82  ILE A CA  1 
ATOM   614  C  C   . ILE A 1 82  ? -2.913  -11.579 9.081   1.00 12.09 ? 82  ILE A C   1 
ATOM   615  O  O   . ILE A 1 82  ? -1.866  -11.205 8.586   1.00 12.15 ? 82  ILE A O   1 
ATOM   616  C  CB  . ILE A 1 82  ? -4.589  -9.951  8.172   1.00 15.70 ? 82  ILE A CB  1 
ATOM   617  C  CG1 . ILE A 1 82  ? -5.557  -8.832  8.544   1.00 16.74 ? 82  ILE A CG1 1 
ATOM   618  C  CG2 . ILE A 1 82  ? -5.196  -11.033 7.286   1.00 19.65 ? 82  ILE A CG2 1 
ATOM   619  C  CD1 . ILE A 1 82  ? -6.741  -9.298  9.353   1.00 20.86 ? 82  ILE A CD1 1 
ATOM   620  N  N   . PHE A 1 83  ? -3.291  -12.843 9.143   1.00 11.56 ? 83  PHE A N   1 
ATOM   621  C  CA  . PHE A 1 83  ? -2.482  -13.925 8.601   1.00 12.40 ? 83  PHE A CA  1 
ATOM   622  C  C   . PHE A 1 83  ? -2.588  -13.928 7.082   1.00 12.33 ? 83  PHE A C   1 
ATOM   623  O  O   . PHE A 1 83  ? -3.702  -13.808 6.530   1.00 12.68 ? 83  PHE A O   1 
ATOM   624  C  CB  . PHE A 1 83  ? -2.884  -15.289 9.156   1.00 12.78 ? 83  PHE A CB  1 
ATOM   625  C  CG  . PHE A 1 83  ? -1.899  -16.350 8.769   1.00 13.49 ? 83  PHE A CG  1 
ATOM   626  C  CD1 . PHE A 1 83  ? -0.647  -16.340 9.339   1.00 14.61 ? 83  PHE A CD1 1 
ATOM   627  C  CD2 . PHE A 1 83  ? -2.171  -17.313 7.823   1.00 16.74 ? 83  PHE A CD2 1 
ATOM   628  C  CE1 . PHE A 1 83  ? 0.301   -17.304 9.029   1.00 16.19 ? 83  PHE A CE1 1 
ATOM   629  C  CE2 . PHE A 1 83  ? -1.216  -18.269 7.494   1.00 18.88 ? 83  PHE A CE2 1 
ATOM   630  C  CZ  . PHE A 1 83  ? 0.010   -18.251 8.091   1.00 18.01 ? 83  PHE A CZ  1 
ATOM   631  N  N   . VAL A 1 84  ? -1.445  -13.955 6.415   1.00 11.79 ? 84  VAL A N   1 
ATOM   632  C  CA  . VAL A 1 84  ? -1.345  -13.918 4.950   1.00 11.45 ? 84  VAL A CA  1 
ATOM   633  C  C   . VAL A 1 84  ? -0.646  -15.196 4.511   1.00 11.55 ? 84  VAL A C   1 
ATOM   634  O  O   . VAL A 1 84  ? 0.486   -15.473 4.982   1.00 13.22 ? 84  VAL A O   1 
ATOM   635  C  CB  . VAL A 1 84  ? -0.597  -12.663 4.458   1.00 11.58 ? 84  VAL A CB  1 
ATOM   636  C  CG1 . VAL A 1 84  ? -0.568  -12.630 2.953   1.00 11.67 ? 84  VAL A CG1 1 
ATOM   637  C  CG2 . VAL A 1 84  ? -1.256  -11.430 5.022   1.00 11.60 ? 84  VAL A CG2 1 
ATOM   638  N  N   . GLU A 1 85  ? -1.247  -15.984 3.646   1.00 11.43 ? 85  GLU A N   1 
ATOM   639  C  CA  . GLU A 1 85  ? -0.599  -17.201 3.139   1.00 12.05 ? 85  GLU A CA  1 
ATOM   640  C  C   . GLU A 1 85  ? 0.637   -16.827 2.315   1.00 12.23 ? 85  GLU A C   1 
ATOM   641  O  O   . GLU A 1 85  ? 0.807   -15.662 1.886   1.00 12.74 ? 85  GLU A O   1 
ATOM   642  C  CB  . GLU A 1 85  ? -1.582  -18.002 2.299   1.00 12.31 ? 85  GLU A CB  1 
ATOM   643  C  CG  . GLU A 1 85  ? -2.775  -18.492 3.088   1.00 14.17 ? 85  GLU A CG  1 
ATOM   644  C  CD  . GLU A 1 85  ? -2.466  -19.520 4.150   1.00 16.44 ? 85  GLU A CD  1 
ATOM   645  O  OE1 . GLU A 1 85  ? -1.387  -20.119 4.148   1.00 17.00 ? 85  GLU A OE1 1 
ATOM   646  O  OE2 . GLU A 1 85  ? -3.345  -19.691 5.008   1.00 16.63 ? 85  GLU A OE2 1 
ATOM   647  N  N   . ALA A 1 86  ? 1.510   -17.791 2.097   1.00 13.39 ? 86  ALA A N   1 
ATOM   648  C  CA  . ALA A 1 86  ? 2.762   -17.579 1.340   1.00 13.60 ? 86  ALA A CA  1 
ATOM   649  C  C   . ALA A 1 86  ? 2.427   -17.038 -0.033  1.00 13.90 ? 86  ALA A C   1 
ATOM   650  O  O   . ALA A 1 86  ? 1.469   -17.499 -0.676  1.00 14.42 ? 86  ALA A O   1 
ATOM   651  C  CB  . ALA A 1 86  ? 3.525   -18.884 1.259   1.00 13.94 ? 86  ALA A CB  1 
ATOM   652  N  N   . SER A 1 87  ? 3.277   -16.115 -0.501  1.00 13.95 ? 87  SER A N   1 
ATOM   653  C  CA  . SER A 1 87  ? 3.206   -15.537 -1.856  1.00 14.68 ? 87  SER A CA  1 
ATOM   654  C  C   . SER A 1 87  ? 4.559   -15.757 -2.519  1.00 15.75 ? 87  SER A C   1 
ATOM   655  O  O   . SER A 1 87  ? 5.507   -16.293 -1.884  1.00 14.91 ? 87  SER A O   1 
ATOM   656  C  CB  . SER A 1 87  ? 2.877   -14.070 -1.813  1.00 15.19 ? 87  SER A CB  1 
ATOM   657  O  OG  . SER A 1 87  ? 3.953   -13.370 -1.219  1.00 13.35 ? 87  SER A OG  1 
ATOM   658  N  N   . GLU A 1 88  ? 4.692   -15.294 -3.748  1.00 16.37 ? 88  GLU A N   1 
ATOM   659  C  CA  . GLU A 1 88  ? 5.997   -15.379 -4.447  1.00 17.10 ? 88  GLU A CA  1 
ATOM   660  C  C   . GLU A 1 88  ? 7.056   -14.535 -3.718  1.00 17.85 ? 88  GLU A C   1 
ATOM   661  O  O   . GLU A 1 88  ? 8.257   -14.807 -3.929  1.00 20.09 ? 88  GLU A O   1 
ATOM   662  C  CB  . GLU A 1 88  ? 5.848   -15.072 -5.942  1.00 20.25 ? 88  GLU A CB  1 
ATOM   663  C  CG  . GLU A 1 88  ? 5.997   -13.647 -6.365  1.00 28.10 ? 88  GLU A CG  1 
ATOM   664  C  CD  . GLU A 1 88  ? 5.936   -13.533 -7.886  1.00 29.37 ? 88  GLU A CD  1 
ATOM   665  O  OE1 . GLU A 1 88  ? 5.328   -14.436 -8.525  1.00 32.31 ? 88  GLU A OE1 1 
ATOM   666  O  OE2 . GLU A 1 88  ? 6.475   -12.535 -8.421  1.00 36.45 ? 88  GLU A OE2 1 
ATOM   667  N  N   . TYR A 1 89  ? 6.679   -13.572 -2.881  1.00 14.54 ? 89  TYR A N   1 
ATOM   668  C  CA  . TYR A 1 89  ? 7.653   -12.616 -2.305  1.00 14.30 ? 89  TYR A CA  1 
ATOM   669  C  C   . TYR A 1 89  ? 7.712   -12.622 -0.781  1.00 15.08 ? 89  TYR A C   1 
ATOM   670  O  O   . TYR A 1 89  ? 8.637   -11.985 -0.203  1.00 15.11 ? 89  TYR A O   1 
ATOM   671  C  CB  . TYR A 1 89  ? 7.355   -11.198 -2.800  1.00 13.09 ? 89  TYR A CB  1 
ATOM   672  C  CG  . TYR A 1 89  ? 5.917   -10.761 -2.697  1.00 12.93 ? 89  TYR A CG  1 
ATOM   673  C  CD1 . TYR A 1 89  ? 5.027   -11.062 -3.717  1.00 13.44 ? 89  TYR A CD1 1 
ATOM   674  C  CD2 . TYR A 1 89  ? 5.415   -10.094 -1.594  1.00 13.63 ? 89  TYR A CD2 1 
ATOM   675  C  CE1 . TYR A 1 89  ? 3.686   -10.708 -3.650  1.00 14.20 ? 89  TYR A CE1 1 
ATOM   676  C  CE2 . TYR A 1 89  ? 4.075   -9.752  -1.497  1.00 13.43 ? 89  TYR A CE2 1 
ATOM   677  C  CZ  . TYR A 1 89  ? 3.214   -10.048 -2.529  1.00 13.15 ? 89  TYR A CZ  1 
ATOM   678  O  OH  . TYR A 1 89  ? 1.913   -9.688  -2.447  1.00 12.97 ? 89  TYR A OH  1 
ATOM   679  N  N   . TYR A 1 90  ? 6.793   -13.300 -0.096  1.00 14.13 ? 90  TYR A N   1 
ATOM   680  C  CA  . TYR A 1 90  ? 6.900   -13.504 1.358   1.00 12.73 ? 90  TYR A CA  1 
ATOM   681  C  C   . TYR A 1 90  ? 6.428   -14.892 1.744   1.00 12.21 ? 90  TYR A C   1 
ATOM   682  O  O   . TYR A 1 90  ? 5.546   -15.467 1.111   1.00 13.21 ? 90  TYR A O   1 
ATOM   683  C  CB  . TYR A 1 90  ? 5.998   -12.564 2.146   1.00 13.63 ? 90  TYR A CB  1 
ATOM   684  C  CG  . TYR A 1 90  ? 6.473   -11.137 2.253   1.00 13.43 ? 90  TYR A CG  1 
ATOM   685  C  CD1 . TYR A 1 90  ? 7.699   -10.798 2.830   1.00 14.87 ? 90  TYR A CD1 1 
ATOM   686  C  CD2 . TYR A 1 90  ? 5.646   -10.099 1.870   1.00 13.13 ? 90  TYR A CD2 1 
ATOM   687  C  CE1 . TYR A 1 90  ? 8.090   -9.468  2.951   1.00 15.13 ? 90  TYR A CE1 1 
ATOM   688  C  CE2 . TYR A 1 90  ? 6.028   -8.775  2.000   1.00 13.69 ? 90  TYR A CE2 1 
ATOM   689  C  CZ  . TYR A 1 90  ? 7.259   -8.445  2.526   1.00 13.27 ? 90  TYR A CZ  1 
ATOM   690  O  OH  . TYR A 1 90  ? 7.651   -7.123  2.694   1.00 13.32 ? 90  TYR A OH  1 
ATOM   691  N  N   . PRO A 1 91  ? 6.987   -15.445 2.845   1.00 13.30 ? 91  PRO A N   1 
ATOM   692  C  CA  . PRO A 1 91  ? 6.425   -16.663 3.414   1.00 13.49 ? 91  PRO A CA  1 
ATOM   693  C  C   . PRO A 1 91  ? 5.052   -16.351 4.010   1.00 13.41 ? 91  PRO A C   1 
ATOM   694  O  O   . PRO A 1 91  ? 4.623   -15.210 4.152   1.00 13.97 ? 91  PRO A O   1 
ATOM   695  C  CB  . PRO A 1 91  ? 7.409   -17.011 4.533   1.00 14.06 ? 91  PRO A CB  1 
ATOM   696  C  CG  . PRO A 1 91  ? 7.888   -15.636 4.978   1.00 16.13 ? 91  PRO A CG  1 
ATOM   697  C  CD  . PRO A 1 91  ? 8.032   -14.845 3.687   1.00 14.17 ? 91  PRO A CD  1 
ATOM   698  N  N   . ALA A 1 92  ? 4.351   -17.382 4.437   1.00 14.78 ? 92  ALA A N   1 
ATOM   699  C  CA  . ALA A 1 92  ? 3.123   -17.217 5.215   1.00 15.78 ? 92  ALA A CA  1 
ATOM   700  C  C   . ALA A 1 92  ? 3.503   -16.474 6.486   1.00 15.70 ? 92  ALA A C   1 
ATOM   701  O  O   . ALA A 1 92  ? 4.513   -16.885 7.140   1.00 19.58 ? 92  ALA A O   1 
ATOM   702  C  CB  . ALA A 1 92  ? 2.513   -18.566 5.512   1.00 16.12 ? 92  ALA A CB  1 
ATOM   703  N  N   . ARG A 1 93  ? 2.798   -15.426 6.861   1.00 14.52 ? 93  ARG A N   1 
ATOM   704  C  CA  . ARG A 1 93  ? 3.148   -14.650 8.052   1.00 16.54 ? 93  ARG A CA  1 
ATOM   705  C  C   . ARG A 1 93  ? 1.983   -13.739 8.425   1.00 14.63 ? 93  ARG A C   1 
ATOM   706  O  O   . ARG A 1 93  ? 0.992   -13.605 7.644   1.00 14.17 ? 93  ARG A O   1 
ATOM   707  C  CB  . ARG A 1 93  ? 4.450   -13.917 7.725   1.00 16.72 ? 93  ARG A CB  1 
ATOM   708  C  CG  . ARG A 1 93  ? 4.192   -12.788 6.758   1.00 15.66 ? 93  ARG A CG  1 
ATOM   709  C  CD  . ARG A 1 93  ? 5.433   -12.054 6.283   1.00 17.32 ? 93  ARG A CD  1 
ATOM   710  N  NE  . ARG A 1 93  ? 5.014   -10.801 5.680   1.00 14.94 ? 93  ARG A NE  1 
ATOM   711  C  CZ  . ARG A 1 93  ? 5.486   -9.578  5.888   1.00 15.71 ? 93  ARG A CZ  1 
ATOM   712  N  NH1 . ARG A 1 93  ? 6.580   -9.357  6.608   1.00 16.12 ? 93  ARG A NH1 1 
ATOM   713  N  NH2 . ARG A 1 93  ? 4.813   -8.562  5.388   1.00 17.81 ? 93  ARG A NH2 1 
ATOM   714  N  N   . TYR A 1 94  ? 2.076   -13.127 9.565   1.00 14.03 ? 94  TYR A N   1 
ATOM   715  C  CA  . TYR A 1 94  ? 1.179   -12.049 9.994   1.00 14.70 ? 94  TYR A CA  1 
ATOM   716  C  C   . TYR A 1 94  ? 1.675   -10.745 9.414   1.00 14.42 ? 94  TYR A C   1 
ATOM   717  O  O   . TYR A 1 94  ? 2.909   -10.476 9.404   1.00 17.95 ? 94  TYR A O   1 
ATOM   718  C  CB  . TYR A 1 94  ? 1.116   -11.981 11.503  1.00 14.73 ? 94  TYR A CB  1 
ATOM   719  C  CG  . TYR A 1 94  ? 0.175   -13.037 12.019  1.00 16.81 ? 94  TYR A CG  1 
ATOM   720  C  CD1 . TYR A 1 94  ? -1.175  -12.784 11.984  1.00 18.89 ? 94  TYR A CD1 1 
ATOM   721  C  CD2 . TYR A 1 94  ? 0.608   -14.291 12.417  1.00 18.59 ? 94  TYR A CD2 1 
ATOM   722  C  CE1 . TYR A 1 94  ? -2.103  -13.711 12.406  1.00 20.43 ? 94  TYR A CE1 1 
ATOM   723  C  CE2 . TYR A 1 94  ? -0.316  -15.255 12.840  1.00 20.02 ? 94  TYR A CE2 1 
ATOM   724  C  CZ  . TYR A 1 94  ? -1.667  -14.936 12.850  1.00 18.88 ? 94  TYR A CZ  1 
ATOM   725  O  OH  . TYR A 1 94  ? -2.668  -15.784 13.245  1.00 23.67 ? 94  TYR A OH  1 
ATOM   726  N  N   . GLN A 1 95  ? 0.783   -10.012 8.776   1.00 12.18 ? 95  GLN A N   1 
ATOM   727  C  CA  . GLN A 1 95  ? 1.074   -8.655  8.282   1.00 12.04 ? 95  GLN A CA  1 
ATOM   728  C  C   . GLN A 1 95  ? 0.177   -7.682  9.034   1.00 11.97 ? 95  GLN A C   1 
ATOM   729  O  O   . GLN A 1 95  ? -1.049  -7.967  9.137   1.00 13.49 ? 95  GLN A O   1 
ATOM   730  C  CB  . GLN A 1 95  ? 0.805   -8.628  6.785   1.00 11.32 ? 95  GLN A CB  1 
ATOM   731  C  CG  . GLN A 1 95  ? 1.106   -7.299  6.143   1.00 12.70 ? 95  GLN A CG  1 
ATOM   732  C  CD  . GLN A 1 95  ? 1.400   -7.329  4.655   1.00 12.06 ? 95  GLN A CD  1 
ATOM   733  O  OE1 . GLN A 1 95  ? 2.016   -8.246  4.149   1.00 12.81 ? 95  GLN A OE1 1 
ATOM   734  N  NE2 . GLN A 1 95  ? 1.019   -6.248  4.023   1.00 12.19 ? 95  GLN A NE2 1 
ATOM   735  N  N   . SER A 1 96  ? 0.703   -6.557  9.487   1.00 11.06 ? 96  SER A N   1 
ATOM   736  C  CA  . SER A 1 96  ? -0.034  -5.543  10.236  1.00 12.07 ? 96  SER A CA  1 
ATOM   737  C  C   . SER A 1 96  ? -0.559  -4.451  9.297   1.00 11.56 ? 96  SER A C   1 
ATOM   738  O  O   . SER A 1 96  ? -0.020  -4.261  8.186   1.00 11.01 ? 96  SER A O   1 
ATOM   739  C  CB  . SER A 1 96  ? 0.813   -4.967  11.361  1.00 12.71 ? 96  SER A CB  1 
ATOM   740  O  OG  . SER A 1 96  ? 1.907   -4.255  10.796  1.00 14.74 ? 96  SER A OG  1 
ATOM   741  N  N   . HIS A 1 97  ? -1.457  -3.642  9.812   1.00 10.86 ? 97  HIS A N   1 
ATOM   742  C  CA  . HIS A 1 97  ? -2.045  -2.481  9.098   1.00 10.40 ? 97  HIS A CA  1 
ATOM   743  C  C   . HIS A 1 97  ? -2.543  -2.901  7.699   1.00 10.20 ? 97  HIS A C   1 
ATOM   744  O  O   . HIS A 1 97  ? -2.425  -2.110  6.777   1.00 10.47 ? 97  HIS A O   1 
ATOM   745  C  CB  . HIS A 1 97  ? -0.979  -1.389  9.045   1.00 11.50 ? 97  HIS A CB  1 
ATOM   746  C  CG  . HIS A 1 97  ? -0.572  -0.928  10.400  1.00 11.85 ? 97  HIS A CG  1 
ATOM   747  N  ND1 . HIS A 1 97  ? -1.138  0.162   10.992  1.00 12.43 ? 97  HIS A ND1 1 
ATOM   748  C  CD2 . HIS A 1 97  ? 0.369   -1.393  11.250  1.00 12.05 ? 97  HIS A CD2 1 
ATOM   749  C  CE1 . HIS A 1 97  ? -0.537  0.363   12.172  1.00 13.50 ? 97  HIS A CE1 1 
ATOM   750  N  NE2 . HIS A 1 97  ? 0.316   -0.600  12.370  1.00 14.23 ? 97  HIS A NE2 1 
ATOM   751  N  N   . LEU A 1 98  ? -3.126  -4.063  7.601   1.00 9.78  ? 98  LEU A N   1 
ATOM   752  C  CA  . LEU A 1 98  ? -3.566  -4.629  6.322   1.00 9.74  ? 98  LEU A CA  1 
ATOM   753  C  C   . LEU A 1 98  ? -5.094  -4.552  6.232   1.00 9.40  ? 98  LEU A C   1 
ATOM   754  O  O   . LEU A 1 98  ? -5.807  -4.896  7.198   1.00 10.04 ? 98  LEU A O   1 
ATOM   755  C  CB  . LEU A 1 98  ? -3.139  -6.083  6.208   1.00 9.92  ? 98  LEU A CB  1 
ATOM   756  C  CG  . LEU A 1 98  ? -3.462  -6.765  4.885   1.00 10.94 ? 98  LEU A CG  1 
ATOM   757  C  CD1 . LEU A 1 98  ? -2.641  -6.188  3.771   1.00 10.99 ? 98  LEU A CD1 1 
ATOM   758  C  CD2 . LEU A 1 98  ? -3.246  -8.274  4.979   1.00 12.22 ? 98  LEU A CD2 1 
ATOM   759  N  N   . MET A 1 99  ? -5.598  -4.126  5.100   1.00 8.88  ? 99  MET A N   1 
ATOM   760  C  CA  . MET A 1 99  ? -7.031  -4.043  4.755   1.00 9.61  ? 99  MET A CA  1 
ATOM   761  C  C   . MET A 1 99  ? -7.319  -5.073  3.688   1.00 9.13  ? 99  MET A C   1 
ATOM   762  O  O   . MET A 1 99  ? -6.538  -5.180  2.746   1.00 9.97  ? 99  MET A O   1 
ATOM   763  C  CB  . MET A 1 99  ? -7.364  -2.643  4.226   1.00 9.16  ? 99  MET A CB  1 
ATOM   764  C  CG  . MET A 1 99  ? -7.046  -1.560  5.228   1.00 10.67 ? 99  MET A CG  1 
ATOM   765  S  SD  . MET A 1 99  ? -7.166  0.115   4.645   1.00 10.84 ? 99  MET A SD  1 
ATOM   766  C  CE  . MET A 1 99  ? -5.760  0.180   3.535   1.00 10.46 ? 99  MET A CE  1 
ATOM   767  N  N   . LEU A 1 100 ? -8.463  -5.739  3.758   1.00 8.63  ? 100 LEU A N   1 
ATOM   768  C  CA  . LEU A 1 100 ? -8.830  -6.757  2.744   1.00 8.70  ? 100 LEU A CA  1 
ATOM   769  C  C   . LEU A 1 100 ? -10.098 -6.353  2.025   1.00 8.26  ? 100 LEU A C   1 
ATOM   770  O  O   . LEU A 1 100 ? -11.033 -5.831  2.637   1.00 9.18  ? 100 LEU A O   1 
ATOM   771  C  CB  . LEU A 1 100 ? -9.050  -8.105  3.424   1.00 9.72  ? 100 LEU A CB  1 
ATOM   772  C  CG  . LEU A 1 100 ? -7.827  -8.777  3.998   1.00 10.78 ? 100 LEU A CG  1 
ATOM   773  C  CD1 . LEU A 1 100 ? -8.207  -10.009 4.796   1.00 12.66 ? 100 LEU A CD1 1 
ATOM   774  C  CD2 . LEU A 1 100 ? -6.849  -9.134  2.901   1.00 12.17 ? 100 LEU A CD2 1 
ATOM   775  N  N   . ALA A 1 101 ? -10.122 -6.648  0.741   1.00 8.08  ? 101 ALA A N   1 
ATOM   776  C  CA  . ALA A 1 101 ? -11.309 -6.550  -0.095  1.00 8.17  ? 101 ALA A CA  1 
ATOM   777  C  C   . ALA A 1 101 ? -11.442 -7.787  -0.970  1.00 8.18  ? 101 ALA A C   1 
ATOM   778  O  O   . ALA A 1 101 ? -10.471 -8.500  -1.202  1.00 8.90  ? 101 ALA A O   1 
ATOM   779  C  CB  . ALA A 1 101 ? -11.256 -5.322  -0.983  1.00 8.26  ? 101 ALA A CB  1 
ATOM   780  N  N   . VAL A 1 102 ? -12.650 -8.012  -1.463  1.00 8.48  ? 102 VAL A N   1 
ATOM   781  C  CA  . VAL A 1 102 ? -12.899 -9.075  -2.475  1.00 8.86  ? 102 VAL A CA  1 
ATOM   782  C  C   . VAL A 1 102 ? -12.495 -8.500  -3.832  1.00 8.70  ? 102 VAL A C   1 
ATOM   783  O  O   . VAL A 1 102 ? -13.068 -7.505  -4.290  1.00 9.60  ? 102 VAL A O   1 
ATOM   784  C  CB  . VAL A 1 102 ? -14.346 -9.562  -2.430  1.00 8.75  ? 102 VAL A CB  1 
ATOM   785  C  CG1 . VAL A 1 102 ? -14.587 -10.624 -3.503  1.00 9.13  ? 102 VAL A CG1 1 
ATOM   786  C  CG2 . VAL A 1 102 ? -14.661 -10.089 -1.049  1.00 8.90  ? 102 VAL A CG2 1 
ATOM   787  N  N   . GLY A 1 103 ? -11.547 -9.137  -4.470  1.00 9.64  ? 103 GLY A N   1 
ATOM   788  C  CA  . GLY A 1 103 ? -11.054 -8.656  -5.754  1.00 10.50 ? 103 GLY A CA  1 
ATOM   789  C  C   . GLY A 1 103 ? -9.829  -9.411  -6.178  1.00 10.30 ? 103 GLY A C   1 
ATOM   790  O  O   . GLY A 1 103 ? -9.334  -10.294 -5.466  1.00 11.11 ? 103 GLY A O   1 
ATOM   791  N  N   . HIS A 1 104 ? -9.368  -9.095  -7.369  1.00 10.24 ? 104 HIS A N   1 
ATOM   792  C  CA  . HIS A 1 104 ? -8.236  -9.787  -7.991  1.00 10.53 ? 104 HIS A CA  1 
ATOM   793  C  C   . HIS A 1 104 ? -6.923  -9.107  -7.634  1.00 9.44  ? 104 HIS A C   1 
ATOM   794  O  O   . HIS A 1 104 ? -6.750  -7.887  -7.820  1.00 9.88  ? 104 HIS A O   1 
ATOM   795  C  CB  . HIS A 1 104 ? -8.445  -9.814  -9.507  1.00 9.89  ? 104 HIS A CB  1 
ATOM   796  C  CG  . HIS A 1 104 ? -7.428  -10.656 -10.162 1.00 11.38 ? 104 HIS A CG  1 
ATOM   797  N  ND1 . HIS A 1 104 ? -7.332  -12.011 -9.922  1.00 12.05 ? 104 HIS A ND1 1 
ATOM   798  C  CD2 . HIS A 1 104 ? -6.370  -10.304 -10.901 1.00 12.11 ? 104 HIS A CD2 1 
ATOM   799  C  CE1 . HIS A 1 104 ? -6.268  -12.469 -10.601 1.00 12.80 ? 104 HIS A CE1 1 
ATOM   800  N  NE2 . HIS A 1 104 ? -5.687  -11.446 -11.171 1.00 12.44 ? 104 HIS A NE2 1 
ATOM   801  N  N   . SER A 1 105 ? -5.931  -9.899  -7.257  1.00 9.53  ? 105 SER A N   1 
ATOM   802  C  CA  . SER A 1 105 ? -4.586  -9.398  -6.932  1.00 9.56  ? 105 SER A CA  1 
ATOM   803  C  C   . SER A 1 105 ? -3.603  -10.535 -7.166  1.00 10.55 ? 105 SER A C   1 
ATOM   804  O  O   . SER A 1 105 ? -3.682  -11.595 -6.493  1.00 13.40 ? 105 SER A O   1 
ATOM   805  C  CB  . SER A 1 105 ? -4.546  -8.918  -5.507  1.00 9.90  ? 105 SER A CB  1 
ATOM   806  O  OG  . SER A 1 105 ? -3.216  -8.503  -5.204  1.00 10.89 ? 105 SER A OG  1 
ATOM   807  N  N   . GLU A 1 106 ? -2.665  -10.272 -8.025  1.00 10.15 ? 106 GLU A N   1 
ATOM   808  C  CA  . GLU A 1 106 ? -1.457  -11.118 -8.261  1.00 11.75 ? 106 GLU A CA  1 
ATOM   809  C  C   . GLU A 1 106 ? -0.236  -10.386 -7.756  1.00 12.45 ? 106 GLU A C   1 
ATOM   810  O  O   . GLU A 1 106 ? -0.266  -9.161  -7.549  1.00 12.22 ? 106 GLU A O   1 
ATOM   811  C  CB  . GLU A 1 106 ? -1.298  -11.386 -9.765  1.00 14.48 ? 106 GLU A CB  1 
ATOM   812  C  CG  . GLU A 1 106 ? -2.462  -12.162 -10.339 1.00 17.31 ? 106 GLU A CG  1 
ATOM   813  C  CD  . GLU A 1 106 ? -2.433  -12.341 -11.863 1.00 16.19 ? 106 GLU A CD  1 
ATOM   814  O  OE1 . GLU A 1 106 ? -1.328  -12.419 -12.446 1.00 23.27 ? 106 GLU A OE1 1 
ATOM   815  O  OE2 . GLU A 1 106 ? -3.464  -12.365 -12.443 1.00 15.80 ? 106 GLU A OE2 1 
ATOM   816  N  N   . PRO A 1 107 ? 0.927   -11.061 -7.611  1.00 13.09 ? 107 PRO A N   1 
ATOM   817  C  CA  . PRO A 1 107 ? 2.097   -10.397 -7.042  1.00 13.44 ? 107 PRO A CA  1 
ATOM   818  C  C   . PRO A 1 107 ? 2.435   -9.068  -7.715  1.00 13.56 ? 107 PRO A C   1 
ATOM   819  O  O   . PRO A 1 107 ? 2.783   -8.049  -7.032  1.00 14.04 ? 107 PRO A O   1 
ATOM   820  C  CB  . PRO A 1 107 ? 3.168   -11.482 -7.228  1.00 13.91 ? 107 PRO A CB  1 
ATOM   821  C  CG  . PRO A 1 107 ? 2.414   -12.749 -6.978  1.00 15.09 ? 107 PRO A CG  1 
ATOM   822  C  CD  . PRO A 1 107 ? 1.127   -12.524 -7.773  1.00 14.61 ? 107 PRO A CD  1 
ATOM   823  N  N   . GLY A 1 108 ? 2.408   -9.020  -9.045  1.00 13.20 ? 108 GLY A N   1 
ATOM   824  C  CA  . GLY A 1 108 ? 2.824   -7.810  -9.736  1.00 12.91 ? 108 GLY A CA  1 
ATOM   825  C  C   . GLY A 1 108 ? 1.812   -6.667  -9.616  1.00 11.47 ? 108 GLY A C   1 
ATOM   826  O  O   . GLY A 1 108 ? 2.111   -5.550  -10.073 1.00 11.81 ? 108 GLY A O   1 
ATOM   827  N  N   . ASP A 1 109 ? 0.639   -6.940  -9.032  1.00 10.92 ? 109 ASP A N   1 
ATOM   828  C  CA  . ASP A 1 109 ? -0.320  -5.856  -8.727  1.00 9.55  ? 109 ASP A CA  1 
ATOM   829  C  C   . ASP A 1 109 ? 0.129   -5.026  -7.521  1.00 9.39  ? 109 ASP A C   1 
ATOM   830  O  O   . ASP A 1 109 ? -0.437  -3.950  -7.323  1.00 9.58  ? 109 ASP A O   1 
ATOM   831  C  CB  . ASP A 1 109 ? -1.704  -6.472  -8.497  1.00 9.84  ? 109 ASP A CB  1 
ATOM   832  C  CG  . ASP A 1 109 ? -2.280  -7.029  -9.780  1.00 9.46  ? 109 ASP A CG  1 
ATOM   833  O  OD1 . ASP A 1 109 ? -2.086  -6.345  -10.809 1.00 10.98 ? 109 ASP A OD1 1 
ATOM   834  O  OD2 . ASP A 1 109 ? -2.979  -8.059  -9.705  1.00 10.16 ? 109 ASP A OD2 1 
ATOM   835  N  N   . CYS A 1 110 ? 1.094   -5.490  -6.755  1.00 9.31  ? 110 CYS A N   1 
ATOM   836  C  CA  . CYS A 1 110 ? 1.562   -4.717  -5.590  1.00 9.39  ? 110 CYS A CA  1 
ATOM   837  C  C   . CYS A 1 110 ? 1.996   -3.330  -6.030  1.00 9.27  ? 110 CYS A C   1 
ATOM   838  O  O   . CYS A 1 110 ? 2.652   -3.147  -7.084  1.00 9.99  ? 110 CYS A O   1 
ATOM   839  C  CB  . CYS A 1 110 ? 2.731   -5.415  -4.912  1.00 9.42  ? 110 CYS A CB  1 
ATOM   840  S  SG  . CYS A 1 110 ? 2.229   -6.840  -3.930  1.00 10.76 ? 110 CYS A SG  1 
ATOM   841  N  N   . GLY A 1 111 ? 1.571   -2.334  -5.262  1.00 8.59  ? 111 GLY A N   1 
ATOM   842  C  CA  . GLY A 1 111 ? 1.887   -0.930  -5.526  1.00 8.87  ? 111 GLY A CA  1 
ATOM   843  C  C   . GLY A 1 111 ? 0.735   -0.175  -6.175  1.00 9.13  ? 111 GLY A C   1 
ATOM   844  O  O   . GLY A 1 111 ? 0.780   1.050   -6.210  1.00 10.33 ? 111 GLY A O   1 
ATOM   845  N  N   . GLY A 1 112 ? -0.287  -0.861  -6.669  1.00 9.20  ? 112 GLY A N   1 
ATOM   846  C  CA  . GLY A 1 112 ? -1.472  -0.166  -7.177  1.00 8.59  ? 112 GLY A CA  1 
ATOM   847  C  C   . GLY A 1 112 ? -2.129  0.603   -6.047  1.00 8.40  ? 112 GLY A C   1 
ATOM   848  O  O   . GLY A 1 112 ? -2.225  0.109   -4.920  1.00 8.64  ? 112 GLY A O   1 
ATOM   849  N  N   . ILE A 1 113 ? -2.613  1.785   -6.371  1.00 8.61  ? 113 ILE A N   1 
ATOM   850  C  CA  . ILE A 1 113 ? -3.218  2.668   -5.336  1.00 8.56  ? 113 ILE A CA  1 
ATOM   851  C  C   . ILE A 1 113 ? -4.655  2.252   -5.080  1.00 8.20  ? 113 ILE A C   1 
ATOM   852  O  O   . ILE A 1 113 ? -5.442  2.043   -6.026  1.00 8.74  ? 113 ILE A O   1 
ATOM   853  C  CB  . ILE A 1 113 ? -3.118  4.138   -5.797  1.00 9.93  ? 113 ILE A CB  1 
ATOM   854  C  CG1 . ILE A 1 113 ? -1.687  4.625   -5.527  1.00 12.46 ? 113 ILE A CG1 1 
ATOM   855  C  CG2 . ILE A 1 113 ? -4.138  5.065   -5.137  1.00 9.43  ? 113 ILE A CG2 1 
ATOM   856  C  CD1 . ILE A 1 113 ? -1.377  5.972   -6.098  1.00 15.23 ? 113 ILE A CD1 1 
ATOM   857  N  N   . LEU A 1 114 ? -5.033  2.288   -3.817  1.00 7.79  ? 114 LEU A N   1 
ATOM   858  C  CA  . LEU A 1 114 ? -6.433  2.330   -3.321  1.00 8.36  ? 114 LEU A CA  1 
ATOM   859  C  C   . LEU A 1 114 ? -6.712  3.765   -2.895  1.00 8.37  ? 114 LEU A C   1 
ATOM   860  O  O   . LEU A 1 114 ? -5.884  4.341   -2.118  1.00 8.58  ? 114 LEU A O   1 
ATOM   861  C  CB  . LEU A 1 114 ? -6.564  1.378   -2.134  1.00 8.61  ? 114 LEU A CB  1 
ATOM   862  C  CG  . LEU A 1 114 ? -7.880  1.463   -1.372  1.00 8.55  ? 114 LEU A CG  1 
ATOM   863  C  CD1 . LEU A 1 114 ? -9.067  0.977   -2.221  1.00 10.01 ? 114 LEU A CD1 1 
ATOM   864  C  CD2 . LEU A 1 114 ? -7.776  0.665   -0.064  1.00 9.46  ? 114 LEU A CD2 1 
ATOM   865  N  N   . ARG A 1 115 ? -7.769  4.356   -3.408  1.00 8.58  ? 115 ARG A N   1 
ATOM   866  C  CA  . ARG A 1 115 ? -8.133  5.747   -3.093  1.00 8.87  ? 115 ARG A CA  1 
ATOM   867  C  C   . ARG A 1 115 ? -9.580  5.840   -2.683  1.00 9.03  ? 115 ARG A C   1 
ATOM   868  O  O   . ARG A 1 115 ? -10.409 5.062   -3.157  1.00 8.64  ? 115 ARG A O   1 
ATOM   869  C  CB  . ARG A 1 115 ? -7.849  6.668   -4.256  1.00 10.12 ? 115 ARG A CB  1 
ATOM   870  C  CG  . ARG A 1 115 ? -8.675  6.350   -5.484  1.00 11.88 ? 115 ARG A CG  1 
ATOM   871  C  CD  . ARG A 1 115 ? -8.342  7.207   -6.688  1.00 13.92 ? 115 ARG A CD  1 
ATOM   872  N  NE  . ARG A 1 115 ? -7.101  6.781   -7.316  1.00 17.09 ? 115 ARG A NE  1 
ATOM   873  C  CZ  . ARG A 1 115 ? -5.977  7.515   -7.444  1.00 18.55 ? 115 ARG A CZ  1 
ATOM   874  N  NH1 . ARG A 1 115 ? -5.886  8.737   -6.950  1.00 22.64 ? 115 ARG A NH1 1 
ATOM   875  N  NH2 . ARG A 1 115 ? -4.954  7.026   -8.121  1.00 20.66 ? 115 ARG A NH2 1 
ATOM   876  N  N   . CYS A 1 116 ? -9.857  6.787   -1.801  1.00 8.55  ? 116 CYS A N   1 
ATOM   877  C  CA  . CYS A 1 116 ? -11.226 7.161   -1.415  1.00 9.55  ? 116 CYS A CA  1 
ATOM   878  C  C   . CYS A 1 116 ? -11.451 8.603   -1.794  1.00 9.28  ? 116 CYS A C   1 
ATOM   879  O  O   . CYS A 1 116 ? -10.575 9.259   -2.333  1.00 10.09 ? 116 CYS A O   1 
ATOM   880  C  CB  . CYS A 1 116 ? -11.431 6.912   0.083   1.00 8.71  ? 116 CYS A CB  1 
ATOM   881  S  SG  . CYS A 1 116 ? -10.418 8.018   1.100   1.00 9.30  ? 116 CYS A SG  1 
ATOM   882  N  N   . GLN A 1 117 ? -12.582 9.121   -1.337  1.00 11.29 ? 117 GLN A N   1 
ATOM   883  C  CA  . GLN A 1 117 ? -12.891 10.539  -1.580  1.00 11.84 ? 117 GLN A CA  1 
ATOM   884  C  C   . GLN A 1 117 ? -11.857 11.464  -0.952  1.00 12.02 ? 117 GLN A C   1 
ATOM   885  O  O   . GLN A 1 117 ? -11.714 12.592  -1.403  1.00 14.95 ? 117 GLN A O   1 
ATOM   886  C  CB  . GLN A 1 117 ? -14.294 10.868  -1.084  1.00 13.83 ? 117 GLN A CB  1 
ATOM   887  C  CG  . GLN A 1 117 ? -14.430 10.806  0.429   1.00 15.93 ? 117 GLN A CG  1 
ATOM   888  C  CD  . GLN A 1 117 ? -15.811 11.149  0.938   1.00 20.32 ? 117 GLN A CD  1 
ATOM   889  O  OE1 . GLN A 1 117 ? -16.672 10.275  1.069   1.00 25.68 ? 117 GLN A OE1 1 
ATOM   890  N  NE2 . GLN A 1 117 ? -16.040 12.435  1.125   1.00 21.94 ? 117 GLN A NE2 1 
ATOM   891  N  N   . HIS A 1 118 ? -11.091 11.042  0.035   1.00 10.96 ? 118 HIS A N   1 
ATOM   892  C  CA  . HIS A 1 118 ? -10.122 11.931  0.702   1.00 10.89 ? 118 HIS A CA  1 
ATOM   893  C  C   . HIS A 1 118 ? -8.699  11.849  0.131   1.00 11.34 ? 118 HIS A C   1 
ATOM   894  O  O   . HIS A 1 118 ? -7.803  12.588  0.614   1.00 13.26 ? 118 HIS A O   1 
ATOM   895  C  CB  . HIS A 1 118 ? -10.087 11.588  2.180   1.00 10.38 ? 118 HIS A CB  1 
ATOM   896  C  CG  . HIS A 1 118 ? -11.401 11.639  2.862   1.00 10.43 ? 118 HIS A CG  1 
ATOM   897  N  ND1 . HIS A 1 118 ? -12.157 10.528  3.095   1.00 10.04 ? 118 HIS A ND1 1 
ATOM   898  C  CD2 . HIS A 1 118 ? -12.144 12.713  3.271   1.00 11.44 ? 118 HIS A CD2 1 
ATOM   899  C  CE1 . HIS A 1 118 ? -13.299 10.922  3.677   1.00 11.02 ? 118 HIS A CE1 1 
ATOM   900  N  NE2 . HIS A 1 118 ? -13.301 12.240  3.777   1.00 12.71 ? 118 HIS A NE2 1 
ATOM   901  N  N   . GLY A 1 119 ? -8.423  10.906  -0.772  1.00 10.67 ? 119 GLY A N   1 
ATOM   902  C  CA  . GLY A 1 119 ? -7.117  10.695  -1.383  1.00 10.45 ? 119 GLY A CA  1 
ATOM   903  C  C   . GLY A 1 119 ? -6.640  9.269   -1.259  1.00 8.97  ? 119 GLY A C   1 
ATOM   904  O  O   . GLY A 1 119 ? -7.447  8.338   -1.247  1.00 9.26  ? 119 GLY A O   1 
ATOM   905  N  N   . VAL A 1 120 ? -5.340  9.094   -1.204  1.00 9.14  ? 120 VAL A N   1 
ATOM   906  C  CA  . VAL A 1 120 ? -4.733  7.751   -1.264  1.00 8.85  ? 120 VAL A CA  1 
ATOM   907  C  C   . VAL A 1 120 ? -4.850  7.089   0.103   1.00 8.85  ? 120 VAL A C   1 
ATOM   908  O  O   . VAL A 1 120 ? -4.414  7.676   1.145   1.00 9.61  ? 120 VAL A O   1 
ATOM   909  C  CB  . VAL A 1 120 ? -3.272  7.850   -1.712  1.00 10.06 ? 120 VAL A CB  1 
ATOM   910  C  CG1 . VAL A 1 120 ? -2.595  6.502   -1.567  1.00 9.92  ? 120 VAL A CG1 1 
ATOM   911  C  CG2 . VAL A 1 120 ? -3.147  8.429   -3.112  1.00 10.89 ? 120 VAL A CG2 1 
ATOM   912  N  N   . VAL A 1 121 ? -5.431  5.909   0.147   1.00 8.32  ? 121 VAL A N   1 
ATOM   913  C  CA  . VAL A 1 121 ? -5.635  5.090   1.369   1.00 8.24  ? 121 VAL A CA  1 
ATOM   914  C  C   . VAL A 1 121 ? -4.463  4.172   1.605   1.00 7.80  ? 121 VAL A C   1 
ATOM   915  O  O   . VAL A 1 121 ? -4.040  3.942   2.746   1.00 8.81  ? 121 VAL A O   1 
ATOM   916  C  CB  . VAL A 1 121 ? -6.923  4.295   1.213   1.00 8.39  ? 121 VAL A CB  1 
ATOM   917  C  CG1 . VAL A 1 121 ? -7.148  3.350   2.373   1.00 9.07  ? 121 VAL A CG1 1 
ATOM   918  C  CG2 . VAL A 1 121 ? -8.090  5.247   1.023   1.00 9.90  ? 121 VAL A CG2 1 
ATOM   919  N  N   . GLY A 1 122 ? -3.935  3.587   0.539   1.00 8.51  ? 122 GLY A N   1 
ATOM   920  C  CA  . GLY A 1 122 ? -2.888  2.573   0.659   1.00 9.28  ? 122 GLY A CA  1 
ATOM   921  C  C   . GLY A 1 122 ? -2.487  2.007   -0.673  1.00 8.06  ? 122 GLY A C   1 
ATOM   922  O  O   . GLY A 1 122 ? -2.943  2.522   -1.713  1.00 8.57  ? 122 GLY A O   1 
ATOM   923  N  N   . ILE A 1 123 ? -1.663  0.953   -0.643  1.00 8.30  ? 123 ILE A N   1 
ATOM   924  C  CA  . ILE A 1 123 ? -1.205  0.305   -1.898  1.00 8.15  ? 123 ILE A CA  1 
ATOM   925  C  C   . ILE A 1 123 ? -1.465  -1.199  -1.794  1.00 8.24  ? 123 ILE A C   1 
ATOM   926  O  O   . ILE A 1 123 ? -1.390  -1.768  -0.699  1.00 8.09  ? 123 ILE A O   1 
ATOM   927  C  CB  . ILE A 1 123 ? 0.263   0.605   -2.228  1.00 8.47  ? 123 ILE A CB  1 
ATOM   928  C  CG1 . ILE A 1 123 ? 1.200   0.338   -1.039  1.00 9.56  ? 123 ILE A CG1 1 
ATOM   929  C  CG2 . ILE A 1 123 ? 0.396   2.023   -2.771  1.00 9.40  ? 123 ILE A CG2 1 
ATOM   930  C  CD1 . ILE A 1 123 ? 2.660   0.472   -1.383  1.00 10.27 ? 123 ILE A CD1 1 
ATOM   931  N  N   . VAL A 1 124 ? -1.680  -1.829  -2.925  1.00 7.78  ? 124 VAL A N   1 
ATOM   932  C  CA  . VAL A 1 124 ? -1.826  -3.297  -2.957  1.00 7.76  ? 124 VAL A CA  1 
ATOM   933  C  C   . VAL A 1 124 ? -0.579  -3.922  -2.374  1.00 8.53  ? 124 VAL A C   1 
ATOM   934  O  O   . VAL A 1 124 ? 0.550   -3.515  -2.743  1.00 7.97  ? 124 VAL A O   1 
ATOM   935  C  CB  . VAL A 1 124 ? -2.074  -3.777  -4.385  1.00 8.01  ? 124 VAL A CB  1 
ATOM   936  C  CG1 . VAL A 1 124 ? -2.058  -5.293  -4.457  1.00 7.81  ? 124 VAL A CG1 1 
ATOM   937  C  CG2 . VAL A 1 124 ? -3.350  -3.230  -4.989  1.00 7.92  ? 124 VAL A CG2 1 
ATOM   938  N  N   . SER A 1 125 ? -0.762  -4.888  -1.482  1.00 8.27  ? 125 SER A N   1 
ATOM   939  C  CA  . SER A 1 125 ? 0.326   -5.631  -0.842  1.00 8.94  ? 125 SER A CA  1 
ATOM   940  C  C   . SER A 1 125 ? 0.126   -7.137  -0.831  1.00 9.08  ? 125 SER A C   1 
ATOM   941  O  O   . SER A 1 125 ? 1.132   -7.857  -0.727  1.00 10.00 ? 125 SER A O   1 
ATOM   942  C  CB  . SER A 1 125 ? 0.500   -5.089  0.556   1.00 9.05  ? 125 SER A CB  1 
ATOM   943  O  OG  . SER A 1 125 ? 1.537   -5.756  1.273   1.00 10.57 ? 125 SER A OG  1 
ATOM   944  N  N   . THR A 1 126 ? -1.114  -7.634  -0.831  1.00 9.11  ? 126 THR A N   1 
ATOM   945  C  CA  . THR A 1 126 ? -1.371  -9.089  -0.795  1.00 9.16  ? 126 THR A CA  1 
ATOM   946  C  C   . THR A 1 126 ? -2.404  -9.469  -1.846  1.00 9.25  ? 126 THR A C   1 
ATOM   947  O  O   . THR A 1 126 ? -3.146  -8.603  -2.362  1.00 9.30  ? 126 THR A O   1 
ATOM   948  C  CB  . THR A 1 126 ? -1.790  -9.603  0.598   1.00 9.84  ? 126 THR A CB  1 
ATOM   949  O  OG1 . THR A 1 126 ? -3.162  -9.268  0.819   1.00 10.18 ? 126 THR A OG1 1 
ATOM   950  C  CG2 . THR A 1 126 ? -0.950  -9.033  1.719   1.00 9.92  ? 126 THR A CG2 1 
ATOM   951  N  N   . GLY A 1 127 ? -2.460  -10.761 -2.125  1.00 9.84  ? 127 GLY A N   1 
ATOM   952  C  CA  . GLY A 1 127 ? -3.481  -11.297 -3.010  1.00 10.58 ? 127 GLY A CA  1 
ATOM   953  C  C   . GLY A 1 127 ? -3.693  -12.771 -2.768  1.00 11.39 ? 127 GLY A C   1 
ATOM   954  O  O   . GLY A 1 127 ? -3.247  -13.313 -1.772  1.00 13.83 ? 127 GLY A O   1 
ATOM   955  N  N   . GLY A 1 128 ? -4.396  -13.388 -3.692  1.00 12.91 ? 128 GLY A N   1 
ATOM   956  C  CA  . GLY A 1 128 ? -4.736  -14.825 -3.619  1.00 13.11 ? 128 GLY A CA  1 
ATOM   957  C  C   . GLY A 1 128 ? -6.091  -15.066 -3.005  1.00 13.44 ? 128 GLY A C   1 
ATOM   958  O  O   . GLY A 1 128 ? -6.648  -14.244 -2.250  1.00 12.90 ? 128 GLY A O   1 
ATOM   959  N  N   . ASN A 1 129 ? -6.666  -16.219 -3.327  1.00 14.69 ? 129 ASN A N   1 
ATOM   960  C  CA  . ASN A 1 129 ? -7.968  -16.693 -2.779  1.00 14.63 ? 129 ASN A CA  1 
ATOM   961  C  C   . ASN A 1 129 ? -9.045  -15.630 -2.936  1.00 12.90 ? 129 ASN A C   1 
ATOM   962  O  O   . ASN A 1 129 ? -9.935  -15.544 -2.035  1.00 13.60 ? 129 ASN A O   1 
ATOM   963  C  CB  . ASN A 1 129 ? -7.910  -17.152 -1.323  1.00 17.22 ? 129 ASN A CB  1 
ATOM   964  C  CG  . ASN A 1 129 ? -7.155  -18.442 -1.138  1.00 23.68 ? 129 ASN A CG  1 
ATOM   965  O  OD1 . ASN A 1 129 ? -7.358  -19.376 -1.919  1.00 25.26 ? 129 ASN A OD1 1 
ATOM   966  N  ND2 . ASN A 1 129 ? -6.287  -18.462 -0.133  1.00 24.30 ? 129 ASN A ND2 1 
ATOM   967  N  N   . GLY A 1 130 ? -9.050  -14.899 -4.033  1.00 12.20 ? 130 GLY A N   1 
ATOM   968  C  CA  . GLY A 1 130 ? -10.123 -13.965 -4.357  1.00 10.91 ? 130 GLY A CA  1 
ATOM   969  C  C   . GLY A 1 130 ? -10.145 -12.713 -3.521  1.00 9.89  ? 130 GLY A C   1 
ATOM   970  O  O   . GLY A 1 130 ? -11.094 -12.030 -3.619  1.00 9.67  ? 130 GLY A O   1 
ATOM   971  N  N   . LEU A 1 131 ? -9.094  -12.456 -2.742  1.00 10.45 ? 131 LEU A N   1 
ATOM   972  C  CA  . LEU A 1 131 ? -8.972  -11.197 -1.997  1.00 9.75  ? 131 LEU A CA  1 
ATOM   973  C  C   . LEU A 1 131 ? -7.805  -10.370 -2.522  1.00 9.66  ? 131 LEU A C   1 
ATOM   974  O  O   . LEU A 1 131 ? -6.819  -10.901 -3.095  1.00 11.23 ? 131 LEU A O   1 
ATOM   975  C  CB  . LEU A 1 131 ? -8.792  -11.410 -0.505  1.00 11.39 ? 131 LEU A CB  1 
ATOM   976  C  CG  . LEU A 1 131 ? -9.805  -12.303 0.186   1.00 11.78 ? 131 LEU A CG  1 
ATOM   977  C  CD1 . LEU A 1 131 ? -9.529  -12.276 1.692   1.00 13.47 ? 131 LEU A CD1 1 
ATOM   978  C  CD2 . LEU A 1 131 ? -11.215 -11.836 -0.126  1.00 11.64 ? 131 LEU A CD2 1 
ATOM   979  N  N   . VAL A 1 132 ? -7.910  -9.082  -2.271  1.00 9.48  ? 132 VAL A N   1 
ATOM   980  C  CA  . VAL A 1 132 ? -6.797  -8.127  -2.470  1.00 9.16  ? 132 VAL A CA  1 
ATOM   981  C  C   . VAL A 1 132 ? -6.563  -7.470  -1.128  1.00 9.57  ? 132 VAL A C   1 
ATOM   982  O  O   . VAL A 1 132 ? -7.540  -7.018  -0.466  1.00 9.51  ? 132 VAL A O   1 
ATOM   983  C  CB  . VAL A 1 132 ? -7.124  -7.131  -3.580  1.00 9.56  ? 132 VAL A CB  1 
ATOM   984  C  CG1 . VAL A 1 132 ? -8.445  -6.417  -3.455  1.00 11.09 ? 132 VAL A CG1 1 
ATOM   985  C  CG2 . VAL A 1 132 ? -5.973  -6.157  -3.758  1.00 9.59  ? 132 VAL A CG2 1 
ATOM   986  N  N   . GLY A 1 133 ? -5.312  -7.423  -0.675  1.00 8.62  ? 133 GLY A N   1 
ATOM   987  C  CA  . GLY A 1 133 ? -4.931  -6.772  0.574   1.00 8.15  ? 133 GLY A CA  1 
ATOM   988  C  C   . GLY A 1 133 ? -4.153  -5.528  0.279   1.00 7.70  ? 133 GLY A C   1 
ATOM   989  O  O   . GLY A 1 133 ? -3.338  -5.498  -0.642  1.00 8.91  ? 133 GLY A O   1 
ATOM   990  N  N   . PHE A 1 134 ? -4.413  -4.489  1.053   1.00 8.08  ? 134 PHE A N   1 
ATOM   991  C  CA  . PHE A 1 134 ? -3.787  -3.165  0.914   1.00 7.81  ? 134 PHE A CA  1 
ATOM   992  C  C   . PHE A 1 134 ? -3.090  -2.802  2.207   1.00 8.48  ? 134 PHE A C   1 
ATOM   993  O  O   . PHE A 1 134 ? -3.685  -2.904  3.291   1.00 8.74  ? 134 PHE A O   1 
ATOM   994  C  CB  . PHE A 1 134 ? -4.854  -2.114  0.644   1.00 7.95  ? 134 PHE A CB  1 
ATOM   995  C  CG  . PHE A 1 134 ? -5.787  -2.418  -0.487  1.00 8.08  ? 134 PHE A CG  1 
ATOM   996  C  CD1 . PHE A 1 134 ? -5.439  -2.176  -1.803  1.00 7.85  ? 134 PHE A CD1 1 
ATOM   997  C  CD2 . PHE A 1 134 ? -7.008  -3.025  -0.219  1.00 8.71  ? 134 PHE A CD2 1 
ATOM   998  C  CE1 . PHE A 1 134 ? -6.325  -2.437  -2.834  1.00 8.69  ? 134 PHE A CE1 1 
ATOM   999  C  CE2 . PHE A 1 134 ? -7.892  -3.296  -1.286  1.00 8.69  ? 134 PHE A CE2 1 
ATOM   1000 C  CZ  . PHE A 1 134 ? -7.536  -3.022  -2.589  1.00 9.04  ? 134 PHE A CZ  1 
ATOM   1001 N  N   . ALA A 1 135 ? -1.882  -2.286  2.047   1.00 8.09  ? 135 ALA A N   1 
ATOM   1002 C  CA  . ALA A 1 135 ? -1.097  -1.728  3.165   1.00 8.11  ? 135 ALA A CA  1 
ATOM   1003 C  C   . ALA A 1 135 ? -1.625  -0.312  3.366   1.00 8.06  ? 135 ALA A C   1 
ATOM   1004 O  O   . ALA A 1 135 ? -1.469  0.546   2.501   1.00 8.25  ? 135 ALA A O   1 
ATOM   1005 C  CB  . ALA A 1 135 ? 0.362   -1.749  2.824   1.00 8.59  ? 135 ALA A CB  1 
ATOM   1006 N  N   . ASP A 1 136 ? -2.224  -0.032  4.531   1.00 7.99  ? 136 ASP A N   1 
ATOM   1007 C  CA  . ASP A 1 136 ? -2.720  1.304   4.859   1.00 8.55  ? 136 ASP A CA  1 
ATOM   1008 C  C   . ASP A 1 136 ? -1.567  2.272   5.037   1.00 7.77  ? 136 ASP A C   1 
ATOM   1009 O  O   . ASP A 1 136 ? -0.494  1.887   5.571   1.00 9.22  ? 136 ASP A O   1 
ATOM   1010 C  CB  . ASP A 1 136 ? -3.517  1.241   6.161   1.00 9.09  ? 136 ASP A CB  1 
ATOM   1011 C  CG  . ASP A 1 136 ? -4.158  2.537   6.558   1.00 9.29  ? 136 ASP A CG  1 
ATOM   1012 O  OD1 . ASP A 1 136 ? -4.884  3.102   5.747   1.00 9.78  ? 136 ASP A OD1 1 
ATOM   1013 O  OD2 . ASP A 1 136 ? -3.858  3.009   7.684   1.00 11.82 ? 136 ASP A OD2 1 
ATOM   1014 N  N   . VAL A 1 137 ? -1.798  3.518   4.672   1.00 8.05  ? 137 VAL A N   1 
ATOM   1015 C  CA  . VAL A 1 137 ? -0.846  4.622   4.973   1.00 8.90  ? 137 VAL A CA  1 
ATOM   1016 C  C   . VAL A 1 137 ? -1.538  5.770   5.701   1.00 9.04  ? 137 VAL A C   1 
ATOM   1017 O  O   . VAL A 1 137 ? -0.867  6.770   5.956   1.00 9.51  ? 137 VAL A O   1 
ATOM   1018 C  CB  . VAL A 1 137 ? -0.163  5.123   3.688   1.00 9.22  ? 137 VAL A CB  1 
ATOM   1019 C  CG1 . VAL A 1 137 ? 0.644   4.011   3.041   1.00 10.10 ? 137 VAL A CG1 1 
ATOM   1020 C  CG2 . VAL A 1 137 ? -1.132  5.724   2.706   1.00 9.36  ? 137 VAL A CG2 1 
ATOM   1021 N  N   . ARG A 1 138 ? -2.829  5.669   6.000   1.00 9.45  ? 138 ARG A N   1 
ATOM   1022 C  CA  . ARG A 1 138 ? -3.573  6.837   6.534   1.00 9.33  ? 138 ARG A CA  1 
ATOM   1023 C  C   . ARG A 1 138 ? -3.150  7.165   7.954   1.00 9.19  ? 138 ARG A C   1 
ATOM   1024 O  O   . ARG A 1 138 ? -3.418  8.305   8.374   1.00 10.93 ? 138 ARG A O   1 
ATOM   1025 C  CB  . ARG A 1 138 ? -5.072  6.570   6.477   1.00 8.67  ? 138 ARG A CB  1 
ATOM   1026 C  CG  . ARG A 1 138 ? -5.612  6.409   5.057   1.00 8.96  ? 138 ARG A CG  1 
ATOM   1027 C  CD  . ARG A 1 138 ? -7.081  6.058   5.138   1.00 8.90  ? 138 ARG A CD  1 
ATOM   1028 N  NE  . ARG A 1 138 ? -7.245  4.717   5.651   1.00 8.81  ? 138 ARG A NE  1 
ATOM   1029 C  CZ  . ARG A 1 138 ? -8.396  4.094   5.783   1.00 8.51  ? 138 ARG A CZ  1 
ATOM   1030 N  NH1 . ARG A 1 138 ? -9.531  4.753   5.568   1.00 8.51  ? 138 ARG A NH1 1 
ATOM   1031 N  NH2 . ARG A 1 138 ? -8.361  2.811   6.051   1.00 8.88  ? 138 ARG A NH2 1 
ATOM   1032 N  N   . ASP A 1 139 ? -2.536  6.248   8.649   1.00 9.01  ? 139 ASP A N   1 
ATOM   1033 C  CA  . ASP A 1 139 ? -2.032  6.537   10.013  1.00 10.02 ? 139 ASP A CA  1 
ATOM   1034 C  C   . ASP A 1 139 ? -0.679  7.232   9.957   1.00 11.08 ? 139 ASP A C   1 
ATOM   1035 O  O   . ASP A 1 139 ? -0.230  7.650   11.062  1.00 13.25 ? 139 ASP A O   1 
ATOM   1036 C  CB  . ASP A 1 139 ? -1.958  5.268   10.844  1.00 12.44 ? 139 ASP A CB  1 
ATOM   1037 C  CG  . ASP A 1 139 ? -0.955  4.256   10.320  1.00 12.84 ? 139 ASP A CG  1 
ATOM   1038 O  OD1 . ASP A 1 139 ? -0.839  4.116   9.064   1.00 12.59 ? 139 ASP A OD1 1 
ATOM   1039 O  OD2 . ASP A 1 139 ? -0.276  3.617   11.145  1.00 16.31 ? 139 ASP A OD2 1 
ATOM   1040 N  N   . LEU A 1 140 ? -0.012  7.313   8.814   1.00 10.87 ? 140 LEU A N   1 
ATOM   1041 C  CA  . LEU A 1 140 ? 1.359   7.855   8.772   1.00 10.55 ? 140 LEU A CA  1 
ATOM   1042 C  C   . LEU A 1 140 ? 1.236   9.357   8.560   1.00 11.19 ? 140 LEU A C   1 
ATOM   1043 O  O   . LEU A 1 140 ? 1.473   9.891   7.484   1.00 11.75 ? 140 LEU A O   1 
ATOM   1044 C  CB  . LEU A 1 140 ? 2.143   7.167   7.656   1.00 11.08 ? 140 LEU A CB  1 
ATOM   1045 C  CG  . LEU A 1 140 ? 2.236   5.651   7.768   1.00 12.55 ? 140 LEU A CG  1 
ATOM   1046 C  CD1 . LEU A 1 140 ? 2.925   5.077   6.533   1.00 12.53 ? 140 LEU A CD1 1 
ATOM   1047 C  CD2 . LEU A 1 140 ? 2.945   5.192   9.032   1.00 12.79 ? 140 LEU A CD2 1 
ATOM   1048 N  N   . LEU A 1 141 ? 0.918   10.079  9.649   1.00 12.00 ? 141 LEU A N   1 
ATOM   1049 C  CA  . LEU A 1 141 ? 0.604   11.509  9.517   1.00 12.18 ? 141 LEU A CA  1 
ATOM   1050 C  C   . LEU A 1 141 ? 1.821   12.329  9.117   1.00 12.16 ? 141 LEU A C   1 
ATOM   1051 O  O   . LEU A 1 141 ? 1.645   13.329  8.486   1.00 14.74 ? 141 LEU A O   1 
ATOM   1052 C  CB  . LEU A 1 141 ? 0.022   12.074  10.813  1.00 13.45 ? 141 LEU A CB  1 
ATOM   1053 C  CG  . LEU A 1 141 ? -1.148  11.296  11.405  1.00 14.83 ? 141 LEU A CG  1 
ATOM   1054 C  CD1 . LEU A 1 141 ? -1.707  12.065  12.595  1.00 16.59 ? 141 LEU A CD1 1 
ATOM   1055 C  CD2 . LEU A 1 141 ? -2.283  10.996  10.442  1.00 14.77 ? 141 LEU A CD2 1 
ATOM   1056 N  N   . TRP A 1 142 ? 3.006   11.835  9.481   1.00 11.88 ? 142 TRP A N   1 
ATOM   1057 C  CA  . TRP A 1 142 ? 4.275   12.536  9.184   1.00 12.86 ? 142 TRP A CA  1 
ATOM   1058 C  C   . TRP A 1 142 ? 4.499   12.611  7.677   1.00 13.43 ? 142 TRP A C   1 
ATOM   1059 O  O   . TRP A 1 142 ? 5.331   13.448  7.218   1.00 15.60 ? 142 TRP A O   1 
ATOM   1060 C  CB  . TRP A 1 142 ? 5.386   11.839  9.961   1.00 12.96 ? 142 TRP A CB  1 
ATOM   1061 C  CG  . TRP A 1 142 ? 5.543   10.380  9.645   1.00 13.11 ? 142 TRP A CG  1 
ATOM   1062 C  CD1 . TRP A 1 142 ? 5.082   9.355   10.405  1.00 14.34 ? 142 TRP A CD1 1 
ATOM   1063 C  CD2 . TRP A 1 142 ? 6.199   9.804   8.500   1.00 13.90 ? 142 TRP A CD2 1 
ATOM   1064 N  NE1 . TRP A 1 142 ? 5.435   8.165   9.848   1.00 13.97 ? 142 TRP A NE1 1 
ATOM   1065 C  CE2 . TRP A 1 142 ? 6.130   8.411   8.703   1.00 13.41 ? 142 TRP A CE2 1 
ATOM   1066 C  CE3 . TRP A 1 142 ? 6.953   10.325  7.438   1.00 14.28 ? 142 TRP A CE3 1 
ATOM   1067 C  CZ2 . TRP A 1 142 ? 6.709   7.517   7.794   1.00 14.53 ? 142 TRP A CZ2 1 
ATOM   1068 C  CZ3 . TRP A 1 142 ? 7.488   9.432   6.521   1.00 14.71 ? 142 TRP A CZ3 1 
ATOM   1069 C  CH2 . TRP A 1 142 ? 7.360   8.055   6.708   1.00 14.10 ? 142 TRP A CH2 1 
ATOM   1070 N  N   . LEU A 1 143 ? 3.825   11.801  6.858   1.00 14.05 ? 143 LEU A N   1 
ATOM   1071 C  CA  . LEU A 1 143 ? 3.996   11.915  5.390   1.00 14.04 ? 143 LEU A CA  1 
ATOM   1072 C  C   . LEU A 1 143 ? 3.595   13.320  4.885   1.00 15.64 ? 143 LEU A C   1 
ATOM   1073 O  O   . LEU A 1 143 ? 3.986   13.681  3.767   1.00 17.47 ? 143 LEU A O   1 
ATOM   1074 C  CB  . LEU A 1 143 ? 3.141   10.884  4.652   1.00 14.11 ? 143 LEU A CB  1 
ATOM   1075 C  CG  . LEU A 1 143 ? 3.612   9.434   4.700   1.00 12.32 ? 143 LEU A CG  1 
ATOM   1076 C  CD1 . LEU A 1 143 ? 2.584   8.513   4.092   1.00 13.37 ? 143 LEU A CD1 1 
ATOM   1077 C  CD2 . LEU A 1 143 ? 4.922   9.276   3.923   1.00 13.50 ? 143 LEU A CD2 1 
ATOM   1078 N  N   . ASP A 1 144 ? 2.710   14.020  5.626   1.00 17.44 ? 144 ASP A N   1 
ATOM   1079 C  CA  . ASP A 1 144 ? 2.058   15.272  5.147   1.00 21.29 ? 144 ASP A CA  1 
ATOM   1080 C  C   . ASP A 1 144 ? 2.925   16.488  5.441   1.00 24.70 ? 144 ASP A C   1 
ATOM   1081 O  O   . ASP A 1 144 ? 2.524   17.581  4.957   1.00 27.89 ? 144 ASP A O   1 
ATOM   1082 C  CB  . ASP A 1 144 ? 0.697   15.525  5.799   1.00 21.88 ? 144 ASP A CB  1 
ATOM   1083 C  CG  . ASP A 1 144 ? -0.404  14.543  5.434   1.00 18.57 ? 144 ASP A CG  1 
ATOM   1084 O  OD1 . ASP A 1 144 ? -0.197  13.746  4.505   1.00 23.74 ? 144 ASP A OD1 1 
ATOM   1085 O  OD2 . ASP A 1 144 ? -1.408  14.489  6.179   1.00 23.34 ? 144 ASP A OD2 1 
ATOM   1086 N  N   . GLU A 1 145 ? 4.054   16.326  6.135   1.00 29.74 ? 145 GLU A N   1 
ATOM   1087 C  CA  . GLU A 1 145 ? 4.967   17.463  6.455   1.00 37.45 ? 145 GLU A CA  1 
ATOM   1088 C  C   . GLU A 1 145 ? 6.448   17.108  6.250   1.00 38.07 ? 145 GLU A C   1 
ATOM   1089 O  O   . GLU A 1 145 ? 6.770   15.915  6.100   1.00 34.97 ? 145 GLU A O   1 
ATOM   1090 C  CB  . GLU A 1 145 ? 4.761   17.860  7.909   1.00 40.94 ? 145 GLU A CB  1 
ATOM   1091 C  CG  . GLU A 1 145 ? 5.218   16.782  8.881   1.00 45.70 ? 145 GLU A CG  1 
ATOM   1092 C  CD  . GLU A 1 145 ? 4.261   16.501  10.025  1.00 52.98 ? 145 GLU A CD  1 
ATOM   1093 O  OE1 . GLU A 1 145 ? 4.621   15.712  10.928  1.00 56.19 ? 145 GLU A OE1 1 
ATOM   1094 O  OE2 . GLU A 1 145 ? 3.155   17.062  10.008  1.00 62.19 ? 145 GLU A OE2 1 
ATOM   1095 N  N   . GLU A 1 146 ? 7.305   18.132  6.265   1.00 46.18 ? 146 GLU A N   1 
ATOM   1096 C  CA  . GLU A 1 146 ? 8.776   18.031  6.496   1.00 52.27 ? 146 GLU A CA  1 
ATOM   1097 C  C   . GLU A 1 146 ? 9.385   17.030  5.508   1.00 57.34 ? 146 GLU A C   1 
ATOM   1098 O  O   . GLU A 1 146 ? 10.599  16.969  5.305   1.00 62.42 ? 146 GLU A O   1 
ATOM   1099 C  CB  . GLU A 1 146 ? 9.025   17.681  7.968   1.00 50.39 ? 146 GLU A CB  1 
ATOM   1100 C  CG  . GLU A 1 146 ? 9.957   16.504  8.207   1.00 55.25 ? 146 GLU A CG  1 
ATOM   1101 C  CD  . GLU A 1 146 ? 11.454  16.774  8.195   1.00 60.40 ? 146 GLU A CD  1 
ATOM   1102 O  OE1 . GLU A 1 146 ? 12.215  15.787  8.256   1.00 59.75 ? 146 GLU A OE1 1 
ATOM   1103 O  OE2 . GLU A 1 146 ? 11.863  17.958  8.138   1.00 59.88 ? 146 GLU A OE2 1 
HETATM 1104 C  C13 . JH1 B 2 .   ? 13.172  8.224   -5.763  0.50 20.00 ? 201 JH1 A C13 1 
HETATM 1105 C  C15 . JH1 B 2 .   ? 12.204  7.155   -7.610  0.50 20.00 ? 201 JH1 A C15 1 
HETATM 1106 C  C17 . JH1 B 2 .   ? 13.512  5.895   -6.105  0.50 20.00 ? 201 JH1 A C17 1 
HETATM 1107 C  C01 . JH1 B 2 .   ? 16.467  13.482  -1.943  0.50 20.00 ? 201 JH1 A C01 1 
HETATM 1108 C  C02 . JH1 B 2 .   ? 17.726  12.718  -2.149  0.50 20.00 ? 201 JH1 A C02 1 
HETATM 1109 N  N03 . JH1 B 2 .   ? 17.591  11.617  -3.101  0.50 20.00 ? 201 JH1 A N03 1 
HETATM 1110 C  C04 . JH1 B 2 .   ? 16.760  10.595  -3.032  0.50 20.00 ? 201 JH1 A C04 1 
HETATM 1111 C  C05 . JH1 B 2 .   ? 17.112  9.731   -4.040  0.50 20.00 ? 201 JH1 A C05 1 
HETATM 1112 C  C06 . JH1 B 2 .   ? 18.197  10.352  -4.651  0.50 20.00 ? 201 JH1 A C06 1 
HETATM 1113 N  N07 . JH1 B 2 .   ? 18.473  11.498  -4.112  0.50 20.00 ? 201 JH1 A N07 1 
HETATM 1114 C  C08 . JH1 B 2 .   ? 16.431  8.472   -4.441  0.50 20.00 ? 201 JH1 A C08 1 
HETATM 1115 O  O09 . JH1 B 2 .   ? 16.837  7.810   -5.344  0.50 20.00 ? 201 JH1 A O09 1 
HETATM 1116 N  N10 . JH1 B 2 .   ? 15.342  8.138   -3.768  0.50 20.00 ? 201 JH1 A N10 1 
HETATM 1117 C  C11 . JH1 B 2 .   ? 14.589  6.948   -4.120  0.50 20.00 ? 201 JH1 A C11 1 
HETATM 1118 C  C12 . JH1 B 2 .   ? 13.752  7.030   -5.360  0.50 20.00 ? 201 JH1 A C12 1 
HETATM 1119 C  C14 . JH1 B 2 .   ? 12.391  8.288   -6.890  0.50 20.00 ? 201 JH1 A C14 1 
HETATM 1120 C  C16 . JH1 B 2 .   ? 12.735  5.950   -7.246  0.50 20.00 ? 201 JH1 A C16 1 
HETATM 1121 F  F18 . JH1 B 2 .   ? 11.464  7.227   -8.742  0.50 20.00 ? 201 JH1 A F18 1 
HETATM 1122 ZN ZN  . ZN  C 3 .   ? -11.628 8.540   2.967   1.00 9.38  ? 202 ZN  A ZN  1 
HETATM 1123 S  S   . DMS D 4 .   ? -7.324  13.939  -3.457  1.00 24.78 ? 203 DMS A S   1 
HETATM 1124 O  O   . DMS D 4 .   ? -7.141  15.108  -4.462  1.00 32.60 ? 203 DMS A O   1 
HETATM 1125 C  C1  . DMS D 4 .   ? -9.094  13.626  -3.439  1.00 22.96 ? 203 DMS A C1  1 
HETATM 1126 C  C2  . DMS D 4 .   ? -6.772  12.563  -4.337  1.00 21.81 ? 203 DMS A C2  1 
HETATM 1127 S  S   . DMS E 4 .   ? 8.870   -4.109  11.763  1.00 25.84 ? 204 DMS A S   1 
HETATM 1128 O  O   . DMS E 4 .   ? 8.455   -5.339  11.028  1.00 22.79 ? 204 DMS A O   1 
HETATM 1129 C  C1  . DMS E 4 .   ? 7.689   -3.918  13.089  1.00 26.96 ? 204 DMS A C1  1 
HETATM 1130 C  C2  . DMS E 4 .   ? 10.288  -4.618  12.748  1.00 25.27 ? 204 DMS A C2  1 
HETATM 1131 S  S   . DMS F 4 .   ? -1.661  3.235   -14.099 1.00 54.77 ? 205 DMS A S   1 
HETATM 1132 O  O   . DMS F 4 .   ? -2.130  3.101   -15.525 1.00 54.20 ? 205 DMS A O   1 
HETATM 1133 C  C1  . DMS F 4 .   ? -1.196  4.950   -13.897 1.00 53.80 ? 205 DMS A C1  1 
HETATM 1134 C  C2  . DMS F 4 .   ? -3.126  3.288   -13.122 1.00 44.06 ? 205 DMS A C2  1 
HETATM 1135 S  S   . DMS G 4 .   ? -15.145 -9.349  -7.033  1.00 31.99 ? 206 DMS A S   1 
HETATM 1136 O  O   . DMS G 4 .   ? -13.916 -10.174 -7.237  1.00 30.30 ? 206 DMS A O   1 
HETATM 1137 C  C1  . DMS G 4 .   ? -15.358 -8.422  -8.523  1.00 28.97 ? 206 DMS A C1  1 
HETATM 1138 C  C2  . DMS G 4 .   ? -16.519 -10.433 -7.252  1.00 30.37 ? 206 DMS A C2  1 
HETATM 1139 S  S   . DMS H 4 .   ? 10.120  -15.146 -0.534  1.00 32.69 ? 207 DMS A S   1 
HETATM 1140 O  O   . DMS H 4 .   ? 11.240  -14.492 0.240   1.00 37.85 ? 207 DMS A O   1 
HETATM 1141 C  C1  . DMS H 4 .   ? 10.924  -16.531 -1.308  1.00 35.94 ? 207 DMS A C1  1 
HETATM 1142 C  C2  . DMS H 4 .   ? 9.219   -16.076 0.646   1.00 32.04 ? 207 DMS A C2  1 
HETATM 1143 S  S   . SO4 I 5 .   ? -0.776  -19.606 12.141  1.00 47.43 ? 208 SO4 A S   1 
HETATM 1144 O  O1  . SO4 I 5 .   ? -0.695  -18.947 13.418  1.00 46.07 ? 208 SO4 A O1  1 
HETATM 1145 O  O2  . SO4 I 5 .   ? -1.809  -19.003 11.341  1.00 45.29 ? 208 SO4 A O2  1 
HETATM 1146 O  O3  . SO4 I 5 .   ? -1.087  -20.994 12.346  1.00 45.47 ? 208 SO4 A O3  1 
HETATM 1147 O  O4  . SO4 I 5 .   ? 0.483   -19.489 11.462  1.00 47.11 ? 208 SO4 A O4  1 
HETATM 1148 O  O   . HOH J 6 .   ? -3.242  -16.633 15.149  1.00 30.82 ? 301 HOH A O   1 
HETATM 1149 O  O   . HOH J 6 .   ? 0.403   -11.091 -12.664 1.00 24.35 ? 302 HOH A O   1 
HETATM 1150 O  O   . HOH J 6 .   ? 14.122  18.529  -3.706  1.00 46.40 ? 303 HOH A O   1 
HETATM 1151 O  O   . HOH J 6 .   ? 3.906   18.955  -1.680  1.00 38.80 ? 304 HOH A O   1 
HETATM 1152 O  O   . HOH J 6 .   ? -3.538  -14.321 0.344   1.00 10.72 ? 305 HOH A O   1 
HETATM 1153 O  O   . HOH J 6 .   ? 9.987   12.498  7.806   1.00 39.62 ? 306 HOH A O   1 
HETATM 1154 O  O   . HOH J 6 .   ? 3.449   18.048  -4.045  1.00 43.92 ? 307 HOH A O   1 
HETATM 1155 O  O   . HOH J 6 .   ? 10.356  15.705  3.259   1.00 35.89 ? 308 HOH A O   1 
HETATM 1156 O  O   . HOH J 6 .   ? -10.469 -4.959  11.057  1.00 36.57 ? 309 HOH A O   1 
HETATM 1157 O  O   . HOH J 6 .   ? 5.859   14.381  12.662  1.00 44.68 ? 310 HOH A O   1 
HETATM 1158 O  O   . HOH J 6 .   ? -9.231  -6.971  -18.071 1.00 22.22 ? 311 HOH A O   1 
HETATM 1159 O  O   . HOH J 6 .   ? 6.728   5.160   -9.649  1.00 34.17 ? 312 HOH A O   1 
HETATM 1160 O  O   . HOH J 6 .   ? 10.867  -8.789  5.534   1.00 25.71 ? 313 HOH A O   1 
HETATM 1161 O  O   . HOH J 6 .   ? -3.814  0.228   -17.388 1.00 36.03 ? 314 HOH A O   1 
HETATM 1162 O  O   . HOH J 6 .   ? 1.679   7.863   -7.287  1.00 19.23 ? 315 HOH A O   1 
HETATM 1163 O  O   . HOH J 6 .   ? 4.490   -2.195  12.913  1.00 39.74 ? 316 HOH A O   1 
HETATM 1164 O  O   . HOH J 6 .   ? -0.549  -1.224  -15.519 1.00 20.71 ? 317 HOH A O   1 
HETATM 1165 O  O   . HOH J 6 .   ? 5.020   21.563  -5.036  1.00 46.31 ? 318 HOH A O   1 
HETATM 1166 O  O   . HOH J 6 .   ? -12.850 -7.389  -14.852 1.00 21.68 ? 319 HOH A O   1 
HETATM 1167 O  O   . HOH J 6 .   ? 1.821   12.215  -8.028  1.00 16.08 ? 320 HOH A O   1 
HETATM 1168 O  O   . HOH J 6 .   ? 0.219   -19.807 -0.602  1.00 29.05 ? 321 HOH A O   1 
HETATM 1169 O  O   . HOH J 6 .   ? -8.360  -1.948  -19.579 1.00 31.18 ? 322 HOH A O   1 
HETATM 1170 O  O   . HOH J 6 .   ? 0.900   -20.489 2.867   1.00 17.10 ? 323 HOH A O   1 
HETATM 1171 O  O   . HOH J 6 .   ? -8.359  -0.809  12.638  1.00 28.57 ? 324 HOH A O   1 
HETATM 1172 O  O   . HOH J 6 .   ? 1.916   15.625  -2.736  1.00 21.98 ? 325 HOH A O   1 
HETATM 1173 O  O   . HOH J 6 .   ? 9.193   -17.107 -4.855  1.00 41.61 ? 326 HOH A O   1 
HETATM 1174 O  O   . HOH J 6 .   ? 14.395  0.856   10.137  1.00 23.10 ? 327 HOH A O   1 
HETATM 1175 O  O   . HOH J 6 .   ? -16.233 4.069   7.322   1.00 34.84 ? 328 HOH A O   1 
HETATM 1176 O  O   . HOH J 6 .   ? 14.806  3.530   -7.371  1.00 26.04 ? 329 HOH A O   1 
HETATM 1177 O  O   . HOH J 6 .   ? -8.241  15.208  0.885   1.00 23.65 ? 330 HOH A O   1 
HETATM 1178 O  O   . HOH J 6 .   ? 10.932  -1.960  -7.747  1.00 26.80 ? 331 HOH A O   1 
HETATM 1179 O  O   . HOH J 6 .   ? -8.936  -13.428 -8.319  1.00 27.94 ? 332 HOH A O   1 
HETATM 1180 O  O   . HOH J 6 .   ? -8.302  -5.953  7.924   1.00 14.06 ? 333 HOH A O   1 
HETATM 1181 O  O   . HOH J 6 .   ? 6.923   -16.597 8.273   1.00 25.60 ? 334 HOH A O   1 
HETATM 1182 O  O   . HOH J 6 .   ? 10.197  -0.254  -6.660  1.00 30.44 ? 335 HOH A O   1 
HETATM 1183 O  O   . HOH J 6 .   ? 5.668   -0.861  -4.626  1.00 11.79 ? 336 HOH A O   1 
HETATM 1184 O  O   . HOH J 6 .   ? 13.382  -5.230  -3.025  1.00 27.03 ? 337 HOH A O   1 
HETATM 1185 O  O   . HOH J 6 .   ? 8.078   12.858  -6.322  1.00 20.57 ? 338 HOH A O   1 
HETATM 1186 O  O   . HOH J 6 .   ? 5.231   -11.351 10.433  1.00 40.42 ? 339 HOH A O   1 
HETATM 1187 O  O   . HOH J 6 .   ? -15.099 -4.685  -7.344  1.00 20.87 ? 340 HOH A O   1 
HETATM 1188 O  O   . HOH J 6 .   ? -3.127  1.593   9.854   1.00 15.27 ? 341 HOH A O   1 
HETATM 1189 O  O   . HOH J 6 .   ? 5.277   -7.971  -5.862  1.00 14.49 ? 342 HOH A O   1 
HETATM 1190 O  O   . HOH J 6 .   ? 11.337  -3.816  9.368   1.00 18.41 ? 343 HOH A O   1 
HETATM 1191 O  O   . HOH J 6 .   ? -2.838  16.752  6.543   1.00 25.42 ? 344 HOH A O   1 
HETATM 1192 O  O   . HOH J 6 .   ? 10.772  -10.453 -0.914  1.00 17.20 ? 345 HOH A O   1 
HETATM 1193 O  O   . HOH J 6 .   ? 14.016  9.115   8.942   1.00 32.68 ? 346 HOH A O   1 
HETATM 1194 O  O   . HOH J 6 .   ? 10.382  -8.938  -3.854  1.00 36.07 ? 347 HOH A O   1 
HETATM 1195 O  O   . HOH J 6 .   ? -0.770  -3.710  -16.583 1.00 21.47 ? 348 HOH A O   1 
HETATM 1196 O  O   . HOH J 6 .   ? -1.701  3.018   13.387  1.00 27.83 ? 349 HOH A O   1 
HETATM 1197 O  O   . HOH J 6 .   ? -15.610 -6.626  -4.720  1.00 18.98 ? 350 HOH A O   1 
HETATM 1198 O  O   . HOH J 6 .   ? -10.184 2.808   9.471   1.00 16.22 ? 351 HOH A O   1 
HETATM 1199 O  O   . HOH J 6 .   ? -6.958  -12.110 -5.535  1.00 15.09 ? 352 HOH A O   1 
HETATM 1200 O  O   . HOH J 6 .   ? -5.660  -15.650 6.071   1.00 17.65 ? 353 HOH A O   1 
HETATM 1201 O  O   . HOH J 6 .   ? -8.386  4.825   9.176   1.00 12.17 ? 354 HOH A O   1 
HETATM 1202 O  O   . HOH J 6 .   ? -3.300  15.092  -4.869  1.00 17.87 ? 355 HOH A O   1 
HETATM 1203 O  O   . HOH J 6 .   ? 0.009   -1.216  -10.301 1.00 15.07 ? 356 HOH A O   1 
HETATM 1204 O  O   . HOH J 6 .   ? -5.669  -18.227 5.003   1.00 15.14 ? 357 HOH A O   1 
HETATM 1205 O  O   . HOH J 6 .   ? -12.677 13.378  -3.854  1.00 20.37 ? 358 HOH A O   1 
HETATM 1206 O  O   . HOH J 6 .   ? -5.962  -13.683 0.353   1.00 14.29 ? 359 HOH A O   1 
HETATM 1207 O  O   . HOH J 6 .   ? -2.640  8.308   -8.884  1.00 30.12 ? 360 HOH A O   1 
HETATM 1208 O  O   . HOH J 6 .   ? 16.564  -3.629  -2.985  1.00 20.92 ? 361 HOH A O   1 
HETATM 1209 O  O   . HOH J 6 .   ? -2.014  -2.962  -9.404  1.00 10.08 ? 362 HOH A O   1 
HETATM 1210 O  O   . HOH J 6 .   ? 2.225   -15.483 -4.968  1.00 24.98 ? 363 HOH A O   1 
HETATM 1211 O  O   . HOH J 6 .   ? 13.672  -4.491  -0.084  1.00 18.38 ? 364 HOH A O   1 
HETATM 1212 O  O   . HOH J 6 .   ? -5.772  4.205   9.277   1.00 11.49 ? 365 HOH A O   1 
HETATM 1213 O  O   . HOH J 6 .   ? -14.901 -6.331  -0.794  1.00 9.97  ? 366 HOH A O   1 
HETATM 1214 O  O   . HOH J 6 .   ? 20.983  -1.738  -1.022  1.00 16.52 ? 367 HOH A O   1 
HETATM 1215 O  O   . HOH J 6 .   ? 1.535   4.968   12.750  1.00 22.90 ? 368 HOH A O   1 
HETATM 1216 O  O   . HOH J 6 .   ? 9.348   -9.584  9.271   1.00 31.33 ? 369 HOH A O   1 
HETATM 1217 O  O   . HOH J 6 .   ? 19.932  5.106   3.830   1.00 21.19 ? 370 HOH A O   1 
HETATM 1218 O  O   . HOH J 6 .   ? -1.192  14.282  1.959   1.00 15.80 ? 371 HOH A O   1 
HETATM 1219 O  O   . HOH J 6 .   ? -4.284  -14.235 -7.163  1.00 26.76 ? 372 HOH A O   1 
HETATM 1220 O  O   . HOH J 6 .   ? -13.051 6.887   13.493  1.00 26.72 ? 373 HOH A O   1 
HETATM 1221 O  O   . HOH J 6 .   ? 5.027   1.245   -11.703 1.00 39.16 ? 374 HOH A O   1 
HETATM 1222 O  O   . HOH J 6 .   ? 8.946   19.549  -7.188  1.00 21.80 ? 375 HOH A O   1 
HETATM 1223 O  O   . HOH J 6 .   ? -1.092  -14.618 0.116   1.00 14.61 ? 376 HOH A O   1 
HETATM 1224 O  O   . HOH J 6 .   ? 0.300   -3.644  5.476   1.00 13.40 ? 377 HOH A O   1 
HETATM 1225 O  O   . HOH J 6 .   ? -10.843 1.028   -14.938 1.00 21.81 ? 378 HOH A O   1 
HETATM 1226 O  O   . HOH J 6 .   ? -14.521 -1.595  -12.572 1.00 22.84 ? 379 HOH A O   1 
HETATM 1227 O  O   . HOH J 6 .   ? 0.618   -0.617  6.155   1.00 10.50 ? 380 HOH A O   1 
HETATM 1228 O  O   . HOH J 6 .   ? -12.744 -12.485 -5.838  1.00 13.81 ? 381 HOH A O   1 
HETATM 1229 O  O   . HOH J 6 .   ? 2.594   -11.115 -10.898 1.00 17.36 ? 382 HOH A O   1 
HETATM 1230 O  O   . HOH J 6 .   ? -10.403 -15.730 0.726   1.00 15.17 ? 383 HOH A O   1 
HETATM 1231 O  O   . HOH J 6 .   ? 7.928   16.103  2.200   1.00 30.19 ? 384 HOH A O   1 
HETATM 1232 O  O   . HOH J 6 .   ? 6.903   12.497  -3.873  1.00 19.74 ? 385 HOH A O   1 
HETATM 1233 O  O   . HOH J 6 .   ? 0.929   3.466   -7.640  1.00 18.54 ? 386 HOH A O   1 
HETATM 1234 O  O   . HOH J 6 .   ? 2.531   -8.962  1.479   1.00 13.02 ? 387 HOH A O   1 
HETATM 1235 O  O   . HOH J 6 .   ? -10.744 1.674   7.033   1.00 13.18 ? 388 HOH A O   1 
HETATM 1236 O  O   . HOH J 6 .   ? 10.408  -6.575  2.489   1.00 15.09 ? 389 HOH A O   1 
HETATM 1237 O  O   . HOH J 6 .   ? -6.093  8.905   9.035   1.00 10.75 ? 390 HOH A O   1 
HETATM 1238 O  O   . HOH J 6 .   ? 5.645   -5.418  -9.821  1.00 21.10 ? 391 HOH A O   1 
HETATM 1239 O  O   . HOH J 6 .   ? -17.895 -3.096  -5.439  1.00 35.23 ? 392 HOH A O   1 
HETATM 1240 O  O   . HOH J 6 .   ? -4.958  -12.932 4.148   1.00 13.78 ? 393 HOH A O   1 
HETATM 1241 O  O   . HOH J 6 .   ? -6.905  3.787   -7.711  1.00 16.46 ? 394 HOH A O   1 
HETATM 1242 O  O   . HOH J 6 .   ? 12.115  13.732  2.336   1.00 27.55 ? 395 HOH A O   1 
HETATM 1243 O  O   . HOH J 6 .   ? 22.632  7.937   -0.394  1.00 21.20 ? 396 HOH A O   1 
HETATM 1244 O  O   . HOH J 6 .   ? -2.616  -3.750  12.398  1.00 17.90 ? 397 HOH A O   1 
HETATM 1245 O  O   . HOH J 6 .   ? -6.038  -17.099 2.341   1.00 15.93 ? 398 HOH A O   1 
HETATM 1246 O  O   . HOH J 6 .   ? -16.743 4.189   4.144   1.00 23.63 ? 399 HOH A O   1 
HETATM 1247 O  O   . HOH J 6 .   ? -13.660 9.405   8.096   1.00 15.00 ? 400 HOH A O   1 
HETATM 1248 O  O   . HOH J 6 .   ? -3.466  10.864  -6.927  1.00 33.84 ? 401 HOH A O   1 
HETATM 1249 O  O   . HOH J 6 .   ? 14.894  -3.878  8.399   1.00 21.02 ? 402 HOH A O   1 
HETATM 1250 O  O   . HOH J 6 .   ? 5.457   5.918   11.597  1.00 28.75 ? 403 HOH A O   1 
HETATM 1251 O  O   . HOH J 6 .   ? 18.484  1.539   -7.142  1.00 19.47 ? 404 HOH A O   1 
HETATM 1252 O  O   . HOH J 6 .   ? -4.216  -11.805 1.592   1.00 15.68 ? 405 HOH A O   1 
HETATM 1253 O  O   . HOH J 6 .   ? -13.165 -3.551  9.629   1.00 15.82 ? 406 HOH A O   1 
HETATM 1254 O  O   . HOH J 6 .   ? -5.360  -18.003 -5.133  1.00 26.28 ? 407 HOH A O   1 
HETATM 1255 O  O   . HOH J 6 .   ? -11.380 -7.914  -17.564 1.00 27.21 ? 408 HOH A O   1 
HETATM 1256 O  O   . HOH J 6 .   ? 5.503   16.082  3.358   1.00 35.83 ? 409 HOH A O   1 
HETATM 1257 O  O   . HOH J 6 .   ? -5.517  -13.790 -13.853 1.00 15.70 ? 410 HOH A O   1 
HETATM 1258 O  O   . HOH J 6 .   ? 2.646   -13.627 2.731   1.00 12.81 ? 411 HOH A O   1 
HETATM 1259 O  O   . HOH J 6 .   ? -5.647  17.424  -2.287  1.00 34.59 ? 412 HOH A O   1 
HETATM 1260 O  O   . HOH J 6 .   ? -0.650  -16.148 -2.067  1.00 21.95 ? 413 HOH A O   1 
HETATM 1261 O  O   . HOH J 6 .   ? -16.340 1.753   -3.730  1.00 25.96 ? 414 HOH A O   1 
HETATM 1262 O  O   . HOH J 6 .   ? -11.472 9.115   -5.061  1.00 22.14 ? 415 HOH A O   1 
HETATM 1263 O  O   . HOH J 6 .   ? -5.515  -6.231  14.468  1.00 28.99 ? 416 HOH A O   1 
HETATM 1264 O  O   . HOH J 6 .   ? 20.886  7.705   3.651   1.00 25.18 ? 417 HOH A O   1 
HETATM 1265 O  O   . HOH J 6 .   ? -11.042 -10.457 -12.542 1.00 22.04 ? 418 HOH A O   1 
HETATM 1266 O  O   . HOH J 6 .   ? -12.826 -6.226  -6.885  1.00 14.70 ? 419 HOH A O   1 
HETATM 1267 O  O   . HOH J 6 .   ? 2.372   -11.732 0.590   1.00 12.81 ? 420 HOH A O   1 
HETATM 1268 O  O   . HOH J 6 .   ? -15.807 -1.983  10.373  1.00 31.92 ? 421 HOH A O   1 
HETATM 1269 O  O   . HOH J 6 .   ? -2.607  -13.212 -15.104 1.00 14.17 ? 422 HOH A O   1 
HETATM 1270 O  O   . HOH J 6 .   ? 7.243   -17.917 -0.186  1.00 33.18 ? 423 HOH A O   1 
HETATM 1271 O  O   . HOH J 6 .   ? 12.147  13.090  -7.684  1.00 26.87 ? 424 HOH A O   1 
HETATM 1272 O  O   . HOH J 6 .   ? -4.157  12.018  -4.339  1.00 21.98 ? 425 HOH A O   1 
HETATM 1273 O  O   . HOH J 6 .   ? 2.605   -11.163 4.061   1.00 20.67 ? 426 HOH A O   1 
HETATM 1274 O  O   . HOH J 6 .   ? -8.670  13.642  4.782   1.00 13.73 ? 427 HOH A O   1 
HETATM 1275 O  O   . HOH J 6 .   ? 2.185   -3.374  -12.086 1.00 25.95 ? 428 HOH A O   1 
HETATM 1276 O  O   . HOH J 6 .   ? 9.760   -12.743 -5.387  1.00 32.99 ? 429 HOH A O   1 
HETATM 1277 O  O   . HOH J 6 .   ? 12.515  5.534   10.558  1.00 42.43 ? 430 HOH A O   1 
HETATM 1278 O  O   . HOH J 6 .   ? -16.199 -4.847  -2.690  1.00 15.35 ? 431 HOH A O   1 
HETATM 1279 O  O   . HOH J 6 .   ? -7.203  -14.628 -6.310  1.00 19.15 ? 432 HOH A O   1 
HETATM 1280 O  O   . HOH J 6 .   ? -11.152 -7.261  -8.830  1.00 11.65 ? 433 HOH A O   1 
HETATM 1281 O  O   . HOH J 6 .   ? 3.719   1.091   12.275  1.00 25.15 ? 434 HOH A O   1 
HETATM 1282 O  O   . HOH J 6 .   ? 5.501   -20.104 4.280   1.00 16.50 ? 435 HOH A O   1 
HETATM 1283 O  O   . HOH J 6 .   ? -15.538 12.964  5.591   1.00 34.11 ? 436 HOH A O   1 
HETATM 1284 O  O   . HOH J 6 .   ? -0.502  -9.499  -4.522  1.00 15.81 ? 437 HOH A O   1 
HETATM 1285 O  O   . HOH J 6 .   ? -0.523  15.153  9.382   1.00 24.96 ? 438 HOH A O   1 
HETATM 1286 O  O   . HOH J 6 .   ? 10.388  -1.232  11.650  1.00 38.19 ? 439 HOH A O   1 
HETATM 1287 O  O   . HOH J 6 .   ? -2.221  2.947   -9.088  1.00 15.84 ? 440 HOH A O   1 
HETATM 1288 O  O   . HOH J 6 .   ? 17.548  -2.204  -6.839  1.00 21.12 ? 441 HOH A O   1 
HETATM 1289 O  O   . HOH J 6 .   ? -3.912  -15.111 2.624   1.00 13.63 ? 442 HOH A O   1 
HETATM 1290 O  O   . HOH J 6 .   ? 4.451   -13.796 11.276  1.00 25.21 ? 443 HOH A O   1 
HETATM 1291 O  O   . HOH J 6 .   ? -8.023  10.283  -5.513  1.00 31.30 ? 444 HOH A O   1 
HETATM 1292 O  O   . HOH J 6 .   ? 12.313  2.741   10.021  1.00 17.85 ? 445 HOH A O   1 
HETATM 1293 O  O   . HOH J 6 .   ? 11.077  19.690  -3.516  1.00 36.62 ? 446 HOH A O   1 
HETATM 1294 O  O   . HOH J 6 .   ? 3.056   -13.880 -10.427 1.00 22.65 ? 447 HOH A O   1 
HETATM 1295 O  O   . HOH J 6 .   ? 7.047   -0.715  -7.114  1.00 15.46 ? 448 HOH A O   1 
HETATM 1296 O  O   . HOH J 6 .   ? 18.766  6.463   5.905   1.00 28.28 ? 449 HOH A O   1 
HETATM 1297 O  O   . HOH J 6 .   ? 4.574   -19.474 8.719   1.00 42.71 ? 450 HOH A O   1 
HETATM 1298 O  O   . HOH J 6 .   ? -14.658 6.916   -1.051  1.00 22.47 ? 451 HOH A O   1 
HETATM 1299 O  O   . HOH J 6 .   ? 24.675  4.276   -2.687  1.00 27.60 ? 452 HOH A O   1 
HETATM 1300 O  O   . HOH J 6 .   ? 3.910   4.664   -9.370  1.00 22.38 ? 453 HOH A O   1 
HETATM 1301 O  O   . HOH J 6 .   ? -15.072 9.424   10.449  1.00 24.20 ? 454 HOH A O   1 
HETATM 1302 O  O   . HOH J 6 .   ? -3.989  -16.449 -0.460  1.00 22.03 ? 455 HOH A O   1 
HETATM 1303 O  O   . HOH J 6 .   ? -0.022  -12.203 -0.928  1.00 11.58 ? 456 HOH A O   1 
HETATM 1304 O  O   . HOH J 6 .   ? 14.028  11.745  -6.838  0.26 33.11 ? 457 HOH A O   1 
HETATM 1305 O  O   . HOH J 6 .   ? 7.786   18.573  1.335   1.00 37.37 ? 458 HOH A O   1 
HETATM 1306 O  O   . HOH J 6 .   ? 1.735   9.416   12.683  1.00 20.09 ? 459 HOH A O   1 
HETATM 1307 O  O   . HOH J 6 .   ? 7.800   1.805   -8.041  1.00 23.11 ? 460 HOH A O   1 
HETATM 1308 O  O   . HOH J 6 .   ? 5.728   -9.847  -9.778  1.00 28.89 ? 461 HOH A O   1 
HETATM 1309 O  O   . HOH J 6 .   ? -3.973  -1.404  12.278  1.00 26.57 ? 462 HOH A O   1 
HETATM 1310 O  O   . HOH J 6 .   ? 0.773   -2.543  -21.700 1.00 35.63 ? 463 HOH A O   1 
HETATM 1311 O  O   . HOH J 6 .   ? -4.456  4.600   -10.047 1.00 19.56 ? 464 HOH A O   1 
HETATM 1312 O  O   . HOH J 6 .   ? -17.218 7.858   -0.869  1.00 33.60 ? 465 HOH A O   1 
HETATM 1313 O  O   . HOH J 6 .   ? 10.872  0.901   -8.595  1.00 28.66 ? 466 HOH A O   1 
HETATM 1314 O  O   . HOH J 6 .   ? -3.972  -20.650 0.455   1.00 34.71 ? 467 HOH A O   1 
HETATM 1315 O  O   . HOH J 6 .   ? -18.031 -0.580  -2.749  1.00 31.77 ? 468 HOH A O   1 
HETATM 1316 O  O   . HOH J 6 .   ? 7.065   -9.868  -6.647  1.00 32.21 ? 469 HOH A O   1 
HETATM 1317 O  O   . HOH J 6 .   ? 0.008   18.546  3.124   1.00 42.21 ? 470 HOH A O   1 
HETATM 1318 O  O   . HOH J 6 .   ? -11.482 -12.249 -8.161  1.00 24.01 ? 471 HOH A O   1 
HETATM 1319 O  O   . HOH J 6 .   ? 0.137   -12.198 -3.754  1.00 18.46 ? 472 HOH A O   1 
HETATM 1320 O  O   . HOH J 6 .   ? 0.378   -14.767 -10.740 1.00 24.97 ? 473 HOH A O   1 
HETATM 1321 O  O   . HOH J 6 .   ? 7.587   -11.618 8.910   1.00 27.48 ? 474 HOH A O   1 
HETATM 1322 O  O   . HOH J 6 .   ? -8.893  1.508   -16.867 1.00 24.53 ? 475 HOH A O   1 
HETATM 1323 O  O   . HOH J 6 .   ? 2.470   13.916  12.900  1.00 28.87 ? 476 HOH A O   1 
HETATM 1324 O  O   . HOH J 6 .   ? 3.509   -8.896  12.431  1.00 37.16 ? 477 HOH A O   1 
HETATM 1325 O  O   . HOH J 6 .   ? 3.006   7.038   12.353  1.00 23.15 ? 478 HOH A O   1 
HETATM 1326 O  O   . HOH J 6 .   ? -15.173 8.300   6.006   1.00 18.68 ? 479 HOH A O   1 
HETATM 1327 O  O   . HOH J 6 .   ? 11.080  20.395  -5.942  1.00 33.81 ? 480 HOH A O   1 
HETATM 1328 O  O   . HOH J 6 .   ? -3.994  -2.471  -23.744 1.00 31.43 ? 481 HOH A O   1 
HETATM 1329 O  O   . HOH J 6 .   ? -16.886 6.391   6.759   1.00 36.05 ? 482 HOH A O   1 
HETATM 1330 O  O   . HOH J 6 .   ? 3.390   11.280  13.115  1.00 23.70 ? 483 HOH A O   1 
HETATM 1331 O  O   . HOH J 6 .   ? -1.689  -1.682  -23.477 1.00 46.89 ? 484 HOH A O   1 
HETATM 1332 O  O   . HOH J 6 .   ? -12.211 -8.883  -10.712 1.00 22.23 ? 485 HOH A O   1 
HETATM 1333 O  O   . HOH J 6 .   ? 5.816   -16.310 10.590  1.00 33.13 ? 486 HOH A O   1 
HETATM 1334 O  O   . HOH J 6 .   ? 12.694  2.784   -9.110  1.00 36.09 ? 487 HOH A O   1 
HETATM 1335 O  O   . HOH J 6 .   ? 13.837  -5.278  -6.069  1.00 42.64 ? 488 HOH A O   1 
HETATM 1336 O  O   . HOH J 6 .   ? 6.215   -7.535  -8.602  1.00 34.22 ? 489 HOH A O   1 
HETATM 1337 O  O   . HOH J 6 .   ? 3.024   -6.787  13.795  1.00 33.83 ? 490 HOH A O   1 
HETATM 1338 O  O   . HOH J 6 .   ? -3.116  -19.062 16.411  1.00 35.37 ? 491 HOH A O   1 
HETATM 1339 O  O   . HOH J 6 .   ? 4.869   3.368   12.469  1.00 40.27 ? 492 HOH A O   1 
HETATM 1340 O  O   . HOH J 6 .   ? -5.745  18.710  -4.690  1.00 28.97 ? 493 HOH A O   1 
HETATM 1341 O  O   . HOH J 6 .   ? -10.330 -18.071 -5.855  1.00 46.29 ? 494 HOH A O   1 
HETATM 1342 O  O   . HOH J 6 .   ? 7.682   6.653   12.713  1.00 34.94 ? 495 HOH A O   1 
HETATM 1343 O  O   . HOH J 6 .   ? 8.569   13.561  9.932   1.00 46.47 ? 496 HOH A O   1 
HETATM 1344 O  O   . HOH J 6 .   ? 12.897  18.889  -8.778  1.00 51.66 ? 497 HOH A O   1 
HETATM 1345 O  O   . HOH J 6 .   ? 10.035  11.397  -7.515  1.00 25.20 ? 498 HOH A O   1 
HETATM 1346 O  O   . HOH J 6 .   ? -1.994  -15.452 -6.363  1.00 31.18 ? 499 HOH A O   1 
HETATM 1347 O  O   . HOH J 6 .   ? -5.795  2.511   11.338  1.00 22.88 ? 500 HOH A O   1 
HETATM 1348 O  O   . HOH J 6 .   ? -0.282  -14.677 -4.379  1.00 22.36 ? 501 HOH A O   1 
HETATM 1349 O  O   . HOH J 6 .   ? 13.105  -3.465  -8.624  1.00 52.94 ? 502 HOH A O   1 
HETATM 1350 O  O   . HOH J 6 .   ? -16.775 10.346  5.272   1.00 33.98 ? 503 HOH A O   1 
HETATM 1351 O  O   . HOH J 6 .   ? -7.887  -15.148 1.971   1.00 14.76 ? 504 HOH A O   1 
HETATM 1352 O  O   . HOH J 6 .   ? -2.439  -17.873 -2.303  1.00 32.82 ? 505 HOH A O   1 
HETATM 1353 O  O   . HOH J 6 .   ? -4.906  14.728  -8.091  1.00 19.35 ? 506 HOH A O   1 
HETATM 1354 O  O   . HOH J 6 .   ? -7.542  -14.101 4.591   1.00 12.94 ? 507 HOH A O   1 
HETATM 1355 O  O   . HOH J 6 .   ? -8.966  1.655   11.850  1.00 24.69 ? 508 HOH A O   1 
HETATM 1356 O  O   . HOH J 6 .   ? -6.369  -0.338  -21.067 1.00 39.79 ? 509 HOH A O   1 
HETATM 1357 O  O   . HOH J 6 .   ? -14.699 -8.308  -12.044 1.00 29.87 ? 510 HOH A O   1 
HETATM 1358 O  O   . HOH J 6 .   ? 9.338   -11.162 -11.391 1.00 39.80 ? 511 HOH A O   1 
HETATM 1359 O  O   . HOH J 6 .   ? 6.284   12.267  -9.041  0.50 28.60 ? 512 HOH A O   1 
HETATM 1360 O  O   . HOH J 6 .   ? 0.986   -21.904 0.614   1.00 40.01 ? 513 HOH A O   1 
HETATM 1361 O  O   . HOH J 6 .   ? 8.559   -2.363  -8.628  1.00 23.74 ? 514 HOH A O   1 
HETATM 1362 O  O   . HOH J 6 .   ? -7.598  -4.132  -21.301 1.00 26.94 ? 515 HOH A O   1 
HETATM 1363 O  O   . HOH J 6 .   ? -2.903  -17.881 -5.144  1.00 30.06 ? 516 HOH A O   1 
HETATM 1364 O  O   . HOH J 6 .   ? -16.487 -4.725  -9.669  1.00 28.16 ? 517 HOH A O   1 
HETATM 1365 O  O   . HOH J 6 .   ? 3.261   -21.796 4.002   1.00 27.55 ? 518 HOH A O   1 
HETATM 1366 O  O   . HOH J 6 .   ? -15.192 16.341  -1.117  1.00 44.20 ? 519 HOH A O   1 
HETATM 1367 O  O   . HOH J 6 .   ? -2.188  -20.261 -1.126  1.00 29.10 ? 520 HOH A O   1 
HETATM 1368 O  O   . HOH J 6 .   ? 24.383  6.797   -1.591  1.00 30.15 ? 521 HOH A O   1 
HETATM 1369 O  O   . HOH J 6 .   ? 7.783   12.756  12.631  1.00 33.28 ? 522 HOH A O   1 
HETATM 1370 O  O   . HOH J 6 .   ? 13.830  12.710  4.204   1.00 34.98 ? 523 HOH A O   1 
HETATM 1371 O  O   . HOH J 6 .   ? 8.210   -4.930  -9.850  1.00 29.96 ? 524 HOH A O   1 
HETATM 1372 O  O   . HOH J 6 .   ? 9.148   25.182  -5.508  1.00 47.12 ? 525 HOH A O   1 
HETATM 1373 O  O   . HOH J 6 .   ? 5.903   10.974  13.854  1.00 29.54 ? 526 HOH A O   1 
HETATM 1374 O  O   . HOH J 6 .   ? -16.360 -3.195  -11.517 1.00 33.36 ? 527 HOH A O   1 
HETATM 1375 O  O   . HOH J 6 .   ? -15.551 -4.400  -13.476 1.00 35.48 ? 528 HOH A O   1 
HETATM 1376 O  O   . HOH J 6 .   ? 0.440   -12.511 15.881  1.00 48.82 ? 529 HOH A O   1 
HETATM 1377 O  O   . HOH J 6 .   ? 2.380   -11.135 14.697  1.00 47.52 ? 530 HOH A O   1 
HETATM 1378 O  O   . HOH J 6 .   ? 8.795   -7.454  -9.175  1.00 30.38 ? 531 HOH A O   1 
HETATM 1379 O  O   . HOH J 6 .   ? 0.493   -10.324 18.182  1.00 41.12 ? 532 HOH A O   1 
# 
